data_414D
# 
_entry.id   414D 
# 
_audit_conform.dict_name       mmcif_pdbx.dic 
_audit_conform.dict_version    5.387 
_audit_conform.dict_location   http://mmcif.pdb.org/dictionaries/ascii/mmcif_pdbx.dic 
# 
loop_
_database_2.database_id 
_database_2.database_code 
_database_2.pdbx_database_accession 
_database_2.pdbx_DOI 
PDB   414D         pdb_0000414d 10.2210/pdb414d/pdb 
RCSB  AD0002       ?            ?                   
WWPDB D_1000179214 ?            ?                   
# 
loop_
_pdbx_audit_revision_history.ordinal 
_pdbx_audit_revision_history.data_content_type 
_pdbx_audit_revision_history.major_revision 
_pdbx_audit_revision_history.minor_revision 
_pdbx_audit_revision_history.revision_date 
1 'Structure model' 1 0 1999-06-14 
2 'Structure model' 1 1 2008-05-22 
3 'Structure model' 1 2 2011-07-13 
4 'Structure model' 1 3 2024-02-28 
# 
_pdbx_audit_revision_details.ordinal             1 
_pdbx_audit_revision_details.revision_ordinal    1 
_pdbx_audit_revision_details.data_content_type   'Structure model' 
_pdbx_audit_revision_details.provider            repository 
_pdbx_audit_revision_details.type                'Initial release' 
_pdbx_audit_revision_details.description         ? 
_pdbx_audit_revision_details.details             ? 
# 
loop_
_pdbx_audit_revision_group.ordinal 
_pdbx_audit_revision_group.revision_ordinal 
_pdbx_audit_revision_group.data_content_type 
_pdbx_audit_revision_group.group 
1 2 'Structure model' 'Version format compliance' 
2 3 'Structure model' 'Version format compliance' 
3 4 'Structure model' 'Data collection'           
4 4 'Structure model' 'Database references'       
# 
loop_
_pdbx_audit_revision_category.ordinal 
_pdbx_audit_revision_category.revision_ordinal 
_pdbx_audit_revision_category.data_content_type 
_pdbx_audit_revision_category.category 
1 4 'Structure model' chem_comp_atom 
2 4 'Structure model' chem_comp_bond 
3 4 'Structure model' database_2     
# 
loop_
_pdbx_audit_revision_item.ordinal 
_pdbx_audit_revision_item.revision_ordinal 
_pdbx_audit_revision_item.data_content_type 
_pdbx_audit_revision_item.item 
1 4 'Structure model' '_database_2.pdbx_DOI'                
2 4 'Structure model' '_database_2.pdbx_database_accession' 
# 
_pdbx_database_status.status_code                     REL 
_pdbx_database_status.entry_id                        414D 
_pdbx_database_status.recvd_initial_deposition_date   1998-07-13 
_pdbx_database_status.deposit_site                    NDB 
_pdbx_database_status.process_site                    NDB 
_pdbx_database_status.SG_entry                        . 
_pdbx_database_status.pdb_format_compatible           Y 
_pdbx_database_status.status_code_mr                  ? 
_pdbx_database_status.status_code_sf                  ? 
_pdbx_database_status.status_code_cs                  ? 
_pdbx_database_status.status_code_nmr_data            ? 
_pdbx_database_status.methods_development_category    ? 
# 
loop_
_audit_author.name 
_audit_author.pdbx_ordinal 
'Savitha, G.'      1 
'Viswamitra, M.A.' 2 
# 
_citation.id                        primary 
_citation.title                     'An A-DNA structure with two independent duplexes in the asymmetric unit.' 
_citation.journal_abbrev            'Acta Crystallogr.,Sect.D' 
_citation.journal_volume            55 
_citation.page_first                1136 
_citation.page_last                 1143 
_citation.year                      1999 
_citation.journal_id_ASTM           ABCRE6 
_citation.country                   DK 
_citation.journal_id_ISSN           0907-4449 
_citation.journal_id_CSD            0766 
_citation.book_publisher            ? 
_citation.pdbx_database_id_PubMed   10329775 
_citation.pdbx_database_id_DOI      10.1107/S0907444999003182 
# 
loop_
_citation_author.citation_id 
_citation_author.name 
_citation_author.ordinal 
_citation_author.identifier_ORCID 
primary 'Savitha, G.'      1 ? 
primary 'Viswamitra, M.A.' 2 ? 
# 
loop_
_entity.id 
_entity.type 
_entity.src_method 
_entity.pdbx_description 
_entity.formula_weight 
_entity.pdbx_number_of_molecules 
_entity.pdbx_ec 
_entity.pdbx_mutation 
_entity.pdbx_fragment 
_entity.details 
1 polymer syn 
;DNA (5'-D(*GP*GP*GP*GP*CP*GP*CP*CP*CP*C)-3')
;
3046.980 4   ? ? ? ? 
2 water   nat water                                          18.015   116 ? ? ? ? 
# 
_entity_poly.entity_id                      1 
_entity_poly.type                           polydeoxyribonucleotide 
_entity_poly.nstd_linkage                   no 
_entity_poly.nstd_monomer                   no 
_entity_poly.pdbx_seq_one_letter_code       '(DG)(DG)(DG)(DG)(DC)(DG)(DC)(DC)(DC)(DC)' 
_entity_poly.pdbx_seq_one_letter_code_can   GGGGCGCCCC 
_entity_poly.pdbx_strand_id                 A,B,C,D 
_entity_poly.pdbx_target_identifier         ? 
# 
_pdbx_entity_nonpoly.entity_id   2 
_pdbx_entity_nonpoly.name        water 
_pdbx_entity_nonpoly.comp_id     HOH 
# 
loop_
_entity_poly_seq.entity_id 
_entity_poly_seq.num 
_entity_poly_seq.mon_id 
_entity_poly_seq.hetero 
1 1  DG n 
1 2  DG n 
1 3  DG n 
1 4  DG n 
1 5  DC n 
1 6  DG n 
1 7  DC n 
1 8  DC n 
1 9  DC n 
1 10 DC n 
# 
loop_
_chem_comp.id 
_chem_comp.type 
_chem_comp.mon_nstd_flag 
_chem_comp.name 
_chem_comp.pdbx_synonyms 
_chem_comp.formula 
_chem_comp.formula_weight 
DC  'DNA linking' y "2'-DEOXYCYTIDINE-5'-MONOPHOSPHATE"  ? 'C9 H14 N3 O7 P'  307.197 
DG  'DNA linking' y "2'-DEOXYGUANOSINE-5'-MONOPHOSPHATE" ? 'C10 H14 N5 O7 P' 347.221 
HOH non-polymer   . WATER                                ? 'H2 O'            18.015  
# 
loop_
_pdbx_poly_seq_scheme.asym_id 
_pdbx_poly_seq_scheme.entity_id 
_pdbx_poly_seq_scheme.seq_id 
_pdbx_poly_seq_scheme.mon_id 
_pdbx_poly_seq_scheme.ndb_seq_num 
_pdbx_poly_seq_scheme.pdb_seq_num 
_pdbx_poly_seq_scheme.auth_seq_num 
_pdbx_poly_seq_scheme.pdb_mon_id 
_pdbx_poly_seq_scheme.auth_mon_id 
_pdbx_poly_seq_scheme.pdb_strand_id 
_pdbx_poly_seq_scheme.pdb_ins_code 
_pdbx_poly_seq_scheme.hetero 
A 1 1  DG 1  1  1  DG G A . n 
A 1 2  DG 2  2  2  DG G A . n 
A 1 3  DG 3  3  3  DG G A . n 
A 1 4  DG 4  4  4  DG G A . n 
A 1 5  DC 5  5  5  DC C A . n 
A 1 6  DG 6  6  6  DG G A . n 
A 1 7  DC 7  7  7  DC C A . n 
A 1 8  DC 8  8  8  DC C A . n 
A 1 9  DC 9  9  9  DC C A . n 
A 1 10 DC 10 10 10 DC C A . n 
B 1 1  DG 1  11 11 DG G B . n 
B 1 2  DG 2  12 12 DG G B . n 
B 1 3  DG 3  13 13 DG G B . n 
B 1 4  DG 4  14 14 DG G B . n 
B 1 5  DC 5  15 15 DC C B . n 
B 1 6  DG 6  16 16 DG G B . n 
B 1 7  DC 7  17 17 DC C B . n 
B 1 8  DC 8  18 18 DC C B . n 
B 1 9  DC 9  19 19 DC C B . n 
B 1 10 DC 10 20 20 DC C B . n 
C 1 1  DG 1  21 21 DG G C . n 
C 1 2  DG 2  22 22 DG G C . n 
C 1 3  DG 3  23 23 DG G C . n 
C 1 4  DG 4  24 24 DG G C . n 
C 1 5  DC 5  25 25 DC C C . n 
C 1 6  DG 6  26 26 DG G C . n 
C 1 7  DC 7  27 27 DC C C . n 
C 1 8  DC 8  28 28 DC C C . n 
C 1 9  DC 9  29 29 DC C C . n 
C 1 10 DC 10 30 30 DC C C . n 
D 1 1  DG 1  31 31 DG G D . n 
D 1 2  DG 2  32 32 DG G D . n 
D 1 3  DG 3  33 33 DG G D . n 
D 1 4  DG 4  34 34 DG G D . n 
D 1 5  DC 5  35 35 DC C D . n 
D 1 6  DG 6  36 36 DG G D . n 
D 1 7  DC 7  37 37 DC C D . n 
D 1 8  DC 8  38 38 DC C D . n 
D 1 9  DC 9  39 39 DC C D . n 
D 1 10 DC 10 40 40 DC C D . n 
# 
loop_
_pdbx_nonpoly_scheme.asym_id 
_pdbx_nonpoly_scheme.entity_id 
_pdbx_nonpoly_scheme.mon_id 
_pdbx_nonpoly_scheme.ndb_seq_num 
_pdbx_nonpoly_scheme.pdb_seq_num 
_pdbx_nonpoly_scheme.auth_seq_num 
_pdbx_nonpoly_scheme.pdb_mon_id 
_pdbx_nonpoly_scheme.auth_mon_id 
_pdbx_nonpoly_scheme.pdb_strand_id 
_pdbx_nonpoly_scheme.pdb_ins_code 
E 2 HOH 1  41  41  HOH HOH A . 
E 2 HOH 2  50  50  HOH HOH A . 
E 2 HOH 3  51  51  HOH HOH A . 
E 2 HOH 4  65  65  HOH HOH A . 
E 2 HOH 5  67  67  HOH HOH A . 
E 2 HOH 6  77  77  HOH HOH A . 
E 2 HOH 7  80  80  HOH HOH A . 
E 2 HOH 8  81  81  HOH HOH A . 
E 2 HOH 9  97  97  HOH HOH A . 
E 2 HOH 10 98  98  HOH HOH A . 
E 2 HOH 11 101 101 HOH HOH A . 
E 2 HOH 12 109 109 HOH HOH A . 
E 2 HOH 13 110 110 HOH HOH A . 
E 2 HOH 14 115 115 HOH HOH A . 
E 2 HOH 15 116 116 HOH HOH A . 
E 2 HOH 16 121 121 HOH HOH A . 
E 2 HOH 17 126 126 HOH HOH A . 
E 2 HOH 18 127 127 HOH HOH A . 
E 2 HOH 19 128 128 HOH HOH A . 
E 2 HOH 20 129 129 HOH HOH A . 
E 2 HOH 21 131 131 HOH HOH A . 
E 2 HOH 22 132 132 HOH HOH A . 
E 2 HOH 23 136 136 HOH HOH A . 
E 2 HOH 24 144 144 HOH HOH A . 
E 2 HOH 25 145 145 HOH HOH A . 
E 2 HOH 26 155 155 HOH HOH A . 
F 2 HOH 1  46  46  HOH HOH B . 
F 2 HOH 2  48  48  HOH HOH B . 
F 2 HOH 3  49  49  HOH HOH B . 
F 2 HOH 4  52  52  HOH HOH B . 
F 2 HOH 5  53  53  HOH HOH B . 
F 2 HOH 6  54  54  HOH HOH B . 
F 2 HOH 7  66  66  HOH HOH B . 
F 2 HOH 8  68  68  HOH HOH B . 
F 2 HOH 9  69  69  HOH HOH B . 
F 2 HOH 10 70  70  HOH HOH B . 
F 2 HOH 11 71  71  HOH HOH B . 
F 2 HOH 12 76  76  HOH HOH B . 
F 2 HOH 13 79  79  HOH HOH B . 
F 2 HOH 14 82  82  HOH HOH B . 
F 2 HOH 15 84  84  HOH HOH B . 
F 2 HOH 16 89  89  HOH HOH B . 
F 2 HOH 17 91  91  HOH HOH B . 
F 2 HOH 18 94  94  HOH HOH B . 
F 2 HOH 19 96  96  HOH HOH B . 
F 2 HOH 20 99  99  HOH HOH B . 
F 2 HOH 21 108 108 HOH HOH B . 
F 2 HOH 22 113 113 HOH HOH B . 
F 2 HOH 23 114 114 HOH HOH B . 
F 2 HOH 24 117 117 HOH HOH B . 
F 2 HOH 25 119 119 HOH HOH B . 
F 2 HOH 26 120 120 HOH HOH B . 
F 2 HOH 27 124 124 HOH HOH B . 
F 2 HOH 28 125 125 HOH HOH B . 
F 2 HOH 29 133 133 HOH HOH B . 
F 2 HOH 30 134 134 HOH HOH B . 
F 2 HOH 31 141 141 HOH HOH B . 
F 2 HOH 32 143 143 HOH HOH B . 
F 2 HOH 33 152 152 HOH HOH B . 
G 2 HOH 1  43  43  HOH HOH C . 
G 2 HOH 2  47  47  HOH HOH C . 
G 2 HOH 3  56  56  HOH HOH C . 
G 2 HOH 4  57  57  HOH HOH C . 
G 2 HOH 5  59  59  HOH HOH C . 
G 2 HOH 6  60  60  HOH HOH C . 
G 2 HOH 7  64  64  HOH HOH C . 
G 2 HOH 8  73  73  HOH HOH C . 
G 2 HOH 9  83  83  HOH HOH C . 
G 2 HOH 10 85  85  HOH HOH C . 
G 2 HOH 11 92  92  HOH HOH C . 
G 2 HOH 12 93  93  HOH HOH C . 
G 2 HOH 13 100 100 HOH HOH C . 
G 2 HOH 14 102 102 HOH HOH C . 
G 2 HOH 15 112 112 HOH HOH C . 
G 2 HOH 16 118 118 HOH HOH C . 
G 2 HOH 17 122 122 HOH HOH C . 
G 2 HOH 18 123 123 HOH HOH C . 
G 2 HOH 19 130 130 HOH HOH C . 
G 2 HOH 20 137 137 HOH HOH C . 
G 2 HOH 21 138 138 HOH HOH C . 
G 2 HOH 22 150 150 HOH HOH C . 
G 2 HOH 23 151 151 HOH HOH C . 
G 2 HOH 24 156 156 HOH HOH C . 
H 2 HOH 1  42  42  HOH HOH D . 
H 2 HOH 2  44  44  HOH HOH D . 
H 2 HOH 3  45  45  HOH HOH D . 
H 2 HOH 4  55  55  HOH HOH D . 
H 2 HOH 5  58  58  HOH HOH D . 
H 2 HOH 6  61  61  HOH HOH D . 
H 2 HOH 7  62  62  HOH HOH D . 
H 2 HOH 8  63  63  HOH HOH D . 
H 2 HOH 9  72  72  HOH HOH D . 
H 2 HOH 10 74  74  HOH HOH D . 
H 2 HOH 11 75  75  HOH HOH D . 
H 2 HOH 12 78  78  HOH HOH D . 
H 2 HOH 13 86  86  HOH HOH D . 
H 2 HOH 14 87  87  HOH HOH D . 
H 2 HOH 15 88  88  HOH HOH D . 
H 2 HOH 16 90  90  HOH HOH D . 
H 2 HOH 17 95  95  HOH HOH D . 
H 2 HOH 18 103 103 HOH HOH D . 
H 2 HOH 19 104 104 HOH HOH D . 
H 2 HOH 20 105 105 HOH HOH D . 
H 2 HOH 21 106 106 HOH HOH D . 
H 2 HOH 22 107 107 HOH HOH D . 
H 2 HOH 23 111 111 HOH HOH D . 
H 2 HOH 24 135 135 HOH HOH D . 
H 2 HOH 25 139 139 HOH HOH D . 
H 2 HOH 26 140 140 HOH HOH D . 
H 2 HOH 27 142 142 HOH HOH D . 
H 2 HOH 28 146 146 HOH HOH D . 
H 2 HOH 29 147 147 HOH HOH D . 
H 2 HOH 30 148 148 HOH HOH D . 
H 2 HOH 31 149 149 HOH HOH D . 
H 2 HOH 32 153 153 HOH HOH D . 
H 2 HOH 33 154 154 HOH HOH D . 
# 
loop_
_software.name 
_software.classification 
_software.version 
_software.citation_id 
_software.pdbx_ordinal 
X-PLOR refinement       3.851 ? 1 
MAR    'data reduction' .     ? 2 
XDS    'data scaling'   .     ? 3 
# 
_cell.entry_id           414D 
_cell.length_a           45.504 
_cell.length_b           46.084 
_cell.length_c           28.465 
_cell.angle_alpha        90.00 
_cell.angle_beta         100.74 
_cell.angle_gamma        90.00 
_cell.Z_PDB              8 
_cell.pdbx_unique_axis   ? 
# 
_symmetry.entry_id                         414D 
_symmetry.space_group_name_H-M             'P 1 21 1' 
_symmetry.pdbx_full_space_group_name_H-M   ? 
_symmetry.cell_setting                     monoclinic 
_symmetry.Int_Tables_number                4 
# 
_exptl.entry_id          414D 
_exptl.method            'X-RAY DIFFRACTION' 
_exptl.crystals_number   1 
# 
_exptl_crystal.id                    1 
_exptl_crystal.density_meas          ? 
_exptl_crystal.density_Matthews      2.29 
_exptl_crystal.density_percent_sol   50.0000 
_exptl_crystal.description           ? 
# 
_exptl_crystal_grow.crystal_id      1 
_exptl_crystal_grow.method          'VAPOR DIFFUSION, HANGING DROP' 
_exptl_crystal_grow.temp            293.00 
_exptl_crystal_grow.temp_details    ? 
_exptl_crystal_grow.pH              6.50 
_exptl_crystal_grow.pdbx_details    'pH 6.50, VAPOR DIFFUSION, HANGING DROP, temperature 293.00K' 
_exptl_crystal_grow.pdbx_pH_range   ? 
# 
loop_
_exptl_crystal_grow_comp.crystal_id 
_exptl_crystal_grow_comp.id 
_exptl_crystal_grow_comp.sol_id 
_exptl_crystal_grow_comp.name 
_exptl_crystal_grow_comp.volume 
_exptl_crystal_grow_comp.conc 
_exptl_crystal_grow_comp.details 
1 1 1 'SODIUM CACODYLATE' ? ? ? 
1 2 1 MGCL2               ? ? ? 
1 3 1 SPERMINE            ? ? ? 
1 4 1 MPD                 ? ? ? 
1 5 2 MPD                 ? ? ? 
# 
loop_
_diffrn.id 
_diffrn.ambient_temp 
_diffrn.ambient_temp_details 
_diffrn.crystal_id 
1 291.00 ? 1 
2 ?      ? 1 
3 ?      ? 1 
4 ?      ? 1 
# 
loop_
_diffrn_detector.diffrn_id 
_diffrn_detector.detector 
_diffrn_detector.type 
_diffrn_detector.pdbx_collection_date 
_diffrn_detector.details 
1 'IMAGE PLATE' MARRESEARCH 1996-12-15 ? 
2 ?             ?           ?          ? 
3 ?             ?           ?          ? 
4 ?             ?           ?          ? 
# 
loop_
_diffrn_radiation.diffrn_id 
_diffrn_radiation.wavelength_id 
_diffrn_radiation.pdbx_monochromatic_or_laue_m_l 
_diffrn_radiation.monochromator 
_diffrn_radiation.pdbx_diffrn_protocol 
_diffrn_radiation.pdbx_scattering_type 
1 1 M ? 'SINGLE WAVELENGTH' x-ray 
2 2 M ? 'SINGLE WAVELENGTH' x-ray 
3 3 M ? 'SINGLE WAVELENGTH' x-ray 
4 4 M ? 'SINGLE WAVELENGTH' x-ray 
# 
loop_
_diffrn_radiation_wavelength.id 
_diffrn_radiation_wavelength.wavelength 
_diffrn_radiation_wavelength.wt 
1 . 1.0 
2 . 1.0 
3 . 1.0 
4 . 1.0 
# 
loop_
_diffrn_source.diffrn_id 
_diffrn_source.source 
_diffrn_source.type 
_diffrn_source.pdbx_synchrotron_site 
_diffrn_source.pdbx_synchrotron_beamline 
_diffrn_source.pdbx_wavelength 
_diffrn_source.pdbx_wavelength_list 
1 'ROTATING ANODE' RIGAKU ? ? ? ? 
2 ?                ?      ? ? ? ? 
3 ?                ?      ? ? ? ? 
4 ?                ?      ? ? ? ? 
# 
_reflns.entry_id                     414D 
_reflns.observed_criterion_sigma_I   0.000 
_reflns.observed_criterion_sigma_F   0.000 
_reflns.d_resolution_low             10.000 
_reflns.d_resolution_high            1.800 
_reflns.number_obs                   10033 
_reflns.number_all                   10033 
_reflns.percent_possible_obs         92.400 
_reflns.pdbx_Rmerge_I_obs            0.0620000 
_reflns.pdbx_Rsym_value              ? 
_reflns.pdbx_netI_over_sigmaI        ? 
_reflns.B_iso_Wilson_estimate        ? 
_reflns.pdbx_redundancy              4.100 
_reflns.R_free_details               ? 
_reflns.pdbx_diffrn_id               1,2,3,4 
_reflns.pdbx_ordinal                 1 
# 
_refine.entry_id                                 414D 
_refine.ls_number_reflns_obs                     3583 
_refine.ls_number_reflns_all                     ? 
_refine.pdbx_ls_sigma_I                          ? 
_refine.pdbx_ls_sigma_F                          1.000 
_refine.pdbx_data_cutoff_high_absF               ? 
_refine.pdbx_data_cutoff_low_absF                ? 
_refine.ls_d_res_low                             8.000 
_refine.ls_d_res_high                            1.900 
_refine.ls_percent_reflns_obs                    94.000 
_refine.ls_R_factor_obs                          ? 
_refine.ls_R_factor_all                          ? 
_refine.ls_R_factor_R_work                       ? 
_refine.ls_R_factor_R_free                       ? 
_refine.ls_R_factor_R_free_error                 ? 
_refine.ls_R_factor_R_free_error_details         ? 
_refine.ls_percent_reflns_R_free                 ? 
_refine.ls_number_reflns_R_free                  ? 
_refine.ls_number_parameters                     ? 
_refine.ls_number_restraints                     ? 
_refine.occupancy_min                            ? 
_refine.occupancy_max                            ? 
_refine.B_iso_mean                               ? 
_refine.aniso_B[1][1]                            ? 
_refine.aniso_B[2][2]                            ? 
_refine.aniso_B[3][3]                            ? 
_refine.aniso_B[1][2]                            ? 
_refine.aniso_B[1][3]                            ? 
_refine.aniso_B[2][3]                            ? 
_refine.solvent_model_details                    ? 
_refine.solvent_model_param_ksol                 ? 
_refine.solvent_model_param_bsol                 ? 
_refine.pdbx_ls_cross_valid_method               ? 
_refine.details                                  ? 
_refine.pdbx_starting_model                      ? 
_refine.pdbx_method_to_determine_struct          ? 
_refine.pdbx_isotropic_thermal_model             ? 
_refine.pdbx_stereochemistry_target_values       ? 
_refine.pdbx_stereochem_target_val_spec_case     ? 
_refine.pdbx_R_Free_selection_details            ? 
_refine.ls_redundancy_reflns_obs                 ? 
_refine.overall_SU_B                             ? 
_refine.overall_SU_ML                            ? 
_refine.pdbx_overall_ESU_R                       ? 
_refine.pdbx_overall_ESU_R_Free                  ? 
_refine.pdbx_data_cutoff_high_rms_absF           ? 
_refine.pdbx_refine_id                           'X-RAY DIFFRACTION' 
_refine.pdbx_diffrn_id                           1 
_refine.pdbx_TLS_residual_ADP_flag               ? 
_refine.correlation_coeff_Fo_to_Fc               ? 
_refine.correlation_coeff_Fo_to_Fc_free          ? 
_refine.pdbx_solvent_vdw_probe_radii             ? 
_refine.pdbx_solvent_ion_probe_radii             ? 
_refine.pdbx_solvent_shrinkage_radii             ? 
_refine.pdbx_overall_phase_error                 ? 
_refine.overall_SU_R_Cruickshank_DPI             ? 
_refine.pdbx_overall_SU_R_free_Cruickshank_DPI   ? 
_refine.pdbx_overall_SU_R_Blow_DPI               ? 
_refine.pdbx_overall_SU_R_free_Blow_DPI          ? 
# 
_refine_hist.pdbx_refine_id                   'X-RAY DIFFRACTION' 
_refine_hist.cycle_id                         LAST 
_refine_hist.pdbx_number_atoms_protein        0 
_refine_hist.pdbx_number_atoms_nucleic_acid   808 
_refine_hist.pdbx_number_atoms_ligand         0 
_refine_hist.number_atoms_solvent             116 
_refine_hist.number_atoms_total               924 
_refine_hist.d_res_high                       1.900 
_refine_hist.d_res_low                        8.000 
# 
loop_
_refine_ls_restr.type 
_refine_ls_restr.dev_ideal 
_refine_ls_restr.dev_ideal_target 
_refine_ls_restr.weight 
_refine_ls_restr.number 
_refine_ls_restr.pdbx_refine_id 
_refine_ls_restr.pdbx_restraint_function 
x_bond_d                0.005 ? ? ? 'X-RAY DIFFRACTION' ? 
x_bond_d_na             ?     ? ? ? 'X-RAY DIFFRACTION' ? 
x_bond_d_prot           ?     ? ? ? 'X-RAY DIFFRACTION' ? 
x_angle_d               ?     ? ? ? 'X-RAY DIFFRACTION' ? 
x_angle_d_na            ?     ? ? ? 'X-RAY DIFFRACTION' ? 
x_angle_d_prot          ?     ? ? ? 'X-RAY DIFFRACTION' ? 
x_angle_deg             1.56  ? ? ? 'X-RAY DIFFRACTION' ? 
x_angle_deg_na          ?     ? ? ? 'X-RAY DIFFRACTION' ? 
x_angle_deg_prot        ?     ? ? ? 'X-RAY DIFFRACTION' ? 
x_dihedral_angle_d      ?     ? ? ? 'X-RAY DIFFRACTION' ? 
x_dihedral_angle_d_na   ?     ? ? ? 'X-RAY DIFFRACTION' ? 
x_dihedral_angle_d_prot ?     ? ? ? 'X-RAY DIFFRACTION' ? 
x_improper_angle_d      ?     ? ? ? 'X-RAY DIFFRACTION' ? 
x_improper_angle_d_na   ?     ? ? ? 'X-RAY DIFFRACTION' ? 
x_improper_angle_d_prot ?     ? ? ? 'X-RAY DIFFRACTION' ? 
x_mcbond_it             ?     ? ? ? 'X-RAY DIFFRACTION' ? 
x_mcangle_it            ?     ? ? ? 'X-RAY DIFFRACTION' ? 
x_scbond_it             ?     ? ? ? 'X-RAY DIFFRACTION' ? 
x_scangle_it            ?     ? ? ? 'X-RAY DIFFRACTION' ? 
# 
_struct.entry_id                  414D 
_struct.title                     "5'-D(*GP*GP*GP*GP*CP*GP*CP*CP*CP*C)-3'" 
_struct.pdbx_model_details        ? 
_struct.pdbx_CASP_flag            ? 
_struct.pdbx_model_type_details   ? 
# 
_struct_keywords.entry_id        414D 
_struct_keywords.pdbx_keywords   DNA 
_struct_keywords.text            'A-DNA, DOUBLE HELIX, DNA' 
# 
loop_
_struct_asym.id 
_struct_asym.pdbx_blank_PDB_chainid_flag 
_struct_asym.pdbx_modified 
_struct_asym.entity_id 
_struct_asym.details 
A N N 1 ? 
B N N 1 ? 
C N N 1 ? 
D N N 1 ? 
E N N 2 ? 
F N N 2 ? 
G N N 2 ? 
H N N 2 ? 
# 
_struct_ref.id                         1 
_struct_ref.entity_id                  1 
_struct_ref.db_name                    PDB 
_struct_ref.db_code                    414D 
_struct_ref.pdbx_db_accession          414D 
_struct_ref.pdbx_db_isoform            ? 
_struct_ref.pdbx_seq_one_letter_code   ? 
_struct_ref.pdbx_align_begin           ? 
# 
loop_
_struct_ref_seq.align_id 
_struct_ref_seq.ref_id 
_struct_ref_seq.pdbx_PDB_id_code 
_struct_ref_seq.pdbx_strand_id 
_struct_ref_seq.seq_align_beg 
_struct_ref_seq.pdbx_seq_align_beg_ins_code 
_struct_ref_seq.seq_align_end 
_struct_ref_seq.pdbx_seq_align_end_ins_code 
_struct_ref_seq.pdbx_db_accession 
_struct_ref_seq.db_align_beg 
_struct_ref_seq.pdbx_db_align_beg_ins_code 
_struct_ref_seq.db_align_end 
_struct_ref_seq.pdbx_db_align_end_ins_code 
_struct_ref_seq.pdbx_auth_seq_align_beg 
_struct_ref_seq.pdbx_auth_seq_align_end 
1 1 414D A 1 ? 10 ? 414D 1  ? 10 ? 1  10 
2 1 414D B 1 ? 10 ? 414D 11 ? 20 ? 11 20 
3 1 414D C 1 ? 10 ? 414D 21 ? 30 ? 21 30 
4 1 414D D 1 ? 10 ? 414D 31 ? 40 ? 31 40 
# 
loop_
_pdbx_struct_assembly.id 
_pdbx_struct_assembly.details 
_pdbx_struct_assembly.method_details 
_pdbx_struct_assembly.oligomeric_details 
_pdbx_struct_assembly.oligomeric_count 
1 author_defined_assembly ? dimeric 2 
2 author_defined_assembly ? dimeric 2 
# 
loop_
_pdbx_struct_assembly_gen.assembly_id 
_pdbx_struct_assembly_gen.oper_expression 
_pdbx_struct_assembly_gen.asym_id_list 
1 1 A,B,E,F 
2 1 C,D,G,H 
# 
_pdbx_struct_oper_list.id                   1 
_pdbx_struct_oper_list.type                 'identity operation' 
_pdbx_struct_oper_list.name                 1_555 
_pdbx_struct_oper_list.symmetry_operation   x,y,z 
_pdbx_struct_oper_list.matrix[1][1]         1.0000000000 
_pdbx_struct_oper_list.matrix[1][2]         0.0000000000 
_pdbx_struct_oper_list.matrix[1][3]         0.0000000000 
_pdbx_struct_oper_list.vector[1]            0.0000000000 
_pdbx_struct_oper_list.matrix[2][1]         0.0000000000 
_pdbx_struct_oper_list.matrix[2][2]         1.0000000000 
_pdbx_struct_oper_list.matrix[2][3]         0.0000000000 
_pdbx_struct_oper_list.vector[2]            0.0000000000 
_pdbx_struct_oper_list.matrix[3][1]         0.0000000000 
_pdbx_struct_oper_list.matrix[3][2]         0.0000000000 
_pdbx_struct_oper_list.matrix[3][3]         1.0000000000 
_pdbx_struct_oper_list.vector[3]            0.0000000000 
# 
loop_
_struct_biol.id 
1 
2 
# 
loop_
_struct_conn.id 
_struct_conn.conn_type_id 
_struct_conn.pdbx_leaving_atom_flag 
_struct_conn.pdbx_PDB_id 
_struct_conn.ptnr1_label_asym_id 
_struct_conn.ptnr1_label_comp_id 
_struct_conn.ptnr1_label_seq_id 
_struct_conn.ptnr1_label_atom_id 
_struct_conn.pdbx_ptnr1_label_alt_id 
_struct_conn.pdbx_ptnr1_PDB_ins_code 
_struct_conn.pdbx_ptnr1_standard_comp_id 
_struct_conn.ptnr1_symmetry 
_struct_conn.ptnr2_label_asym_id 
_struct_conn.ptnr2_label_comp_id 
_struct_conn.ptnr2_label_seq_id 
_struct_conn.ptnr2_label_atom_id 
_struct_conn.pdbx_ptnr2_label_alt_id 
_struct_conn.pdbx_ptnr2_PDB_ins_code 
_struct_conn.ptnr1_auth_asym_id 
_struct_conn.ptnr1_auth_comp_id 
_struct_conn.ptnr1_auth_seq_id 
_struct_conn.ptnr2_auth_asym_id 
_struct_conn.ptnr2_auth_comp_id 
_struct_conn.ptnr2_auth_seq_id 
_struct_conn.ptnr2_symmetry 
_struct_conn.pdbx_ptnr3_label_atom_id 
_struct_conn.pdbx_ptnr3_label_seq_id 
_struct_conn.pdbx_ptnr3_label_comp_id 
_struct_conn.pdbx_ptnr3_label_asym_id 
_struct_conn.pdbx_ptnr3_label_alt_id 
_struct_conn.pdbx_ptnr3_PDB_ins_code 
_struct_conn.details 
_struct_conn.pdbx_dist_value 
_struct_conn.pdbx_value_order 
_struct_conn.pdbx_role 
hydrog1  hydrog ? ? A DG 1  N1 ? ? ? 1_555 B DC 10 N3 ? ? A DG 1  B DC 20 1_555 ? ? ? ? ? ? WATSON-CRICK ? ? ? 
hydrog2  hydrog ? ? A DG 1  N2 ? ? ? 1_555 B DC 10 O2 ? ? A DG 1  B DC 20 1_555 ? ? ? ? ? ? WATSON-CRICK ? ? ? 
hydrog3  hydrog ? ? A DG 1  O6 ? ? ? 1_555 B DC 10 N4 ? ? A DG 1  B DC 20 1_555 ? ? ? ? ? ? WATSON-CRICK ? ? ? 
hydrog4  hydrog ? ? A DG 1  N2 ? ? ? 1_555 D DC 5  O2 ? ? A DG 1  D DC 35 1_555 ? ? ? ? ? ? 'DG-DC PAIR' ? ? ? 
hydrog5  hydrog ? ? A DG 2  N1 ? ? ? 1_555 B DC 9  N3 ? ? A DG 2  B DC 19 1_555 ? ? ? ? ? ? WATSON-CRICK ? ? ? 
hydrog6  hydrog ? ? A DG 2  N2 ? ? ? 1_555 B DC 9  O2 ? ? A DG 2  B DC 19 1_555 ? ? ? ? ? ? WATSON-CRICK ? ? ? 
hydrog7  hydrog ? ? A DG 2  O6 ? ? ? 1_555 B DC 9  N4 ? ? A DG 2  B DC 19 1_555 ? ? ? ? ? ? WATSON-CRICK ? ? ? 
hydrog8  hydrog ? ? A DG 3  N1 ? ? ? 1_555 B DC 8  N3 ? ? A DG 3  B DC 18 1_555 ? ? ? ? ? ? WATSON-CRICK ? ? ? 
hydrog9  hydrog ? ? A DG 3  N2 ? ? ? 1_555 B DC 8  O2 ? ? A DG 3  B DC 18 1_555 ? ? ? ? ? ? WATSON-CRICK ? ? ? 
hydrog10 hydrog ? ? A DG 3  O6 ? ? ? 1_555 B DC 8  N4 ? ? A DG 3  B DC 18 1_555 ? ? ? ? ? ? WATSON-CRICK ? ? ? 
hydrog11 hydrog ? ? A DG 4  N1 ? ? ? 1_555 B DC 7  N3 ? ? A DG 4  B DC 17 1_555 ? ? ? ? ? ? WATSON-CRICK ? ? ? 
hydrog12 hydrog ? ? A DG 4  N2 ? ? ? 1_555 B DC 7  O2 ? ? A DG 4  B DC 17 1_555 ? ? ? ? ? ? WATSON-CRICK ? ? ? 
hydrog13 hydrog ? ? A DG 4  O6 ? ? ? 1_555 B DC 7  N4 ? ? A DG 4  B DC 17 1_555 ? ? ? ? ? ? WATSON-CRICK ? ? ? 
hydrog14 hydrog ? ? A DC 5  N3 ? ? ? 1_555 B DG 6  N1 ? ? A DC 5  B DG 16 1_555 ? ? ? ? ? ? WATSON-CRICK ? ? ? 
hydrog15 hydrog ? ? A DC 5  N4 ? ? ? 1_555 B DG 6  O6 ? ? A DC 5  B DG 16 1_555 ? ? ? ? ? ? WATSON-CRICK ? ? ? 
hydrog16 hydrog ? ? A DC 5  O2 ? ? ? 1_555 B DG 6  N2 ? ? A DC 5  B DG 16 1_555 ? ? ? ? ? ? WATSON-CRICK ? ? ? 
hydrog17 hydrog ? ? A DG 6  N1 ? ? ? 1_555 B DC 5  N3 ? ? A DG 6  B DC 15 1_555 ? ? ? ? ? ? WATSON-CRICK ? ? ? 
hydrog18 hydrog ? ? A DG 6  N2 ? ? ? 1_555 B DC 5  O2 ? ? A DG 6  B DC 15 1_555 ? ? ? ? ? ? WATSON-CRICK ? ? ? 
hydrog19 hydrog ? ? A DG 6  O6 ? ? ? 1_555 B DC 5  N4 ? ? A DG 6  B DC 15 1_555 ? ? ? ? ? ? WATSON-CRICK ? ? ? 
hydrog20 hydrog ? ? A DC 7  N3 ? ? ? 1_555 B DG 4  N1 ? ? A DC 7  B DG 14 1_555 ? ? ? ? ? ? WATSON-CRICK ? ? ? 
hydrog21 hydrog ? ? A DC 7  N4 ? ? ? 1_555 B DG 4  O6 ? ? A DC 7  B DG 14 1_555 ? ? ? ? ? ? WATSON-CRICK ? ? ? 
hydrog22 hydrog ? ? A DC 7  O2 ? ? ? 1_555 B DG 4  N2 ? ? A DC 7  B DG 14 1_555 ? ? ? ? ? ? WATSON-CRICK ? ? ? 
hydrog23 hydrog ? ? A DC 8  N3 ? ? ? 1_555 B DG 3  N1 ? ? A DC 8  B DG 13 1_555 ? ? ? ? ? ? WATSON-CRICK ? ? ? 
hydrog24 hydrog ? ? A DC 8  N4 ? ? ? 1_555 B DG 3  O6 ? ? A DC 8  B DG 13 1_555 ? ? ? ? ? ? WATSON-CRICK ? ? ? 
hydrog25 hydrog ? ? A DC 8  O2 ? ? ? 1_555 B DG 3  N2 ? ? A DC 8  B DG 13 1_555 ? ? ? ? ? ? WATSON-CRICK ? ? ? 
hydrog26 hydrog ? ? A DC 9  N3 ? ? ? 1_555 B DG 2  N1 ? ? A DC 9  B DG 12 1_555 ? ? ? ? ? ? WATSON-CRICK ? ? ? 
hydrog27 hydrog ? ? A DC 9  N4 ? ? ? 1_555 B DG 2  O6 ? ? A DC 9  B DG 12 1_555 ? ? ? ? ? ? WATSON-CRICK ? ? ? 
hydrog28 hydrog ? ? A DC 9  O2 ? ? ? 1_555 B DG 2  N2 ? ? A DC 9  B DG 12 1_555 ? ? ? ? ? ? WATSON-CRICK ? ? ? 
hydrog29 hydrog ? ? A DC 10 N3 ? ? ? 1_555 B DG 1  N1 ? ? A DC 10 B DG 11 1_555 ? ? ? ? ? ? WATSON-CRICK ? ? ? 
hydrog30 hydrog ? ? A DC 10 N4 ? ? ? 1_555 B DG 1  O6 ? ? A DC 10 B DG 11 1_555 ? ? ? ? ? ? WATSON-CRICK ? ? ? 
hydrog31 hydrog ? ? A DC 10 O2 ? ? ? 1_555 B DG 1  N2 ? ? A DC 10 B DG 11 1_555 ? ? ? ? ? ? WATSON-CRICK ? ? ? 
hydrog32 hydrog ? ? B DC 10 O2 ? ? ? 1_555 D DG 4  N2 ? ? B DC 20 D DG 34 1_555 ? ? ? ? ? ? 'DC-DG PAIR' ? ? ? 
hydrog33 hydrog ? ? C DG 1  N1 ? ? ? 1_555 D DC 10 N3 ? ? C DG 21 D DC 40 1_555 ? ? ? ? ? ? WATSON-CRICK ? ? ? 
hydrog34 hydrog ? ? C DG 1  N2 ? ? ? 1_555 D DC 10 O2 ? ? C DG 21 D DC 40 1_555 ? ? ? ? ? ? WATSON-CRICK ? ? ? 
hydrog35 hydrog ? ? C DG 1  O6 ? ? ? 1_555 D DC 10 N4 ? ? C DG 21 D DC 40 1_555 ? ? ? ? ? ? WATSON-CRICK ? ? ? 
hydrog36 hydrog ? ? C DG 2  N1 ? ? ? 1_555 D DC 9  N3 ? ? C DG 22 D DC 39 1_555 ? ? ? ? ? ? WATSON-CRICK ? ? ? 
hydrog37 hydrog ? ? C DG 2  N2 ? ? ? 1_555 D DC 9  O2 ? ? C DG 22 D DC 39 1_555 ? ? ? ? ? ? WATSON-CRICK ? ? ? 
hydrog38 hydrog ? ? C DG 2  O6 ? ? ? 1_555 D DC 9  N4 ? ? C DG 22 D DC 39 1_555 ? ? ? ? ? ? WATSON-CRICK ? ? ? 
hydrog39 hydrog ? ? C DG 3  N1 ? ? ? 1_555 D DC 8  N3 ? ? C DG 23 D DC 38 1_555 ? ? ? ? ? ? WATSON-CRICK ? ? ? 
hydrog40 hydrog ? ? C DG 3  N2 ? ? ? 1_555 D DC 8  O2 ? ? C DG 23 D DC 38 1_555 ? ? ? ? ? ? WATSON-CRICK ? ? ? 
hydrog41 hydrog ? ? C DG 3  O6 ? ? ? 1_555 D DC 8  N4 ? ? C DG 23 D DC 38 1_555 ? ? ? ? ? ? WATSON-CRICK ? ? ? 
hydrog42 hydrog ? ? C DG 4  N1 ? ? ? 1_555 D DC 7  N3 ? ? C DG 24 D DC 37 1_555 ? ? ? ? ? ? WATSON-CRICK ? ? ? 
hydrog43 hydrog ? ? C DG 4  N2 ? ? ? 1_555 D DC 7  O2 ? ? C DG 24 D DC 37 1_555 ? ? ? ? ? ? WATSON-CRICK ? ? ? 
hydrog44 hydrog ? ? C DG 4  O6 ? ? ? 1_555 D DC 7  N4 ? ? C DG 24 D DC 37 1_555 ? ? ? ? ? ? WATSON-CRICK ? ? ? 
hydrog45 hydrog ? ? C DC 5  N3 ? ? ? 1_555 D DG 6  N1 ? ? C DC 25 D DG 36 1_555 ? ? ? ? ? ? WATSON-CRICK ? ? ? 
hydrog46 hydrog ? ? C DC 5  N4 ? ? ? 1_555 D DG 6  O6 ? ? C DC 25 D DG 36 1_555 ? ? ? ? ? ? WATSON-CRICK ? ? ? 
hydrog47 hydrog ? ? C DC 5  O2 ? ? ? 1_555 D DG 6  N2 ? ? C DC 25 D DG 36 1_555 ? ? ? ? ? ? WATSON-CRICK ? ? ? 
hydrog48 hydrog ? ? C DG 6  N1 ? ? ? 1_555 D DC 5  N3 ? ? C DG 26 D DC 35 1_555 ? ? ? ? ? ? WATSON-CRICK ? ? ? 
hydrog49 hydrog ? ? C DG 6  N2 ? ? ? 1_555 D DC 5  O2 ? ? C DG 26 D DC 35 1_555 ? ? ? ? ? ? WATSON-CRICK ? ? ? 
hydrog50 hydrog ? ? C DG 6  O6 ? ? ? 1_555 D DC 5  N4 ? ? C DG 26 D DC 35 1_555 ? ? ? ? ? ? WATSON-CRICK ? ? ? 
hydrog51 hydrog ? ? C DC 7  N3 ? ? ? 1_555 D DG 4  N1 ? ? C DC 27 D DG 34 1_555 ? ? ? ? ? ? WATSON-CRICK ? ? ? 
hydrog52 hydrog ? ? C DC 7  N4 ? ? ? 1_555 D DG 4  O6 ? ? C DC 27 D DG 34 1_555 ? ? ? ? ? ? WATSON-CRICK ? ? ? 
hydrog53 hydrog ? ? C DC 7  O2 ? ? ? 1_555 D DG 4  N2 ? ? C DC 27 D DG 34 1_555 ? ? ? ? ? ? WATSON-CRICK ? ? ? 
hydrog54 hydrog ? ? C DC 8  N3 ? ? ? 1_555 D DG 3  N1 ? ? C DC 28 D DG 33 1_555 ? ? ? ? ? ? WATSON-CRICK ? ? ? 
hydrog55 hydrog ? ? C DC 8  N4 ? ? ? 1_555 D DG 3  O6 ? ? C DC 28 D DG 33 1_555 ? ? ? ? ? ? WATSON-CRICK ? ? ? 
hydrog56 hydrog ? ? C DC 8  O2 ? ? ? 1_555 D DG 3  N2 ? ? C DC 28 D DG 33 1_555 ? ? ? ? ? ? WATSON-CRICK ? ? ? 
hydrog57 hydrog ? ? C DC 9  N3 ? ? ? 1_555 D DG 2  N1 ? ? C DC 29 D DG 32 1_555 ? ? ? ? ? ? WATSON-CRICK ? ? ? 
hydrog58 hydrog ? ? C DC 9  N4 ? ? ? 1_555 D DG 2  O6 ? ? C DC 29 D DG 32 1_555 ? ? ? ? ? ? WATSON-CRICK ? ? ? 
hydrog59 hydrog ? ? C DC 9  O2 ? ? ? 1_555 D DG 2  N2 ? ? C DC 29 D DG 32 1_555 ? ? ? ? ? ? WATSON-CRICK ? ? ? 
hydrog60 hydrog ? ? C DC 10 N3 ? ? ? 1_555 D DG 1  N1 ? ? C DC 30 D DG 31 1_555 ? ? ? ? ? ? WATSON-CRICK ? ? ? 
hydrog61 hydrog ? ? C DC 10 N4 ? ? ? 1_555 D DG 1  O6 ? ? C DC 30 D DG 31 1_555 ? ? ? ? ? ? WATSON-CRICK ? ? ? 
hydrog62 hydrog ? ? C DC 10 O2 ? ? ? 1_555 D DG 1  N2 ? ? C DC 30 D DG 31 1_555 ? ? ? ? ? ? WATSON-CRICK ? ? ? 
# 
_struct_conn_type.id          hydrog 
_struct_conn_type.criteria    ? 
_struct_conn_type.reference   ? 
# 
_pdbx_validate_rmsd_angle.id                         1 
_pdbx_validate_rmsd_angle.PDB_model_num              1 
_pdbx_validate_rmsd_angle.auth_atom_id_1             "O4'" 
_pdbx_validate_rmsd_angle.auth_asym_id_1             A 
_pdbx_validate_rmsd_angle.auth_comp_id_1             DC 
_pdbx_validate_rmsd_angle.auth_seq_id_1              9 
_pdbx_validate_rmsd_angle.PDB_ins_code_1             ? 
_pdbx_validate_rmsd_angle.label_alt_id_1             ? 
_pdbx_validate_rmsd_angle.auth_atom_id_2             "C1'" 
_pdbx_validate_rmsd_angle.auth_asym_id_2             A 
_pdbx_validate_rmsd_angle.auth_comp_id_2             DC 
_pdbx_validate_rmsd_angle.auth_seq_id_2              9 
_pdbx_validate_rmsd_angle.PDB_ins_code_2             ? 
_pdbx_validate_rmsd_angle.label_alt_id_2             ? 
_pdbx_validate_rmsd_angle.auth_atom_id_3             N1 
_pdbx_validate_rmsd_angle.auth_asym_id_3             A 
_pdbx_validate_rmsd_angle.auth_comp_id_3             DC 
_pdbx_validate_rmsd_angle.auth_seq_id_3              9 
_pdbx_validate_rmsd_angle.PDB_ins_code_3             ? 
_pdbx_validate_rmsd_angle.label_alt_id_3             ? 
_pdbx_validate_rmsd_angle.angle_value                110.66 
_pdbx_validate_rmsd_angle.angle_target_value         108.30 
_pdbx_validate_rmsd_angle.angle_deviation            2.36 
_pdbx_validate_rmsd_angle.angle_standard_deviation   0.30 
_pdbx_validate_rmsd_angle.linker_flag                N 
# 
loop_
_chem_comp_atom.comp_id 
_chem_comp_atom.atom_id 
_chem_comp_atom.type_symbol 
_chem_comp_atom.pdbx_aromatic_flag 
_chem_comp_atom.pdbx_stereo_config 
_chem_comp_atom.pdbx_ordinal 
DC  OP3    O N N 1  
DC  P      P N N 2  
DC  OP1    O N N 3  
DC  OP2    O N N 4  
DC  "O5'"  O N N 5  
DC  "C5'"  C N N 6  
DC  "C4'"  C N R 7  
DC  "O4'"  O N N 8  
DC  "C3'"  C N S 9  
DC  "O3'"  O N N 10 
DC  "C2'"  C N N 11 
DC  "C1'"  C N R 12 
DC  N1     N N N 13 
DC  C2     C N N 14 
DC  O2     O N N 15 
DC  N3     N N N 16 
DC  C4     C N N 17 
DC  N4     N N N 18 
DC  C5     C N N 19 
DC  C6     C N N 20 
DC  HOP3   H N N 21 
DC  HOP2   H N N 22 
DC  "H5'"  H N N 23 
DC  "H5''" H N N 24 
DC  "H4'"  H N N 25 
DC  "H3'"  H N N 26 
DC  "HO3'" H N N 27 
DC  "H2'"  H N N 28 
DC  "H2''" H N N 29 
DC  "H1'"  H N N 30 
DC  H41    H N N 31 
DC  H42    H N N 32 
DC  H5     H N N 33 
DC  H6     H N N 34 
DG  OP3    O N N 35 
DG  P      P N N 36 
DG  OP1    O N N 37 
DG  OP2    O N N 38 
DG  "O5'"  O N N 39 
DG  "C5'"  C N N 40 
DG  "C4'"  C N R 41 
DG  "O4'"  O N N 42 
DG  "C3'"  C N S 43 
DG  "O3'"  O N N 44 
DG  "C2'"  C N N 45 
DG  "C1'"  C N R 46 
DG  N9     N Y N 47 
DG  C8     C Y N 48 
DG  N7     N Y N 49 
DG  C5     C Y N 50 
DG  C6     C N N 51 
DG  O6     O N N 52 
DG  N1     N N N 53 
DG  C2     C N N 54 
DG  N2     N N N 55 
DG  N3     N N N 56 
DG  C4     C Y N 57 
DG  HOP3   H N N 58 
DG  HOP2   H N N 59 
DG  "H5'"  H N N 60 
DG  "H5''" H N N 61 
DG  "H4'"  H N N 62 
DG  "H3'"  H N N 63 
DG  "HO3'" H N N 64 
DG  "H2'"  H N N 65 
DG  "H2''" H N N 66 
DG  "H1'"  H N N 67 
DG  H8     H N N 68 
DG  H1     H N N 69 
DG  H21    H N N 70 
DG  H22    H N N 71 
HOH O      O N N 72 
HOH H1     H N N 73 
HOH H2     H N N 74 
# 
loop_
_chem_comp_bond.comp_id 
_chem_comp_bond.atom_id_1 
_chem_comp_bond.atom_id_2 
_chem_comp_bond.value_order 
_chem_comp_bond.pdbx_aromatic_flag 
_chem_comp_bond.pdbx_stereo_config 
_chem_comp_bond.pdbx_ordinal 
DC  OP3   P      sing N N 1  
DC  OP3   HOP3   sing N N 2  
DC  P     OP1    doub N N 3  
DC  P     OP2    sing N N 4  
DC  P     "O5'"  sing N N 5  
DC  OP2   HOP2   sing N N 6  
DC  "O5'" "C5'"  sing N N 7  
DC  "C5'" "C4'"  sing N N 8  
DC  "C5'" "H5'"  sing N N 9  
DC  "C5'" "H5''" sing N N 10 
DC  "C4'" "O4'"  sing N N 11 
DC  "C4'" "C3'"  sing N N 12 
DC  "C4'" "H4'"  sing N N 13 
DC  "O4'" "C1'"  sing N N 14 
DC  "C3'" "O3'"  sing N N 15 
DC  "C3'" "C2'"  sing N N 16 
DC  "C3'" "H3'"  sing N N 17 
DC  "O3'" "HO3'" sing N N 18 
DC  "C2'" "C1'"  sing N N 19 
DC  "C2'" "H2'"  sing N N 20 
DC  "C2'" "H2''" sing N N 21 
DC  "C1'" N1     sing N N 22 
DC  "C1'" "H1'"  sing N N 23 
DC  N1    C2     sing N N 24 
DC  N1    C6     sing N N 25 
DC  C2    O2     doub N N 26 
DC  C2    N3     sing N N 27 
DC  N3    C4     doub N N 28 
DC  C4    N4     sing N N 29 
DC  C4    C5     sing N N 30 
DC  N4    H41    sing N N 31 
DC  N4    H42    sing N N 32 
DC  C5    C6     doub N N 33 
DC  C5    H5     sing N N 34 
DC  C6    H6     sing N N 35 
DG  OP3   P      sing N N 36 
DG  OP3   HOP3   sing N N 37 
DG  P     OP1    doub N N 38 
DG  P     OP2    sing N N 39 
DG  P     "O5'"  sing N N 40 
DG  OP2   HOP2   sing N N 41 
DG  "O5'" "C5'"  sing N N 42 
DG  "C5'" "C4'"  sing N N 43 
DG  "C5'" "H5'"  sing N N 44 
DG  "C5'" "H5''" sing N N 45 
DG  "C4'" "O4'"  sing N N 46 
DG  "C4'" "C3'"  sing N N 47 
DG  "C4'" "H4'"  sing N N 48 
DG  "O4'" "C1'"  sing N N 49 
DG  "C3'" "O3'"  sing N N 50 
DG  "C3'" "C2'"  sing N N 51 
DG  "C3'" "H3'"  sing N N 52 
DG  "O3'" "HO3'" sing N N 53 
DG  "C2'" "C1'"  sing N N 54 
DG  "C2'" "H2'"  sing N N 55 
DG  "C2'" "H2''" sing N N 56 
DG  "C1'" N9     sing N N 57 
DG  "C1'" "H1'"  sing N N 58 
DG  N9    C8     sing Y N 59 
DG  N9    C4     sing Y N 60 
DG  C8    N7     doub Y N 61 
DG  C8    H8     sing N N 62 
DG  N7    C5     sing Y N 63 
DG  C5    C6     sing N N 64 
DG  C5    C4     doub Y N 65 
DG  C6    O6     doub N N 66 
DG  C6    N1     sing N N 67 
DG  N1    C2     sing N N 68 
DG  N1    H1     sing N N 69 
DG  C2    N2     sing N N 70 
DG  C2    N3     doub N N 71 
DG  N2    H21    sing N N 72 
DG  N2    H22    sing N N 73 
DG  N3    C4     sing N N 74 
HOH O     H1     sing N N 75 
HOH O     H2     sing N N 76 
# 
loop_
_ndb_struct_conf_na.entry_id 
_ndb_struct_conf_na.feature 
414D 'double helix'        
414D 'a-form double helix' 
# 
loop_
_ndb_struct_na_base_pair.model_number 
_ndb_struct_na_base_pair.i_label_asym_id 
_ndb_struct_na_base_pair.i_label_comp_id 
_ndb_struct_na_base_pair.i_label_seq_id 
_ndb_struct_na_base_pair.i_symmetry 
_ndb_struct_na_base_pair.j_label_asym_id 
_ndb_struct_na_base_pair.j_label_comp_id 
_ndb_struct_na_base_pair.j_label_seq_id 
_ndb_struct_na_base_pair.j_symmetry 
_ndb_struct_na_base_pair.shear 
_ndb_struct_na_base_pair.stretch 
_ndb_struct_na_base_pair.stagger 
_ndb_struct_na_base_pair.buckle 
_ndb_struct_na_base_pair.propeller 
_ndb_struct_na_base_pair.opening 
_ndb_struct_na_base_pair.pair_number 
_ndb_struct_na_base_pair.pair_name 
_ndb_struct_na_base_pair.i_auth_asym_id 
_ndb_struct_na_base_pair.i_auth_seq_id 
_ndb_struct_na_base_pair.i_PDB_ins_code 
_ndb_struct_na_base_pair.j_auth_asym_id 
_ndb_struct_na_base_pair.j_auth_seq_id 
_ndb_struct_na_base_pair.j_PDB_ins_code 
_ndb_struct_na_base_pair.hbond_type_28 
_ndb_struct_na_base_pair.hbond_type_12 
1 A DG 1  1_555 B DC 10 1_555 -0.161 -0.091 -0.408 -8.829  2.854   0.085  1  A_DG1:DC20_B  A 1  ? B 20 ? 19 1 
1 A DG 2  1_555 B DC 9  1_555 -0.239 -0.066 -0.244 1.636   -3.731  1.720  2  A_DG2:DC19_B  A 2  ? B 19 ? 19 1 
1 A DG 3  1_555 B DC 8  1_555 -0.129 -0.086 -0.330 -3.763  -10.100 3.927  3  A_DG3:DC18_B  A 3  ? B 18 ? 19 1 
1 A DG 4  1_555 B DC 7  1_555 -0.259 -0.056 -0.512 -14.303 -14.131 4.242  4  A_DG4:DC17_B  A 4  ? B 17 ? 19 1 
1 A DC 5  1_555 B DG 6  1_555 0.114  -0.104 -0.167 -3.885  -13.773 2.507  5  A_DC5:DG16_B  A 5  ? B 16 ? 19 1 
1 A DG 6  1_555 B DC 5  1_555 -0.068 -0.071 0.257  5.006   -1.552  0.803  6  A_DG6:DC15_B  A 6  ? B 15 ? 19 1 
1 A DC 7  1_555 B DG 4  1_555 0.300  -0.231 -0.879 11.386  -13.248 5.068  7  A_DC7:DG14_B  A 7  ? B 14 ? 19 1 
1 A DC 8  1_555 B DG 3  1_555 0.242  -0.165 -0.714 8.269   -9.292  3.441  8  A_DC8:DG13_B  A 8  ? B 13 ? 19 1 
1 A DC 9  1_555 B DG 2  1_555 0.345  0.006  -0.005 -0.051  1.876   3.360  9  A_DC9:DG12_B  A 9  ? B 12 ? 19 1 
1 A DC 10 1_555 B DG 1  1_555 0.278  -0.125 -0.302 -1.126  7.274   -1.226 10 A_DC10:DG11_B A 10 ? B 11 ? 19 1 
1 C DG 1  1_555 D DC 10 1_555 -0.182 -0.090 -0.038 -6.154  -2.697  -2.128 11 C_DG21:DC40_D C 21 ? D 40 ? 19 1 
1 C DG 2  1_555 D DC 9  1_555 -0.243 -0.083 -0.173 -1.695  -5.558  2.790  12 C_DG22:DC39_D C 22 ? D 39 ? 19 1 
1 C DG 3  1_555 D DC 8  1_555 -0.188 -0.178 -0.891 -10.931 -10.343 4.138  13 C_DG23:DC38_D C 23 ? D 38 ? 19 1 
1 C DG 4  1_555 D DC 7  1_555 -0.228 -0.140 -0.632 -13.649 -11.530 2.850  14 C_DG24:DC37_D C 24 ? D 37 ? 19 1 
1 C DC 5  1_555 D DG 6  1_555 0.236  -0.147 -0.663 8.744   -6.704  3.093  15 C_DC25:DG36_D C 25 ? D 36 ? 19 1 
1 C DG 6  1_555 D DC 5  1_555 -0.188 -0.137 0.148  10.862  -5.837  -0.462 16 C_DG26:DC35_D C 26 ? D 35 ? 19 1 
1 C DC 7  1_555 D DG 4  1_555 0.341  -0.140 -1.027 21.459  -12.563 5.026  17 C_DC27:DG34_D C 27 ? D 34 ? 19 1 
1 C DC 8  1_555 D DG 3  1_555 0.179  -0.046 -0.611 12.207  -4.953  2.353  18 C_DC28:DG33_D C 28 ? D 33 ? 19 1 
1 C DC 9  1_555 D DG 2  1_555 0.214  -0.095 0.018  -2.660  -2.304  2.020  19 C_DC29:DG32_D C 29 ? D 32 ? 19 1 
1 C DC 10 1_555 D DG 1  1_555 0.095  -0.072 -0.707 16.075  14.981  -1.064 20 C_DC30:DG31_D C 30 ? D 31 ? 19 1 
# 
loop_
_ndb_struct_na_base_pair_step.model_number 
_ndb_struct_na_base_pair_step.i_label_asym_id_1 
_ndb_struct_na_base_pair_step.i_label_comp_id_1 
_ndb_struct_na_base_pair_step.i_label_seq_id_1 
_ndb_struct_na_base_pair_step.i_symmetry_1 
_ndb_struct_na_base_pair_step.j_label_asym_id_1 
_ndb_struct_na_base_pair_step.j_label_comp_id_1 
_ndb_struct_na_base_pair_step.j_label_seq_id_1 
_ndb_struct_na_base_pair_step.j_symmetry_1 
_ndb_struct_na_base_pair_step.i_label_asym_id_2 
_ndb_struct_na_base_pair_step.i_label_comp_id_2 
_ndb_struct_na_base_pair_step.i_label_seq_id_2 
_ndb_struct_na_base_pair_step.i_symmetry_2 
_ndb_struct_na_base_pair_step.j_label_asym_id_2 
_ndb_struct_na_base_pair_step.j_label_comp_id_2 
_ndb_struct_na_base_pair_step.j_label_seq_id_2 
_ndb_struct_na_base_pair_step.j_symmetry_2 
_ndb_struct_na_base_pair_step.shift 
_ndb_struct_na_base_pair_step.slide 
_ndb_struct_na_base_pair_step.rise 
_ndb_struct_na_base_pair_step.tilt 
_ndb_struct_na_base_pair_step.roll 
_ndb_struct_na_base_pair_step.twist 
_ndb_struct_na_base_pair_step.x_displacement 
_ndb_struct_na_base_pair_step.y_displacement 
_ndb_struct_na_base_pair_step.helical_rise 
_ndb_struct_na_base_pair_step.inclination 
_ndb_struct_na_base_pair_step.tip 
_ndb_struct_na_base_pair_step.helical_twist 
_ndb_struct_na_base_pair_step.step_number 
_ndb_struct_na_base_pair_step.step_name 
_ndb_struct_na_base_pair_step.i_auth_asym_id_1 
_ndb_struct_na_base_pair_step.i_auth_seq_id_1 
_ndb_struct_na_base_pair_step.i_PDB_ins_code_1 
_ndb_struct_na_base_pair_step.j_auth_asym_id_1 
_ndb_struct_na_base_pair_step.j_auth_seq_id_1 
_ndb_struct_na_base_pair_step.j_PDB_ins_code_1 
_ndb_struct_na_base_pair_step.i_auth_asym_id_2 
_ndb_struct_na_base_pair_step.i_auth_seq_id_2 
_ndb_struct_na_base_pair_step.i_PDB_ins_code_2 
_ndb_struct_na_base_pair_step.j_auth_asym_id_2 
_ndb_struct_na_base_pair_step.j_auth_seq_id_2 
_ndb_struct_na_base_pair_step.j_PDB_ins_code_2 
1 A DG 1 1_555 B DC 10 1_555 A DG 2  1_555 B DC 9 1_555 -0.506 -1.376 3.245 -4.138 1.796  29.555 -3.038 0.131  3.197 3.495  8.053 
29.889 1  AA_DG1DG2:DC19DC20_BB   A 1  ? B 20 ? A 2  ? B 19 ? 
1 A DG 2 1_555 B DC 9  1_555 A DG 3  1_555 B DC 8 1_555 0.587  -1.750 3.484 0.178  8.328  32.095 -4.472 -1.000 2.952 14.755 -0.314 
33.131 2  AA_DG2DG3:DC18DC19_BB   A 2  ? B 19 ? A 3  ? B 18 ? 
1 A DG 3 1_555 B DC 8  1_555 A DG 4  1_555 B DC 7 1_555 -0.156 -1.370 3.819 0.986  0.654  30.620 -2.743 0.522  3.783 1.237  -1.866 
30.642 3  AA_DG3DG4:DC17DC18_BB   A 3  ? B 18 ? A 4  ? B 17 ? 
1 A DG 4 1_555 B DC 7  1_555 A DC 5  1_555 B DG 6 1_555 -0.883 -0.916 3.006 -1.832 7.112  37.132 -2.237 1.150  2.828 11.036 2.842 
37.826 4  AA_DG4DC5:DG16DC17_BB   A 4  ? B 17 ? A 5  ? B 16 ? 
1 A DC 5 1_555 B DG 6  1_555 A DG 6  1_555 B DC 5 1_555 1.082  -1.588 3.005 -0.541 10.969 23.343 -6.051 -2.550 2.038 25.386 1.251 
25.765 5  AA_DC5DG6:DC15DG16_BB   A 5  ? B 16 ? A 6  ? B 15 ? 
1 A DG 6 1_555 B DC 5  1_555 A DC 7  1_555 B DG 4 1_555 0.516  -1.325 3.123 11.238 6.754  34.469 -2.967 0.627  2.848 10.921 
-18.170 36.808 6  AA_DG6DC7:DG14DC15_BB   A 6  ? B 15 ? A 7  ? B 14 ? 
1 A DC 7 1_555 B DG 4  1_555 A DC 8  1_555 B DG 3 1_555 0.727  -1.791 3.603 1.933  7.657  32.363 -4.463 -0.932 3.145 13.488 -3.404 
33.288 7  AA_DC7DC8:DG13DG14_BB   A 7  ? B 14 ? A 8  ? B 13 ? 
1 A DC 8 1_555 B DG 3  1_555 A DC 9  1_555 B DG 2 1_555 -0.238 -2.024 3.640 -3.482 6.760  25.373 -6.283 -0.439 3.014 14.968 7.708 
26.470 8  AA_DC8DC9:DG12DG13_BB   A 8  ? B 13 ? A 9  ? B 12 ? 
1 A DC 9 1_555 B DG 2  1_555 A DC 10 1_555 B DG 1 1_555 -0.258 -1.724 3.549 2.306  1.013  29.927 -3.551 1.006  3.461 1.957  -4.455 
30.030 9  AA_DC9DC10:DG11DG12_BB  A 9  ? B 12 ? A 10 ? B 11 ? 
1 C DG 1 1_555 D DC 10 1_555 C DG 2  1_555 D DC 9 1_555 0.556  -1.906 3.518 4.412  -1.015 30.057 -3.412 -0.089 3.621 -1.944 -8.446 
30.388 10 CC_DG21DG22:DC39DC40_DD C 21 ? D 40 ? C 22 ? D 39 ? 
1 C DG 2 1_555 D DC 9  1_555 C DG 3  1_555 D DC 8 1_555 -0.053 -2.075 3.853 2.306  7.068  29.730 -5.471 0.604  3.271 13.510 -4.407 
30.625 11 CC_DG22DG23:DC38DC39_DD C 22 ? D 39 ? C 23 ? D 38 ? 
1 C DG 3 1_555 D DC 8  1_555 C DG 4  1_555 D DC 7 1_555 -1.341 -1.031 3.523 -5.003 4.257  31.268 -2.715 1.449  3.523 7.790  9.156 
31.933 12 CC_DG23DG24:DC37DC38_DD C 23 ? D 38 ? C 24 ? D 37 ? 
1 C DG 4 1_555 D DC 7  1_555 C DC 5  1_555 D DG 6 1_555 0.558  -1.085 2.819 1.511  13.796 29.963 -3.788 -0.779 2.151 25.062 -2.745 
32.955 13 CC_DG24DC25:DG36DC37_DD C 24 ? D 37 ? C 25 ? D 36 ? 
1 C DC 5 1_555 D DG 6  1_555 C DG 6  1_555 D DC 5 1_555 -0.925 -1.629 3.436 -9.945 17.164 23.230 -6.372 -0.135 2.026 35.453 20.542 
30.459 14 CC_DC25DG26:DC35DG36_DD C 25 ? D 36 ? C 26 ? D 35 ? 
1 C DG 6 1_555 D DC 5  1_555 C DC 7  1_555 D DG 4 1_555 1.143  -0.987 3.045 11.070 4.830  34.933 -2.191 -0.359 3.095 7.765  
-17.796 36.900 15 CC_DG26DC27:DG34DC35_DD C 26 ? D 35 ? C 27 ? D 34 ? 
1 C DC 7 1_555 D DG 4  1_555 C DC 8  1_555 D DG 3 1_555 0.352  -1.543 3.757 -2.396 5.031  32.764 -3.635 -1.062 3.455 8.839  4.209 
33.221 16 CC_DC27DC28:DG33DG34_DD C 27 ? D 34 ? C 28 ? D 33 ? 
1 C DC 8 1_555 D DG 3  1_555 C DC 9  1_555 D DG 2 1_555 -0.674 -1.884 3.778 -2.389 8.318  28.430 -5.573 0.771  3.157 16.460 4.728 
29.692 17 CC_DC28DC29:DG32DG33_DD C 28 ? D 33 ? C 29 ? D 32 ? 
1 C DC 9 1_555 D DG 2  1_555 C DC 10 1_555 D DG 1 1_555 -0.094 -1.743 3.155 3.756  2.264  26.437 -4.312 1.116  2.956 4.908  -8.141 
26.792 18 CC_DC29DC30:DG31DG32_DD C 29 ? D 32 ? C 30 ? D 31 ? 
# 
_atom_sites.entry_id                    414D 
_atom_sites.fract_transf_matrix[1][1]   0.01986393 
_atom_sites.fract_transf_matrix[1][2]   -0.00689415 
_atom_sites.fract_transf_matrix[1][3]   -0.00762966 
_atom_sites.fract_transf_matrix[2][1]   0.00510223 
_atom_sites.fract_transf_matrix[2][2]   -0.00722761 
_atom_sites.fract_transf_matrix[2][3]   0.01981461 
_atom_sites.fract_transf_matrix[3][1]   -0.00796126 
_atom_sites.fract_transf_matrix[3][2]   -0.03335877 
_atom_sites.fract_transf_matrix[3][3]   -0.01011799 
_atom_sites.fract_transf_vector[1]      0.249446 
_atom_sites.fract_transf_vector[2]      0.013070 
_atom_sites.fract_transf_vector[3]      0.252848 
# 
loop_
_atom_type.symbol 
C 
N 
O 
P 
# 
loop_
_atom_site.group_PDB 
_atom_site.id 
_atom_site.type_symbol 
_atom_site.label_atom_id 
_atom_site.label_alt_id 
_atom_site.label_comp_id 
_atom_site.label_asym_id 
_atom_site.label_entity_id 
_atom_site.label_seq_id 
_atom_site.pdbx_PDB_ins_code 
_atom_site.Cartn_x 
_atom_site.Cartn_y 
_atom_site.Cartn_z 
_atom_site.occupancy 
_atom_site.B_iso_or_equiv 
_atom_site.pdbx_formal_charge 
_atom_site.auth_seq_id 
_atom_site.auth_comp_id 
_atom_site.auth_asym_id 
_atom_site.auth_atom_id 
_atom_site.pdbx_PDB_model_num 
ATOM   1   O "O5'" . DG  A 1 1  ? 0.261   -4.871  -7.717  1.00 53.19 ? 1   DG  A "O5'" 1 
ATOM   2   C "C5'" . DG  A 1 1  ? -0.833  -4.066  -8.159  1.00 42.96 ? 1   DG  A "C5'" 1 
ATOM   3   C "C4'" . DG  A 1 1  ? -1.517  -3.341  -7.024  1.00 43.18 ? 1   DG  A "C4'" 1 
ATOM   4   O "O4'" . DG  A 1 1  ? -2.011  -4.323  -6.085  1.00 42.15 ? 1   DG  A "O4'" 1 
ATOM   5   C "C3'" . DG  A 1 1  ? -0.623  -2.409  -6.209  1.00 41.35 ? 1   DG  A "C3'" 1 
ATOM   6   O "O3'" . DG  A 1 1  ? -0.811  -1.052  -6.611  1.00 37.83 ? 1   DG  A "O3'" 1 
ATOM   7   C "C2'" . DG  A 1 1  ? -1.240  -2.477  -4.822  1.00 39.52 ? 1   DG  A "C2'" 1 
ATOM   8   C "C1'" . DG  A 1 1  ? -1.867  -3.863  -4.747  1.00 38.56 ? 1   DG  A "C1'" 1 
ATOM   9   N N9    . DG  A 1 1  ? -0.979  -4.793  -4.058  1.00 39.02 ? 1   DG  A N9    1 
ATOM   10  C C8    . DG  A 1 1  ? -0.156  -5.730  -4.633  1.00 37.15 ? 1   DG  A C8    1 
ATOM   11  N N7    . DG  A 1 1  ? 0.546   -6.398  -3.760  1.00 38.40 ? 1   DG  A N7    1 
ATOM   12  C C5    . DG  A 1 1  ? 0.159   -5.875  -2.536  1.00 35.65 ? 1   DG  A C5    1 
ATOM   13  C C6    . DG  A 1 1  ? 0.582   -6.202  -1.221  1.00 33.77 ? 1   DG  A C6    1 
ATOM   14  O O6    . DG  A 1 1  ? 1.415   -7.050  -0.862  1.00 31.04 ? 1   DG  A O6    1 
ATOM   15  N N1    . DG  A 1 1  ? -0.068  -5.423  -0.269  1.00 32.61 ? 1   DG  A N1    1 
ATOM   16  C C2    . DG  A 1 1  ? -1.000  -4.457  -0.547  1.00 31.65 ? 1   DG  A C2    1 
ATOM   17  N N2    . DG  A 1 1  ? -1.522  -3.813  0.506   1.00 29.92 ? 1   DG  A N2    1 
ATOM   18  N N3    . DG  A 1 1  ? -1.396  -4.143  -1.766  1.00 34.25 ? 1   DG  A N3    1 
ATOM   19  C C4    . DG  A 1 1  ? -0.783  -4.886  -2.702  1.00 35.20 ? 1   DG  A C4    1 
ATOM   20  P P     . DG  A 1 2  ? 0.259   0.063   -6.163  1.00 36.58 ? 2   DG  A P     1 
ATOM   21  O OP1   . DG  A 1 2  ? 0.023   1.279   -6.978  1.00 47.28 ? 2   DG  A OP1   1 
ATOM   22  O OP2   . DG  A 1 2  ? 1.612   -0.550  -6.140  1.00 39.95 ? 2   DG  A OP2   1 
ATOM   23  O "O5'" . DG  A 1 2  ? -0.141  0.388   -4.656  1.00 40.70 ? 2   DG  A "O5'" 1 
ATOM   24  C "C5'" . DG  A 1 2  ? -1.355  1.075   -4.342  1.00 31.35 ? 2   DG  A "C5'" 1 
ATOM   25  C "C4'" . DG  A 1 2  ? -1.447  1.300   -2.853  1.00 22.49 ? 2   DG  A "C4'" 1 
ATOM   26  O "O4'" . DG  A 1 2  ? -1.540  0.015   -2.207  1.00 23.87 ? 2   DG  A "O4'" 1 
ATOM   27  C "C3'" . DG  A 1 2  ? -0.202  1.937   -2.262  1.00 25.34 ? 2   DG  A "C3'" 1 
ATOM   28  O "O3'" . DG  A 1 2  ? -0.386  3.319   -2.045  1.00 27.88 ? 2   DG  A "O3'" 1 
ATOM   29  C "C2'" . DG  A 1 2  ? -0.153  1.363   -0.861  1.00 21.46 ? 2   DG  A "C2'" 1 
ATOM   30  C "C1'" . DG  A 1 2  ? -0.813  0.015   -0.987  1.00 21.12 ? 2   DG  A "C1'" 1 
ATOM   31  N N9    . DG  A 1 2  ? 0.200   -1.031  -1.070  1.00 25.94 ? 2   DG  A N9    1 
ATOM   32  C C8    . DG  A 1 2  ? 0.724   -1.610  -2.203  1.00 26.92 ? 2   DG  A C8    1 
ATOM   33  N N7    . DG  A 1 2  ? 1.635   -2.510  -1.944  1.00 26.83 ? 2   DG  A N7    1 
ATOM   34  C C5    . DG  A 1 2  ? 1.713   -2.526  -0.557  1.00 24.65 ? 2   DG  A C5    1 
ATOM   35  C C6    . DG  A 1 2  ? 2.520   -3.301  0.309   1.00 27.26 ? 2   DG  A C6    1 
ATOM   36  O O6    . DG  A 1 2  ? 3.369   -4.165  0.013   1.00 32.66 ? 2   DG  A O6    1 
ATOM   37  N N1    . DG  A 1 2  ? 2.270   -2.994  1.647   1.00 22.84 ? 2   DG  A N1    1 
ATOM   38  C C2    . DG  A 1 2  ? 1.362   -2.063  2.088   1.00 21.67 ? 2   DG  A C2    1 
ATOM   39  N N2    . DG  A 1 2  ? 1.261   -1.904  3.407   1.00 23.50 ? 2   DG  A N2    1 
ATOM   40  N N3    . DG  A 1 2  ? 0.608   -1.339  1.290   1.00 24.72 ? 2   DG  A N3    1 
ATOM   41  C C4    . DG  A 1 2  ? 0.832   -1.620  -0.007  1.00 24.71 ? 2   DG  A C4    1 
ATOM   42  P P     . DG  A 1 3  ? 0.900   4.233   -1.805  1.00 33.30 ? 3   DG  A P     1 
ATOM   43  O OP1   . DG  A 1 3  ? 0.454   5.641   -1.633  1.00 40.73 ? 3   DG  A OP1   1 
ATOM   44  O OP2   . DG  A 1 3  ? 1.836   3.874   -2.904  1.00 39.56 ? 3   DG  A OP2   1 
ATOM   45  O "O5'" . DG  A 1 3  ? 1.493   3.705   -0.418  1.00 30.03 ? 3   DG  A "O5'" 1 
ATOM   46  C "C5'" . DG  A 1 3  ? 0.777   3.927   0.792   1.00 25.46 ? 3   DG  A "C5'" 1 
ATOM   47  C "C4'" . DG  A 1 3  ? 1.577   3.484   1.993   1.00 24.35 ? 3   DG  A "C4'" 1 
ATOM   48  O "O4'" . DG  A 1 3  ? 1.666   2.040   1.972   1.00 25.14 ? 3   DG  A "O4'" 1 
ATOM   49  C "C3'" . DG  A 1 3  ? 3.029   3.944   1.973   1.00 26.46 ? 3   DG  A "C3'" 1 
ATOM   50  O "O3'" . DG  A 1 3  ? 3.280   5.078   2.782   1.00 30.69 ? 3   DG  A "O3'" 1 
ATOM   51  C "C2'" . DG  A 1 3  ? 3.737   2.862   2.756   1.00 23.43 ? 3   DG  A "C2'" 1 
ATOM   52  C "C1'" . DG  A 1 3  ? 2.904   1.635   2.540   1.00 18.88 ? 3   DG  A "C1'" 1 
ATOM   53  N N9    . DG  A 1 3  ? 3.589   0.724   1.635   1.00 16.29 ? 3   DG  A N9    1 
ATOM   54  C C8    . DG  A 1 3  ? 3.500   0.616   0.271   1.00 14.61 ? 3   DG  A C8    1 
ATOM   55  N N7    . DG  A 1 3  ? 4.284   -0.310  -0.214  1.00 21.22 ? 3   DG  A N7    1 
ATOM   56  C C5    . DG  A 1 3  ? 4.920   -0.838  0.904   1.00 17.67 ? 3   DG  A C5    1 
ATOM   57  C C6    . DG  A 1 3  ? 5.877   -1.876  1.028   1.00 13.14 ? 3   DG  A C6    1 
ATOM   58  O O6    . DG  A 1 3  ? 6.390   -2.569  0.141   1.00 19.52 ? 3   DG  A O6    1 
ATOM   59  N N1    . DG  A 1 3  ? 6.239   -2.075  2.358   1.00 14.38 ? 3   DG  A N1    1 
ATOM   60  C C2    . DG  A 1 3  ? 5.755   -1.363  3.422   1.00 7.30  ? 3   DG  A C2    1 
ATOM   61  N N2    . DG  A 1 3  ? 6.217   -1.668  4.626   1.00 16.10 ? 3   DG  A N2    1 
ATOM   62  N N3    . DG  A 1 3  ? 4.879   -0.409  3.317   1.00 17.26 ? 3   DG  A N3    1 
ATOM   63  C C4    . DG  A 1 3  ? 4.501   -0.201  2.043   1.00 18.51 ? 3   DG  A C4    1 
ATOM   64  P P     . DG  A 1 4  ? 4.704   5.807   2.663   1.00 27.41 ? 4   DG  A P     1 
ATOM   65  O OP1   . DG  A 1 4  ? 4.549   7.171   3.224   1.00 27.70 ? 4   DG  A OP1   1 
ATOM   66  O OP2   . DG  A 1 4  ? 5.188   5.626   1.268   1.00 24.89 ? 4   DG  A OP2   1 
ATOM   67  O "O5'" . DG  A 1 4  ? 5.655   4.964   3.622   1.00 29.00 ? 4   DG  A "O5'" 1 
ATOM   68  C "C5'" . DG  A 1 4  ? 5.461   5.010   5.029   1.00 24.61 ? 4   DG  A "C5'" 1 
ATOM   69  C "C4'" . DG  A 1 4  ? 6.367   4.029   5.733   1.00 20.24 ? 4   DG  A "C4'" 1 
ATOM   70  O "O4'" . DG  A 1 4  ? 6.209   2.742   5.099   1.00 23.09 ? 4   DG  A "O4'" 1 
ATOM   71  C "C3'" . DG  A 1 4  ? 7.851   4.338   5.608   1.00 22.24 ? 4   DG  A "C3'" 1 
ATOM   72  O "O3'" . DG  A 1 4  ? 8.331   4.938   6.799   1.00 23.78 ? 4   DG  A "O3'" 1 
ATOM   73  C "C2'" . DG  A 1 4  ? 8.492   2.966   5.655   1.00 22.40 ? 4   DG  A "C2'" 1 
ATOM   74  C "C1'" . DG  A 1 4  ? 7.436   2.032   5.117   1.00 21.17 ? 4   DG  A "C1'" 1 
ATOM   75  N N9    . DG  A 1 4  ? 7.745   1.593   3.763   1.00 22.52 ? 4   DG  A N9    1 
ATOM   76  C C8    . DG  A 1 4  ? 7.238   2.051   2.568   1.00 17.39 ? 4   DG  A C8    1 
ATOM   77  N N7    . DG  A 1 4  ? 7.754   1.447   1.531   1.00 17.30 ? 4   DG  A N7    1 
ATOM   78  C C5    . DG  A 1 4  ? 8.651   0.533   2.082   1.00 20.01 ? 4   DG  A C5    1 
ATOM   79  C C6    . DG  A 1 4  ? 9.518   -0.418  1.462   1.00 16.53 ? 4   DG  A C6    1 
ATOM   80  O O6    . DG  A 1 4  ? 9.672   -0.659  0.256   1.00 20.26 ? 4   DG  A O6    1 
ATOM   81  N N1    . DG  A 1 4  ? 10.254  -1.128  2.407   1.00 20.60 ? 4   DG  A N1    1 
ATOM   82  C C2    . DG  A 1 4  ? 10.170  -0.953  3.768   1.00 19.58 ? 4   DG  A C2    1 
ATOM   83  N N2    . DG  A 1 4  ? 10.956  -1.725  4.520   1.00 20.45 ? 4   DG  A N2    1 
ATOM   84  N N3    . DG  A 1 4  ? 9.374   -0.084  4.352   1.00 20.16 ? 4   DG  A N3    1 
ATOM   85  C C4    . DG  A 1 4  ? 8.650   0.619   3.456   1.00 20.48 ? 4   DG  A C4    1 
ATOM   86  P P     . DC  A 1 5  ? 9.724   5.719   6.767   1.00 23.96 ? 5   DC  A P     1 
ATOM   87  O OP1   . DC  A 1 5  ? 9.797   6.625   7.940   1.00 34.23 ? 5   DC  A OP1   1 
ATOM   88  O OP2   . DC  A 1 5  ? 9.841   6.279   5.397   1.00 26.46 ? 5   DC  A OP2   1 
ATOM   89  O "O5'" . DC  A 1 5  ? 10.814  4.570   6.916   1.00 25.95 ? 5   DC  A "O5'" 1 
ATOM   90  C "C5'" . DC  A 1 5  ? 10.944  3.815   8.116   1.00 26.46 ? 5   DC  A "C5'" 1 
ATOM   91  C "C4'" . DC  A 1 5  ? 12.278  3.106   8.128   1.00 27.75 ? 5   DC  A "C4'" 1 
ATOM   92  O "O4'" . DC  A 1 5  ? 12.151  1.889   7.356   1.00 25.47 ? 5   DC  A "O4'" 1 
ATOM   93  C "C3'" . DC  A 1 5  ? 13.419  3.874   7.472   1.00 26.72 ? 5   DC  A "C3'" 1 
ATOM   94  O "O3'" . DC  A 1 5  ? 14.240  4.543   8.420   1.00 35.15 ? 5   DC  A "O3'" 1 
ATOM   95  C "C2'" . DC  A 1 5  ? 14.302  2.770   6.919   1.00 26.15 ? 5   DC  A "C2'" 1 
ATOM   96  C "C1'" . DC  A 1 5  ? 13.333  1.651   6.594   1.00 21.96 ? 5   DC  A "C1'" 1 
ATOM   97  N N1    . DC  A 1 5  ? 12.957  1.707   5.171   1.00 18.75 ? 5   DC  A N1    1 
ATOM   98  C C2    . DC  A 1 5  ? 13.507  0.787   4.296   1.00 12.26 ? 5   DC  A C2    1 
ATOM   99  O O2    . DC  A 1 5  ? 14.295  -0.055  4.736   1.00 17.18 ? 5   DC  A O2    1 
ATOM   100 N N3    . DC  A 1 5  ? 13.172  0.837   2.988   1.00 15.31 ? 5   DC  A N3    1 
ATOM   101 C C4    . DC  A 1 5  ? 12.323  1.764   2.547   1.00 12.89 ? 5   DC  A C4    1 
ATOM   102 N N4    . DC  A 1 5  ? 12.023  1.760   1.247   1.00 13.35 ? 5   DC  A N4    1 
ATOM   103 C C5    . DC  A 1 5  ? 11.745  2.727   3.418   1.00 12.52 ? 5   DC  A C5    1 
ATOM   104 C C6    . DC  A 1 5  ? 12.083  2.661   4.712   1.00 15.81 ? 5   DC  A C6    1 
ATOM   105 P P     . DG  A 1 6  ? 15.232  5.696   7.904   1.00 36.35 ? 6   DG  A P     1 
ATOM   106 O OP1   . DG  A 1 6  ? 15.936  6.322   9.058   1.00 39.05 ? 6   DG  A OP1   1 
ATOM   107 O OP2   . DG  A 1 6  ? 14.475  6.553   6.953   1.00 30.81 ? 6   DG  A OP2   1 
ATOM   108 O "O5'" . DG  A 1 6  ? 16.290  4.880   7.043   1.00 39.89 ? 6   DG  A "O5'" 1 
ATOM   109 C "C5'" . DG  A 1 6  ? 16.820  5.416   5.841   1.00 26.85 ? 6   DG  A "C5'" 1 
ATOM   110 C "C4'" . DG  A 1 6  ? 17.758  4.418   5.214   1.00 20.27 ? 6   DG  A "C4'" 1 
ATOM   111 O "O4'" . DG  A 1 6  ? 16.971  3.282   4.807   1.00 15.83 ? 6   DG  A "O4'" 1 
ATOM   112 C "C3'" . DG  A 1 6  ? 18.453  4.893   3.949   1.00 21.20 ? 6   DG  A "C3'" 1 
ATOM   113 O "O3'" . DG  A 1 6  ? 19.764  5.356   4.215   1.00 23.45 ? 6   DG  A "O3'" 1 
ATOM   114 C "C2'" . DG  A 1 6  ? 18.641  3.606   3.173   1.00 19.48 ? 6   DG  A "C2'" 1 
ATOM   115 C "C1'" . DG  A 1 6  ? 17.449  2.767   3.575   1.00 14.48 ? 6   DG  A "C1'" 1 
ATOM   116 N N9    . DG  A 1 6  ? 16.414  2.980   2.569   1.00 14.17 ? 6   DG  A N9    1 
ATOM   117 C C8    . DG  A 1 6  ? 15.342  3.845   2.606   1.00 10.32 ? 6   DG  A C8    1 
ATOM   118 N N7    . DG  A 1 6  ? 14.634  3.823   1.510   1.00 14.80 ? 6   DG  A N7    1 
ATOM   119 C C5    . DG  A 1 6  ? 15.273  2.878   0.709   1.00 13.81 ? 6   DG  A C5    1 
ATOM   120 C C6    . DG  A 1 6  ? 14.966  2.399   -0.602  1.00 14.51 ? 6   DG  A C6    1 
ATOM   121 O O6    . DG  A 1 6  ? 14.042  2.729   -1.349  1.00 19.05 ? 6   DG  A O6    1 
ATOM   122 N N1    . DG  A 1 6  ? 15.879  1.434   -1.023  1.00 16.92 ? 6   DG  A N1    1 
ATOM   123 C C2    . DG  A 1 6  ? 16.955  0.991   -0.287  1.00 14.66 ? 6   DG  A C2    1 
ATOM   124 N N2    . DG  A 1 6  ? 17.749  0.070   -0.858  1.00 16.66 ? 6   DG  A N2    1 
ATOM   125 N N3    . DG  A 1 6  ? 17.242  1.421   0.923   1.00 16.12 ? 6   DG  A N3    1 
ATOM   126 C C4    . DG  A 1 6  ? 16.367  2.352   1.356   1.00 11.89 ? 6   DG  A C4    1 
ATOM   127 P P     . DC  A 1 7  ? 20.369  6.524   3.301   1.00 30.73 ? 7   DC  A P     1 
ATOM   128 O OP1   . DC  A 1 7  ? 21.563  7.059   3.992   1.00 39.82 ? 7   DC  A OP1   1 
ATOM   129 O OP2   . DC  A 1 7  ? 19.260  7.442   2.953   1.00 29.55 ? 7   DC  A OP2   1 
ATOM   130 O "O5'" . DC  A 1 7  ? 20.813  5.754   1.975   1.00 28.17 ? 7   DC  A "O5'" 1 
ATOM   131 C "C5'" . DC  A 1 7  ? 21.811  4.746   2.046   1.00 27.38 ? 7   DC  A "C5'" 1 
ATOM   132 C "C4'" . DC  A 1 7  ? 22.024  4.067   0.709   1.00 26.74 ? 7   DC  A "C4'" 1 
ATOM   133 O "O4'" . DC  A 1 7  ? 20.880  3.220   0.453   1.00 22.69 ? 7   DC  A "O4'" 1 
ATOM   134 C "C3'" . DC  A 1 7  ? 22.140  4.964   -0.526  1.00 30.62 ? 7   DC  A "C3'" 1 
ATOM   135 O "O3'" . DC  A 1 7  ? 23.491  5.214   -0.928  1.00 34.14 ? 7   DC  A "O3'" 1 
ATOM   136 C "C2'" . DC  A 1 7  ? 21.610  4.068   -1.629  1.00 26.76 ? 7   DC  A "C2'" 1 
ATOM   137 C "C1'" . DC  A 1 7  ? 20.600  3.174   -0.941  1.00 24.25 ? 7   DC  A "C1'" 1 
ATOM   138 N N1    . DC  A 1 7  ? 19.267  3.733   -1.178  1.00 17.33 ? 7   DC  A N1    1 
ATOM   139 C C2    . DC  A 1 7  ? 18.516  3.203   -2.207  1.00 16.25 ? 7   DC  A C2    1 
ATOM   140 O O2    . DC  A 1 7  ? 18.979  2.251   -2.841  1.00 19.03 ? 7   DC  A O2    1 
ATOM   141 N N3    . DC  A 1 7  ? 17.311  3.737   -2.491  1.00 18.37 ? 7   DC  A N3    1 
ATOM   142 C C4    . DC  A 1 7  ? 16.853  4.765   -1.776  1.00 14.65 ? 7   DC  A C4    1 
ATOM   143 N N4    . DC  A 1 7  ? 15.653  5.264   -2.094  1.00 18.65 ? 7   DC  A N4    1 
ATOM   144 C C5    . DC  A 1 7  ? 17.600  5.324   -0.704  1.00 11.65 ? 7   DC  A C5    1 
ATOM   145 C C6    . DC  A 1 7  ? 18.789  4.777   -0.438  1.00 15.47 ? 7   DC  A C6    1 
ATOM   146 P P     . DC  A 1 8  ? 23.811  6.470   -1.892  1.00 33.02 ? 8   DC  A P     1 
ATOM   147 O OP1   . DC  A 1 8  ? 25.283  6.556   -2.045  1.00 42.80 ? 8   DC  A OP1   1 
ATOM   148 O OP2   . DC  A 1 8  ? 23.061  7.658   -1.404  1.00 34.79 ? 8   DC  A OP2   1 
ATOM   149 O "O5'" . DC  A 1 8  ? 23.192  6.033   -3.293  1.00 29.86 ? 8   DC  A "O5'" 1 
ATOM   150 C "C5'" . DC  A 1 8  ? 23.593  4.808   -3.897  1.00 33.82 ? 8   DC  A "C5'" 1 
ATOM   151 C "C4'" . DC  A 1 8  ? 23.057  4.688   -5.305  1.00 35.02 ? 8   DC  A "C4'" 1 
ATOM   152 O "O4'" . DC  A 1 8  ? 21.673  4.278   -5.211  1.00 34.59 ? 8   DC  A "O4'" 1 
ATOM   153 C "C3'" . DC  A 1 8  ? 23.030  5.982   -6.125  1.00 37.07 ? 8   DC  A "C3'" 1 
ATOM   154 O "O3'" . DC  A 1 8  ? 24.105  6.049   -7.064  1.00 36.34 ? 8   DC  A "O3'" 1 
ATOM   155 C "C2'" . DC  A 1 8  ? 21.840  5.768   -7.041  1.00 36.79 ? 8   DC  A "C2'" 1 
ATOM   156 C "C1'" . DC  A 1 8  ? 20.923  4.843   -6.276  1.00 34.44 ? 8   DC  A "C1'" 1 
ATOM   157 N N1    . DC  A 1 8  ? 19.786  5.588   -5.728  1.00 32.57 ? 8   DC  A N1    1 
ATOM   158 C C2    . DC  A 1 8  ? 18.586  5.505   -6.410  1.00 31.47 ? 8   DC  A C2    1 
ATOM   159 O O2    . DC  A 1 8  ? 18.536  4.785   -7.424  1.00 35.02 ? 8   DC  A O2    1 
ATOM   160 N N3    . DC  A 1 8  ? 17.514  6.205   -5.964  1.00 29.27 ? 8   DC  A N3    1 
ATOM   161 C C4    . DC  A 1 8  ? 17.624  6.968   -4.874  1.00 30.70 ? 8   DC  A C4    1 
ATOM   162 N N4    . DC  A 1 8  ? 16.539  7.648   -4.477  1.00 28.40 ? 8   DC  A N4    1 
ATOM   163 C C5    . DC  A 1 8  ? 18.851  7.066   -4.144  1.00 28.33 ? 8   DC  A C5    1 
ATOM   164 C C6    . DC  A 1 8  ? 19.897  6.361   -4.603  1.00 30.93 ? 8   DC  A C6    1 
ATOM   165 P P     . DC  A 1 9  ? 24.341  7.404   -7.904  1.00 31.20 ? 9   DC  A P     1 
ATOM   166 O OP1   . DC  A 1 9  ? 25.620  7.276   -8.648  1.00 39.63 ? 9   DC  A OP1   1 
ATOM   167 O OP2   . DC  A 1 9  ? 24.134  8.557   -6.989  1.00 25.40 ? 9   DC  A OP2   1 
ATOM   168 O "O5'" . DC  A 1 9  ? 23.156  7.428   -8.968  1.00 29.16 ? 9   DC  A "O5'" 1 
ATOM   169 C "C5'" . DC  A 1 9  ? 23.013  6.393   -9.936  1.00 28.33 ? 9   DC  A "C5'" 1 
ATOM   170 C "C4'" . DC  A 1 9  ? 21.995  6.785   -10.986 1.00 36.89 ? 9   DC  A "C4'" 1 
ATOM   171 O "O4'" . DC  A 1 9  ? 20.672  6.575   -10.423 1.00 36.44 ? 9   DC  A "O4'" 1 
ATOM   172 C "C3'" . DC  A 1 9  ? 22.023  8.267   -11.386 1.00 39.07 ? 9   DC  A "C3'" 1 
ATOM   173 O "O3'" . DC  A 1 9  ? 22.686  8.479   -12.644 1.00 39.75 ? 9   DC  A "O3'" 1 
ATOM   174 C "C2'" . DC  A 1 9  ? 20.575  8.544   -11.745 1.00 39.26 ? 9   DC  A "C2'" 1 
ATOM   175 C "C1'" . DC  A 1 9  ? 19.770  7.546   -10.939 1.00 33.56 ? 9   DC  A "C1'" 1 
ATOM   176 N N1    . DC  A 1 9  ? 19.037  8.209   -9.845  1.00 26.45 ? 9   DC  A N1    1 
ATOM   177 C C2    . DC  A 1 9  ? 17.734  8.611   -10.123 1.00 23.43 ? 9   DC  A C2    1 
ATOM   178 O O2    . DC  A 1 9  ? 17.268  8.355   -11.239 1.00 30.05 ? 9   DC  A O2    1 
ATOM   179 N N3    . DC  A 1 9  ? 17.020  9.263   -9.190  1.00 17.59 ? 9   DC  A N3    1 
ATOM   180 C C4    . DC  A 1 9  ? 17.558  9.515   -8.003  1.00 12.38 ? 9   DC  A C4    1 
ATOM   181 N N4    . DC  A 1 9  ? 16.802  10.163  -7.123  1.00 17.30 ? 9   DC  A N4    1 
ATOM   182 C C5    . DC  A 1 9  ? 18.891  9.111   -7.673  1.00 13.41 ? 9   DC  A C5    1 
ATOM   183 C C6    . DC  A 1 9  ? 19.591  8.459   -8.620  1.00 15.60 ? 9   DC  A C6    1 
ATOM   184 P P     . DC  A 1 10 ? 22.824  9.977   -13.239 1.00 34.03 ? 10  DC  A P     1 
ATOM   185 O OP1   . DC  A 1 10 ? 23.757  9.907   -14.386 1.00 50.02 ? 10  DC  A OP1   1 
ATOM   186 O OP2   . DC  A 1 10 ? 23.094  10.933  -12.139 1.00 41.37 ? 10  DC  A OP2   1 
ATOM   187 O "O5'" . DC  A 1 10 ? 21.373  10.322  -13.810 1.00 41.28 ? 10  DC  A "O5'" 1 
ATOM   188 C "C5'" . DC  A 1 10 ? 20.803  9.574   -14.890 1.00 33.29 ? 10  DC  A "C5'" 1 
ATOM   189 C "C4'" . DC  A 1 10 ? 19.532  10.229  -15.386 1.00 33.31 ? 10  DC  A "C4'" 1 
ATOM   190 O "O4'" . DC  A 1 10 ? 18.503  10.053  -14.390 1.00 28.23 ? 10  DC  A "O4'" 1 
ATOM   191 C "C3'" . DC  A 1 10 ? 19.637  11.744  -15.562 1.00 32.63 ? 10  DC  A "C3'" 1 
ATOM   192 O "O3'" . DC  A 1 10 ? 20.131  12.194  -16.830 1.00 35.82 ? 10  DC  A "O3'" 1 
ATOM   193 C "C2'" . DC  A 1 10 ? 18.220  12.224  -15.334 1.00 27.94 ? 10  DC  A "C2'" 1 
ATOM   194 C "C1'" . DC  A 1 10 ? 17.631  11.177  -14.399 1.00 27.21 ? 10  DC  A "C1'" 1 
ATOM   195 N N1    . DC  A 1 10 ? 17.471  11.655  -13.024 1.00 20.03 ? 10  DC  A N1    1 
ATOM   196 C C2    . DC  A 1 10 ? 16.269  12.237  -12.680 1.00 21.65 ? 10  DC  A C2    1 
ATOM   197 O O2    . DC  A 1 10 ? 15.383  12.312  -13.546 1.00 28.33 ? 10  DC  A O2    1 
ATOM   198 N N3    . DC  A 1 10 ? 16.089  12.706  -11.425 1.00 24.57 ? 10  DC  A N3    1 
ATOM   199 C C4    . DC  A 1 10 ? 17.074  12.604  -10.528 1.00 19.96 ? 10  DC  A C4    1 
ATOM   200 N N4    . DC  A 1 10 ? 16.858  13.087  -9.298  1.00 11.69 ? 10  DC  A N4    1 
ATOM   201 C C5    . DC  A 1 10 ? 18.322  12.003  -10.854 1.00 24.69 ? 10  DC  A C5    1 
ATOM   202 C C6    . DC  A 1 10 ? 18.475  11.545  -12.105 1.00 23.13 ? 10  DC  A C6    1 
ATOM   203 O "O5'" . DG  B 1 1  ? 7.903   17.168  -7.240  1.00 48.39 ? 11  DG  B "O5'" 1 
ATOM   204 C "C5'" . DG  B 1 1  ? 6.671   17.069  -7.966  1.00 37.03 ? 11  DG  B "C5'" 1 
ATOM   205 C "C4'" . DG  B 1 1  ? 6.843   16.281  -9.243  1.00 25.54 ? 11  DG  B "C4'" 1 
ATOM   206 O "O4'" . DG  B 1 1  ? 8.034   16.778  -9.894  1.00 21.01 ? 11  DG  B "O4'" 1 
ATOM   207 C "C3'" . DG  B 1 1  ? 7.087   14.787  -9.058  1.00 23.34 ? 11  DG  B "C3'" 1 
ATOM   208 O "O3'" . DG  B 1 1  ? 5.922   14.013  -9.293  1.00 23.82 ? 11  DG  B "O3'" 1 
ATOM   209 C "C2'" . DG  B 1 1  ? 7.964   14.446  -10.245 1.00 26.91 ? 11  DG  B "C2'" 1 
ATOM   210 C "C1'" . DG  B 1 1  ? 8.743   15.719  -10.517 1.00 28.35 ? 11  DG  B "C1'" 1 
ATOM   211 N N9    . DG  B 1 1  ? 10.050  15.629  -9.877  1.00 32.35 ? 11  DG  B N9    1 
ATOM   212 C C8    . DG  B 1 1  ? 10.390  16.077  -8.624  1.00 31.73 ? 11  DG  B C8    1 
ATOM   213 N N7    . DG  B 1 1  ? 11.630  15.826  -8.308  1.00 31.43 ? 11  DG  B N7    1 
ATOM   214 C C5    . DG  B 1 1  ? 12.142  15.177  -9.422  1.00 29.80 ? 11  DG  B C5    1 
ATOM   215 C C6    . DG  B 1 1  ? 13.431  14.667  -9.660  1.00 28.26 ? 11  DG  B C6    1 
ATOM   216 O O6    . DG  B 1 1  ? 14.419  14.688  -8.904  1.00 29.25 ? 11  DG  B O6    1 
ATOM   217 N N1    . DG  B 1 1  ? 13.523  14.090  -10.924 1.00 26.30 ? 11  DG  B N1    1 
ATOM   218 C C2    . DG  B 1 1  ? 12.496  14.013  -11.840 1.00 23.96 ? 11  DG  B C2    1 
ATOM   219 N N2    . DG  B 1 1  ? 12.777  13.420  -13.013 1.00 15.26 ? 11  DG  B N2    1 
ATOM   220 N N3    . DG  B 1 1  ? 11.288  14.483  -11.622 1.00 26.18 ? 11  DG  B N3    1 
ATOM   221 C C4    . DG  B 1 1  ? 11.182  15.050  -10.402 1.00 29.27 ? 11  DG  B C4    1 
ATOM   222 P P     . DG  B 1 2  ? 5.961   12.439  -8.972  1.00 25.99 ? 12  DG  B P     1 
ATOM   223 O OP1   . DG  B 1 2  ? 4.615   11.827  -9.108  1.00 37.61 ? 12  DG  B OP1   1 
ATOM   224 O OP2   . DG  B 1 2  ? 6.717   12.290  -7.699  1.00 23.36 ? 12  DG  B OP2   1 
ATOM   225 O "O5'" . DG  B 1 2  ? 6.850   11.847  -10.144 1.00 30.70 ? 12  DG  B "O5'" 1 
ATOM   226 C "C5'" . DG  B 1 2  ? 6.483   12.014  -11.507 1.00 27.60 ? 12  DG  B "C5'" 1 
ATOM   227 C "C4'" . DG  B 1 2  ? 7.416   11.211  -12.381 1.00 26.07 ? 12  DG  B "C4'" 1 
ATOM   228 O "O4'" . DG  B 1 2  ? 8.732   11.810  -12.333 1.00 25.73 ? 12  DG  B "O4'" 1 
ATOM   229 C "C3'" . DG  B 1 2  ? 7.621   9.793   -11.876 1.00 30.05 ? 12  DG  B "C3'" 1 
ATOM   230 O "O3'" . DG  B 1 2  ? 6.776   8.881   -12.558 1.00 34.12 ? 12  DG  B "O3'" 1 
ATOM   231 C "C2'" . DG  B 1 2  ? 9.037   9.468   -12.327 1.00 27.52 ? 12  DG  B "C2'" 1 
ATOM   232 C "C1'" . DG  B 1 2  ? 9.747   10.812  -12.344 1.00 20.31 ? 12  DG  B "C1'" 1 
ATOM   233 N N9    . DG  B 1 2  ? 10.561  11.013  -11.150 1.00 19.32 ? 12  DG  B N9    1 
ATOM   234 C C8    . DG  B 1 2  ? 10.177  11.661  -10.003 1.00 23.02 ? 12  DG  B C8    1 
ATOM   235 N N7    . DG  B 1 2  ? 11.105  11.677  -9.088  1.00 24.88 ? 12  DG  B N7    1 
ATOM   236 C C5    . DG  B 1 2  ? 12.171  11.002  -9.665  1.00 20.73 ? 12  DG  B C5    1 
ATOM   237 C C6    . DG  B 1 2  ? 13.465  10.709  -9.150  1.00 19.57 ? 12  DG  B C6    1 
ATOM   238 O O6    . DG  B 1 2  ? 13.948  11.001  -8.044  1.00 18.64 ? 12  DG  B O6    1 
ATOM   239 N N1    . DG  B 1 2  ? 14.226  10.004  -10.072 1.00 17.15 ? 12  DG  B N1    1 
ATOM   240 C C2    . DG  B 1 2  ? 13.801  9.633   -11.322 1.00 14.88 ? 12  DG  B C2    1 
ATOM   241 N N2    . DG  B 1 2  ? 14.675  8.965   -12.060 1.00 16.84 ? 12  DG  B N2    1 
ATOM   242 N N3    . DG  B 1 2  ? 12.608  9.899   -11.811 1.00 19.36 ? 12  DG  B N3    1 
ATOM   243 C C4    . DG  B 1 2  ? 11.849  10.583  -10.939 1.00 19.72 ? 12  DG  B C4    1 
ATOM   244 P P     . DG  B 1 3  ? 6.625   7.399   -11.977 1.00 39.26 ? 13  DG  B P     1 
ATOM   245 O OP1   . DG  B 1 3  ? 5.478   6.727   -12.648 1.00 42.01 ? 13  DG  B OP1   1 
ATOM   246 O OP2   . DG  B 1 3  ? 6.662   7.490   -10.493 1.00 27.66 ? 13  DG  B OP2   1 
ATOM   247 O "O5'" . DG  B 1 3  ? 7.977   6.722   -12.458 1.00 37.39 ? 13  DG  B "O5'" 1 
ATOM   248 C "C5'" . DG  B 1 3  ? 8.608   5.715   -11.694 1.00 32.97 ? 13  DG  B "C5'" 1 
ATOM   249 C "C4'" . DG  B 1 3  ? 9.984   5.443   -12.252 1.00 31.65 ? 13  DG  B "C4'" 1 
ATOM   250 O "O4'" . DG  B 1 3  ? 10.791  6.630   -12.088 1.00 28.88 ? 13  DG  B "O4'" 1 
ATOM   251 C "C3'" . DG  B 1 3  ? 10.744  4.331   -11.552 1.00 29.53 ? 13  DG  B "C3'" 1 
ATOM   252 O "O3'" . DG  B 1 3  ? 10.614  3.126   -12.298 1.00 25.70 ? 13  DG  B "O3'" 1 
ATOM   253 C "C2'" . DG  B 1 3  ? 12.191  4.768   -11.699 1.00 28.06 ? 13  DG  B "C2'" 1 
ATOM   254 C "C1'" . DG  B 1 3  ? 12.120  6.286   -11.738 1.00 28.36 ? 13  DG  B "C1'" 1 
ATOM   255 N N9    . DG  B 1 3  ? 12.362  6.818   -10.405 1.00 25.10 ? 13  DG  B N9    1 
ATOM   256 C C8    . DG  B 1 3  ? 11.487  7.521   -9.615  1.00 26.24 ? 13  DG  B C8    1 
ATOM   257 N N7    . DG  B 1 3  ? 11.984  7.833   -8.451  1.00 23.20 ? 13  DG  B N7    1 
ATOM   258 C C5    . DG  B 1 3  ? 13.268  7.312   -8.479  1.00 26.00 ? 13  DG  B C5    1 
ATOM   259 C C6    . DG  B 1 3  ? 14.293  7.335   -7.497  1.00 24.15 ? 13  DG  B C6    1 
ATOM   260 O O6    . DG  B 1 3  ? 14.270  7.854   -6.368  1.00 25.03 ? 13  DG  B O6    1 
ATOM   261 N N1    . DG  B 1 3  ? 15.439  6.677   -7.940  1.00 18.97 ? 13  DG  B N1    1 
ATOM   262 C C2    . DG  B 1 3  ? 15.579  6.077   -9.173  1.00 21.09 ? 13  DG  B C2    1 
ATOM   263 N N2    . DG  B 1 3  ? 16.757  5.492   -9.432  1.00 18.31 ? 13  DG  B N2    1 
ATOM   264 N N3    . DG  B 1 3  ? 14.633  6.053   -10.092 1.00 25.61 ? 13  DG  B N3    1 
ATOM   265 C C4    . DG  B 1 3  ? 13.514  6.684   -9.681  1.00 26.87 ? 13  DG  B C4    1 
ATOM   266 P P     . DG  B 1 4  ? 10.491  1.736   -11.515 1.00 26.40 ? 14  DG  B P     1 
ATOM   267 O OP1   . DG  B 1 4  ? 9.909   0.724   -12.419 1.00 20.99 ? 14  DG  B OP1   1 
ATOM   268 O OP2   . DG  B 1 4  ? 9.847   2.014   -10.209 1.00 28.78 ? 14  DG  B OP2   1 
ATOM   269 O "O5'" . DG  B 1 4  ? 12.000  1.358   -11.185 1.00 29.64 ? 14  DG  B "O5'" 1 
ATOM   270 C "C5'" . DG  B 1 4  ? 12.953  1.153   -12.221 1.00 30.00 ? 14  DG  B "C5'" 1 
ATOM   271 C "C4'" . DG  B 1 4  ? 14.278  0.739   -11.627 1.00 27.87 ? 14  DG  B "C4'" 1 
ATOM   272 O "O4'" . DG  B 1 4  ? 14.912  1.891   -11.028 1.00 27.29 ? 14  DG  B "O4'" 1 
ATOM   273 C "C3'" . DG  B 1 4  ? 14.153  -0.273  -10.495 1.00 28.42 ? 14  DG  B "C3'" 1 
ATOM   274 O "O3'" . DG  B 1 4  ? 14.415  -1.595  -10.947 1.00 39.51 ? 14  DG  B "O3'" 1 
ATOM   275 C "C2'" . DG  B 1 4  ? 15.347  0.048   -9.620  1.00 30.72 ? 14  DG  B "C2'" 1 
ATOM   276 C "C1'" . DG  B 1 4  ? 15.604  1.520   -9.845  1.00 25.21 ? 14  DG  B "C1'" 1 
ATOM   277 N N9    . DG  B 1 4  ? 15.071  2.312   -8.744  1.00 25.44 ? 14  DG  B N9    1 
ATOM   278 C C8    . DG  B 1 4  ? 13.838  2.913   -8.661  1.00 24.18 ? 14  DG  B C8    1 
ATOM   279 N N7    . DG  B 1 4  ? 13.651  3.546   -7.534  1.00 24.20 ? 14  DG  B N7    1 
ATOM   280 C C5    . DG  B 1 4  ? 14.831  3.351   -6.832  1.00 22.03 ? 14  DG  B C5    1 
ATOM   281 C C6    . DG  B 1 4  ? 15.228  3.809   -5.545  1.00 22.68 ? 14  DG  B C6    1 
ATOM   282 O O6    . DG  B 1 4  ? 14.590  4.513   -4.737  1.00 23.23 ? 14  DG  B O6    1 
ATOM   283 N N1    . DG  B 1 4  ? 16.514  3.377   -5.227  1.00 21.02 ? 14  DG  B N1    1 
ATOM   284 C C2    . DG  B 1 4  ? 17.315  2.614   -6.045  1.00 21.08 ? 14  DG  B C2    1 
ATOM   285 N N2    . DG  B 1 4  ? 18.532  2.309   -5.574  1.00 18.88 ? 14  DG  B N2    1 
ATOM   286 N N3    . DG  B 1 4  ? 16.957  2.186   -7.239  1.00 18.88 ? 14  DG  B N3    1 
ATOM   287 C C4    . DG  B 1 4  ? 15.716  2.589   -7.567  1.00 22.47 ? 14  DG  B C4    1 
ATOM   288 P P     . DC  B 1 5  ? 13.938  -2.829  -10.045 1.00 32.18 ? 15  DC  B P     1 
ATOM   289 O OP1   . DC  B 1 5  ? 14.058  -4.090  -10.828 1.00 33.89 ? 15  DC  B OP1   1 
ATOM   290 O OP2   . DC  B 1 5  ? 12.624  -2.430  -9.475  1.00 37.54 ? 15  DC  B OP2   1 
ATOM   291 O "O5'" . DC  B 1 5  ? 15.006  -2.862  -8.866  1.00 30.39 ? 15  DC  B "O5'" 1 
ATOM   292 C "C5'" . DC  B 1 5  ? 16.389  -3.038  -9.148  1.00 28.29 ? 15  DC  B "C5'" 1 
ATOM   293 C "C4'" . DC  B 1 5  ? 17.158  -3.282  -7.873  1.00 25.97 ? 15  DC  B "C4'" 1 
ATOM   294 O "O4'" . DC  B 1 5  ? 17.464  -1.999  -7.287  1.00 24.58 ? 15  DC  B "O4'" 1 
ATOM   295 C "C3'" . DC  B 1 5  ? 16.403  -4.046  -6.790  1.00 24.60 ? 15  DC  B "C3'" 1 
ATOM   296 O "O3'" . DC  B 1 5  ? 16.791  -5.412  -6.757  1.00 34.92 ? 15  DC  B "O3'" 1 
ATOM   297 C "C2'" . DC  B 1 5  ? 16.989  -3.485  -5.511  1.00 25.12 ? 15  DC  B "C2'" 1 
ATOM   298 C "C1'" . DC  B 1 5  ? 17.398  -2.073  -5.872  1.00 23.82 ? 15  DC  B "C1'" 1 
ATOM   299 N N1    . DC  B 1 5  ? 16.379  -1.122  -5.417  1.00 20.35 ? 15  DC  B N1    1 
ATOM   300 C C2    . DC  B 1 5  ? 16.464  -0.647  -4.125  1.00 18.01 ? 15  DC  B C2    1 
ATOM   301 O O2    . DC  B 1 5  ? 17.399  -1.032  -3.418  1.00 20.83 ? 15  DC  B O2    1 
ATOM   302 N N3    . DC  B 1 5  ? 15.532  0.212   -3.668  1.00 18.76 ? 15  DC  B N3    1 
ATOM   303 C C4    . DC  B 1 5  ? 14.535  0.592   -4.460  1.00 16.03 ? 15  DC  B C4    1 
ATOM   304 N N4    . DC  B 1 5  ? 13.640  1.449   -3.961  1.00 17.43 ? 15  DC  B N4    1 
ATOM   305 C C5    . DC  B 1 5  ? 14.414  0.112   -5.799  1.00 20.14 ? 15  DC  B C5    1 
ATOM   306 C C6    . DC  B 1 5  ? 15.354  -0.729  -6.234  1.00 18.82 ? 15  DC  B C6    1 
ATOM   307 P P     . DG  B 1 6  ? 15.984  -6.431  -5.817  1.00 34.51 ? 16  DG  B P     1 
ATOM   308 O OP1   . DG  B 1 6  ? 16.407  -7.817  -6.141  1.00 40.08 ? 16  DG  B OP1   1 
ATOM   309 O OP2   . DG  B 1 6  ? 14.551  -6.067  -5.896  1.00 35.34 ? 16  DG  B OP2   1 
ATOM   310 O "O5'" . DG  B 1 6  ? 16.508  -6.069  -4.359  1.00 35.11 ? 16  DG  B "O5'" 1 
ATOM   311 C "C5'" . DG  B 1 6  ? 17.763  -6.557  -3.896  1.00 25.67 ? 16  DG  B "C5'" 1 
ATOM   312 C "C4'" . DG  B 1 6  ? 17.881  -6.367  -2.402  1.00 24.25 ? 16  DG  B "C4'" 1 
ATOM   313 O "O4'" . DG  B 1 6  ? 17.904  -4.945  -2.140  1.00 23.68 ? 16  DG  B "O4'" 1 
ATOM   314 C "C3'" . DG  B 1 6  ? 16.672  -6.864  -1.615  1.00 28.07 ? 16  DG  B "C3'" 1 
ATOM   315 O "O3'" . DG  B 1 6  ? 16.844  -8.158  -1.067  1.00 33.86 ? 16  DG  B "O3'" 1 
ATOM   316 C "C2'" . DG  B 1 6  ? 16.657  -5.955  -0.406  1.00 18.98 ? 16  DG  B "C2'" 1 
ATOM   317 C "C1'" . DG  B 1 6  ? 17.252  -4.660  -0.909  1.00 18.01 ? 16  DG  B "C1'" 1 
ATOM   318 N N9    . DG  B 1 6  ? 16.181  -3.702  -1.148  1.00 17.54 ? 16  DG  B N9    1 
ATOM   319 C C8    . DG  B 1 6  ? 15.386  -3.564  -2.262  1.00 15.60 ? 16  DG  B C8    1 
ATOM   320 N N7    . DG  B 1 6  ? 14.478  -2.635  -2.127  1.00 17.57 ? 16  DG  B N7    1 
ATOM   321 C C5    . DG  B 1 6  ? 14.697  -2.125  -0.854  1.00 16.20 ? 16  DG  B C5    1 
ATOM   322 C C6    . DG  B 1 6  ? 14.025  -1.101  -0.140  1.00 17.97 ? 16  DG  B C6    1 
ATOM   323 O O6    . DG  B 1 6  ? 13.068  -0.401  -0.507  1.00 22.45 ? 16  DG  B O6    1 
ATOM   324 N N1    . DG  B 1 6  ? 14.575  -0.917  1.128   1.00 15.94 ? 16  DG  B N1    1 
ATOM   325 C C2    . DG  B 1 6  ? 15.636  -1.626  1.643   1.00 16.34 ? 16  DG  B C2    1 
ATOM   326 N N2    . DG  B 1 6  ? 16.040  -1.308  2.882   1.00 18.32 ? 16  DG  B N2    1 
ATOM   327 N N3    . DG  B 1 6  ? 16.263  -2.579  0.989   1.00 22.34 ? 16  DG  B N3    1 
ATOM   328 C C4    . DG  B 1 6  ? 15.748  -2.773  -0.244  1.00 18.87 ? 16  DG  B C4    1 
ATOM   329 P P     . DC  B 1 7  ? 15.539  -9.026  -0.727  1.00 37.27 ? 17  DC  B P     1 
ATOM   330 O OP1   . DC  B 1 7  ? 15.943  -10.443 -0.544  1.00 42.61 ? 17  DC  B OP1   1 
ATOM   331 O OP2   . DC  B 1 7  ? 14.521  -8.680  -1.753  1.00 42.16 ? 17  DC  B OP2   1 
ATOM   332 O "O5'" . DC  B 1 7  ? 15.058  -8.435  0.672   1.00 33.97 ? 17  DC  B "O5'" 1 
ATOM   333 C "C5'" . DC  B 1 7  ? 15.926  -8.481  1.795   1.00 25.63 ? 17  DC  B "C5'" 1 
ATOM   334 C "C4'" . DC  B 1 7  ? 15.370  -7.678  2.945   1.00 24.08 ? 17  DC  B "C4'" 1 
ATOM   335 O "O4'" . DC  B 1 7  ? 15.383  -6.281  2.572   1.00 23.49 ? 17  DC  B "O4'" 1 
ATOM   336 C "C3'" . DC  B 1 7  ? 13.915  -7.977  3.293   1.00 24.07 ? 17  DC  B "C3'" 1 
ATOM   337 O "O3'" . DC  B 1 7  ? 13.813  -8.858  4.411   1.00 33.84 ? 17  DC  B "O3'" 1 
ATOM   338 C "C2'" . DC  B 1 7  ? 13.430  -6.651  3.844   1.00 19.86 ? 17  DC  B "C2'" 1 
ATOM   339 C "C1'" . DC  B 1 7  ? 14.277  -5.610  3.149   1.00 13.77 ? 17  DC  B "C1'" 1 
ATOM   340 N N1    . DC  B 1 7  ? 13.509  -4.962  2.083   1.00 11.85 ? 17  DC  B N1    1 
ATOM   341 C C2    . DC  B 1 7  ? 12.894  -3.760  2.369   1.00 13.80 ? 17  DC  B C2    1 
ATOM   342 O O2    . DC  B 1 7  ? 13.037  -3.279  3.507   1.00 19.95 ? 17  DC  B O2    1 
ATOM   343 N N3    . DC  B 1 7  ? 12.154  -3.149  1.420   1.00 12.22 ? 17  DC  B N3    1 
ATOM   344 C C4    . DC  B 1 7  ? 12.016  -3.709  0.223   1.00 11.16 ? 17  DC  B C4    1 
ATOM   345 N N4    . DC  B 1 7  ? 11.258  -3.068  -0.680  1.00 16.76 ? 17  DC  B N4    1 
ATOM   346 C C5    . DC  B 1 7  ? 12.641  -4.944  -0.103  1.00 12.53 ? 17  DC  B C5    1 
ATOM   347 C C6    . DC  B 1 7  ? 13.378  -5.530  0.848   1.00 12.10 ? 17  DC  B C6    1 
ATOM   348 P P     . DC  B 1 8  ? 12.420  -9.618  4.698   1.00 32.54 ? 18  DC  B P     1 
ATOM   349 O OP1   . DC  B 1 8  ? 12.693  -10.676 5.702   1.00 41.92 ? 18  DC  B OP1   1 
ATOM   350 O OP2   . DC  B 1 8  ? 11.787  -9.981  3.402   1.00 35.77 ? 18  DC  B OP2   1 
ATOM   351 O "O5'" . DC  B 1 8  ? 11.536  -8.515  5.422   1.00 30.15 ? 18  DC  B "O5'" 1 
ATOM   352 C "C5'" . DC  B 1 8  ? 11.828  -8.158  6.764   1.00 19.71 ? 18  DC  B "C5'" 1 
ATOM   353 C "C4'" . DC  B 1 8  ? 11.080  -6.912  7.167   1.00 20.08 ? 18  DC  B "C4'" 1 
ATOM   354 O "O4'" . DC  B 1 8  ? 11.262  -5.890  6.158   1.00 19.16 ? 18  DC  B "O4'" 1 
ATOM   355 C "C3'" . DC  B 1 8  ? 9.572   -7.106  7.241   1.00 28.19 ? 18  DC  B "C3'" 1 
ATOM   356 O "O3'" . DC  B 1 8  ? 9.171   -7.330  8.583   1.00 33.45 ? 18  DC  B "O3'" 1 
ATOM   357 C "C2'" . DC  B 1 8  ? 9.027   -5.725  6.924   1.00 20.07 ? 18  DC  B "C2'" 1 
ATOM   358 C "C1'" . DC  B 1 8  ? 10.087  -5.090  6.053   1.00 15.75 ? 18  DC  B "C1'" 1 
ATOM   359 N N1    . DC  B 1 8  ? 9.660   -5.049  4.649   1.00 17.33 ? 18  DC  B N1    1 
ATOM   360 C C2    . DC  B 1 8  ? 8.818   -4.015  4.257   1.00 15.09 ? 18  DC  B C2    1 
ATOM   361 O O2    . DC  B 1 8  ? 8.479   -3.172  5.098   1.00 20.35 ? 18  DC  B O2    1 
ATOM   362 N N3    . DC  B 1 8  ? 8.389   -3.955  2.981   1.00 20.86 ? 18  DC  B N3    1 
ATOM   363 C C4    . DC  B 1 8  ? 8.769   -4.880  2.106   1.00 15.74 ? 18  DC  B C4    1 
ATOM   364 N N4    . DC  B 1 8  ? 8.309   -4.765  0.862   1.00 20.66 ? 18  DC  B N4    1 
ATOM   365 C C5    . DC  B 1 8  ? 9.631   -5.957  2.473   1.00 13.60 ? 18  DC  B C5    1 
ATOM   366 C C6    . DC  B 1 8  ? 10.053  -6.000  3.746   1.00 15.24 ? 18  DC  B C6    1 
ATOM   367 P P     . DC  B 1 9  ? 7.824   -8.136  8.865   1.00 28.20 ? 19  DC  B P     1 
ATOM   368 O OP1   . DC  B 1 9  ? 7.853   -8.527  10.298  1.00 38.21 ? 19  DC  B OP1   1 
ATOM   369 O OP2   . DC  B 1 9  ? 7.659   -9.177  7.814   1.00 18.51 ? 19  DC  B OP2   1 
ATOM   370 O "O5'" . DC  B 1 9  ? 6.695   -7.045  8.640   1.00 27.76 ? 19  DC  B "O5'" 1 
ATOM   371 C "C5'" . DC  B 1 9  ? 6.668   -5.856  9.409   1.00 28.16 ? 19  DC  B "C5'" 1 
ATOM   372 C "C4'" . DC  B 1 9  ? 5.361   -5.133  9.193   1.00 29.81 ? 19  DC  B "C4'" 1 
ATOM   373 O "O4'" . DC  B 1 9  ? 5.553   -4.244  8.067   1.00 32.43 ? 19  DC  B "O4'" 1 
ATOM   374 C "C3'" . DC  B 1 9  ? 4.206   -6.038  8.767   1.00 32.48 ? 19  DC  B "C3'" 1 
ATOM   375 O "O3'" . DC  B 1 9  ? 3.325   -6.367  9.840   1.00 35.38 ? 19  DC  B "O3'" 1 
ATOM   376 C "C2'" . DC  B 1 9  ? 3.365   -5.119  7.909   1.00 30.08 ? 19  DC  B "C2'" 1 
ATOM   377 C "C1'" . DC  B 1 9  ? 4.353   -4.142  7.315   1.00 27.79 ? 19  DC  B "C1'" 1 
ATOM   378 N N1    . DC  B 1 9  ? 4.619   -4.531  5.927   1.00 25.28 ? 19  DC  B N1    1 
ATOM   379 C C2    . DC  B 1 9  ? 3.900   -3.886  4.921   1.00 20.22 ? 19  DC  B C2    1 
ATOM   380 O O2    . DC  B 1 9  ? 3.105   -2.988  5.243   1.00 19.97 ? 19  DC  B O2    1 
ATOM   381 N N3    . DC  B 1 9  ? 4.083   -4.256  3.632   1.00 16.88 ? 19  DC  B N3    1 
ATOM   382 C C4    . DC  B 1 9  ? 4.944   -5.230  3.335   1.00 14.89 ? 19  DC  B C4    1 
ATOM   383 N N4    . DC  B 1 9  ? 5.088   -5.563  2.051   1.00 17.22 ? 19  DC  B N4    1 
ATOM   384 C C5    . DC  B 1 9  ? 5.698   -5.904  4.344   1.00 16.62 ? 19  DC  B C5    1 
ATOM   385 C C6    . DC  B 1 9  ? 5.512   -5.519  5.616   1.00 14.64 ? 19  DC  B C6    1 
ATOM   386 P P     . DC  B 1 10 ? 2.225   -7.530  9.625   1.00 32.77 ? 20  DC  B P     1 
ATOM   387 O OP1   . DC  B 1 10 ? 1.660   -7.882  10.950  1.00 41.75 ? 20  DC  B OP1   1 
ATOM   388 O OP2   . DC  B 1 10 ? 2.802   -8.596  8.765   1.00 28.91 ? 20  DC  B OP2   1 
ATOM   389 O "O5'" . DC  B 1 10 ? 1.088   -6.843  8.744   1.00 39.83 ? 20  DC  B "O5'" 1 
ATOM   390 C "C5'" . DC  B 1 10 ? 0.528   -5.583  9.111   1.00 35.77 ? 20  DC  B "C5'" 1 
ATOM   391 C "C4'" . DC  B 1 10 ? -0.574  -5.194  8.151   1.00 34.26 ? 20  DC  B "C4'" 1 
ATOM   392 O "O4'" . DC  B 1 10 ? 0.023   -4.645  6.952   1.00 32.78 ? 20  DC  B "O4'" 1 
ATOM   393 C "C3'" . DC  B 1 10 ? -1.414  -6.367  7.651   1.00 34.30 ? 20  DC  B "C3'" 1 
ATOM   394 O "O3'" . DC  B 1 10 ? -2.445  -6.866  8.506   1.00 32.53 ? 20  DC  B "O3'" 1 
ATOM   395 C "C2'" . DC  B 1 10 ? -1.893  -5.898  6.294   1.00 34.14 ? 20  DC  B "C2'" 1 
ATOM   396 C "C1'" . DC  B 1 10 ? -0.781  -4.964  5.821   1.00 28.84 ? 20  DC  B "C1'" 1 
ATOM   397 N N1    . DC  B 1 10 ? 0.068   -5.615  4.818   1.00 24.72 ? 20  DC  B N1    1 
ATOM   398 C C2    . DC  B 1 10 ? -0.089  -5.260  3.480   1.00 25.39 ? 20  DC  B C2    1 
ATOM   399 O O2    . DC  B 1 10 ? -0.915  -4.377  3.187   1.00 22.48 ? 20  DC  B O2    1 
ATOM   400 N N3    . DC  B 1 10 ? 0.658   -5.888  2.540   1.00 25.51 ? 20  DC  B N3    1 
ATOM   401 C C4    . DC  B 1 10 ? 1.539   -6.824  2.902   1.00 22.09 ? 20  DC  B C4    1 
ATOM   402 N N4    . DC  B 1 10 ? 2.254   -7.413  1.947   1.00 15.67 ? 20  DC  B N4    1 
ATOM   403 C C5    . DC  B 1 10 ? 1.725   -7.195  4.264   1.00 21.73 ? 20  DC  B C5    1 
ATOM   404 C C6    . DC  B 1 10 ? 0.978   -6.569  5.180   1.00 21.30 ? 20  DC  B C6    1 
ATOM   405 O "O5'" . DG  C 1 1  ? -19.233 5.952   12.550  1.00 23.15 ? 21  DG  C "O5'" 1 
ATOM   406 C "C5'" . DG  C 1 1  ? -20.330 5.353   13.231  1.00 19.42 ? 21  DG  C "C5'" 1 
ATOM   407 C "C4'" . DG  C 1 1  ? -21.489 4.981   12.332  1.00 20.81 ? 21  DG  C "C4'" 1 
ATOM   408 O "O4'" . DG  C 1 1  ? -21.905 6.152   11.598  1.00 20.39 ? 21  DG  C "O4'" 1 
ATOM   409 C "C3'" . DG  C 1 1  ? -21.163 3.947   11.267  1.00 22.76 ? 21  DG  C "C3'" 1 
ATOM   410 O "O3'" . DG  C 1 1  ? -21.574 2.654   11.679  1.00 34.36 ? 21  DG  C "O3'" 1 
ATOM   411 C "C2'" . DG  C 1 1  ? -22.103 4.313   10.132  1.00 17.14 ? 21  DG  C "C2'" 1 
ATOM   412 C "C1'" . DG  C 1 1  ? -22.293 5.810   10.274  1.00 20.57 ? 21  DG  C "C1'" 1 
ATOM   413 N N9    . DG  C 1 1  ? -21.421 6.544   9.363   1.00 20.48 ? 21  DG  C N9    1 
ATOM   414 C C8    . DG  C 1 1  ? -20.283 7.236   9.702   1.00 23.19 ? 21  DG  C C8    1 
ATOM   415 N N7    . DG  C 1 1  ? -19.687 7.779   8.677   1.00 21.84 ? 21  DG  C N7    1 
ATOM   416 C C5    . DG  C 1 1  ? -20.478 7.427   7.592   1.00 24.96 ? 21  DG  C C5    1 
ATOM   417 C C6    . DG  C 1 1  ? -20.330 7.727   6.213   1.00 23.01 ? 21  DG  C C6    1 
ATOM   418 O O6    . DG  C 1 1  ? -19.435 8.383   5.662   1.00 26.43 ? 21  DG  C O6    1 
ATOM   419 N N1    . DG  C 1 1  ? -21.359 7.177   5.453   1.00 16.61 ? 21  DG  C N1    1 
ATOM   420 C C2    . DG  C 1 1  ? -22.395 6.429   5.953   1.00 15.11 ? 21  DG  C C2    1 
ATOM   421 N N2    . DG  C 1 1  ? -23.282 5.982   5.055   1.00 15.35 ? 21  DG  C N2    1 
ATOM   422 N N3    . DG  C 1 1  ? -22.547 6.139   7.238   1.00 21.80 ? 21  DG  C N3    1 
ATOM   423 C C4    . DG  C 1 1  ? -21.558 6.667   7.997   1.00 23.80 ? 21  DG  C C4    1 
ATOM   424 P P     . DG  C 1 2  ? -20.915 1.369   10.982  1.00 37.26 ? 22  DG  C P     1 
ATOM   425 O OP1   . DG  C 1 2  ? -21.281 0.150   11.739  1.00 40.07 ? 22  DG  C OP1   1 
ATOM   426 O OP2   . DG  C 1 2  ? -19.482 1.670   10.710  1.00 38.72 ? 22  DG  C OP2   1 
ATOM   427 O "O5'" . DG  C 1 2  ? -21.657 1.304   9.585   1.00 36.69 ? 22  DG  C "O5'" 1 
ATOM   428 C "C5'" . DG  C 1 2  ? -21.141 0.497   8.556   1.00 27.55 ? 22  DG  C "C5'" 1 
ATOM   429 C "C4'" . DG  C 1 2  ? -21.937 0.699   7.294   1.00 26.07 ? 22  DG  C "C4'" 1 
ATOM   430 O "O4'" . DG  C 1 2  ? -22.101 2.117   7.064   1.00 23.36 ? 22  DG  C "O4'" 1 
ATOM   431 C "C3'" . DG  C 1 2  ? -21.235 0.172   6.060   1.00 26.77 ? 22  DG  C "C3'" 1 
ATOM   432 O "O3'" . DG  C 1 2  ? -21.663 -1.132  5.743   1.00 30.71 ? 22  DG  C "O3'" 1 
ATOM   433 C "C2'" . DG  C 1 2  ? -21.741 1.089   4.963   1.00 25.32 ? 22  DG  C "C2'" 1 
ATOM   434 C "C1'" . DG  C 1 2  ? -21.957 2.410   5.676   1.00 21.86 ? 22  DG  C "C1'" 1 
ATOM   435 N N9    . DG  C 1 2  ? -20.747 3.214   5.529   1.00 21.18 ? 22  DG  C N9    1 
ATOM   436 C C8    . DG  C 1 2  ? -19.803 3.480   6.494   1.00 19.69 ? 22  DG  C C8    1 
ATOM   437 N N7    . DG  C 1 2  ? -18.815 4.215   6.058   1.00 19.58 ? 22  DG  C N7    1 
ATOM   438 C C5    . DG  C 1 2  ? -19.125 4.449   4.725   1.00 21.68 ? 22  DG  C C5    1 
ATOM   439 C C6    . DG  C 1 2  ? -18.433 5.195   3.738   1.00 21.09 ? 22  DG  C C6    1 
ATOM   440 O O6    . DG  C 1 2  ? -17.355 5.821   3.842   1.00 22.65 ? 22  DG  C O6    1 
ATOM   441 N N1    . DG  C 1 2  ? -19.115 5.180   2.524   1.00 19.91 ? 22  DG  C N1    1 
ATOM   442 C C2    . DG  C 1 2  ? -20.300 4.528   2.289   1.00 19.03 ? 22  DG  C C2    1 
ATOM   443 N N2    . DG  C 1 2  ? -20.796 4.624   1.052   1.00 17.99 ? 22  DG  C N2    1 
ATOM   444 N N3    . DG  C 1 2  ? -20.952 3.833   3.196   1.00 19.77 ? 22  DG  C N3    1 
ATOM   445 C C4    . DG  C 1 2  ? -20.316 3.838   4.384   1.00 20.36 ? 22  DG  C C4    1 
ATOM   446 P P     . DG  C 1 3  ? -20.642 -2.105  4.997   1.00 32.27 ? 23  DG  C P     1 
ATOM   447 O OP1   . DG  C 1 3  ? -21.278 -3.444  4.937   1.00 42.57 ? 23  DG  C OP1   1 
ATOM   448 O OP2   . DG  C 1 3  ? -19.322 -1.943  5.657   1.00 34.00 ? 23  DG  C OP2   1 
ATOM   449 O "O5'" . DG  C 1 3  ? -20.566 -1.490  3.525   1.00 35.82 ? 23  DG  C "O5'" 1 
ATOM   450 C "C5'" . DG  C 1 3  ? -21.756 -1.376  2.744   1.00 32.97 ? 23  DG  C "C5'" 1 
ATOM   451 C "C4'" . DG  C 1 3  ? -21.465 -0.856  1.353   1.00 28.61 ? 23  DG  C "C4'" 1 
ATOM   452 O "O4'" . DG  C 1 3  ? -21.094 0.541   1.432   1.00 30.32 ? 23  DG  C "O4'" 1 
ATOM   453 C "C3'" . DG  C 1 3  ? -20.309 -1.533  0.628   1.00 26.82 ? 23  DG  C "C3'" 1 
ATOM   454 O "O3'" . DG  C 1 3  ? -20.791 -2.510  -0.283  1.00 36.83 ? 23  DG  C "O3'" 1 
ATOM   455 C "C2'" . DG  C 1 3  ? -19.793 -0.433  -0.279  1.00 27.43 ? 23  DG  C "C2'" 1 
ATOM   456 C "C1'" . DG  C 1 3  ? -20.140 0.855   0.435   1.00 23.89 ? 23  DG  C "C1'" 1 
ATOM   457 N N9    . DG  C 1 3  ? -18.979 1.458   1.077   1.00 24.18 ? 23  DG  C N9    1 
ATOM   458 C C8    . DG  C 1 3  ? -18.575 1.356   2.388   1.00 19.38 ? 23  DG  C C8    1 
ATOM   459 N N7    . DG  C 1 3  ? -17.472 2.013   2.633   1.00 24.86 ? 23  DG  C N7    1 
ATOM   460 C C5    . DG  C 1 3  ? -17.134 2.583   1.409   1.00 20.83 ? 23  DG  C C5    1 
ATOM   461 C C6    . DG  C 1 3  ? -16.038 3.418   1.040   1.00 22.32 ? 23  DG  C C6    1 
ATOM   462 O O6    . DG  C 1 3  ? -15.107 3.837   1.742   1.00 22.61 ? 23  DG  C O6    1 
ATOM   463 N N1    . DG  C 1 3  ? -16.096 3.765   -0.306  1.00 21.50 ? 23  DG  C N1    1 
ATOM   464 C C2    . DG  C 1 3  ? -17.071 3.356   -1.186  1.00 21.39 ? 23  DG  C C2    1 
ATOM   465 N N2    . DG  C 1 3  ? -16.956 3.778   -2.451  1.00 26.22 ? 23  DG  C N2    1 
ATOM   466 N N3    . DG  C 1 3  ? -18.084 2.586   -0.855  1.00 20.34 ? 23  DG  C N3    1 
ATOM   467 C C4    . DG  C 1 3  ? -18.056 2.243   0.445   1.00 20.33 ? 23  DG  C C4    1 
ATOM   468 P P     . DG  C 1 4  ? -19.745 -3.402  -1.108  1.00 32.00 ? 24  DG  C P     1 
ATOM   469 O OP1   . DG  C 1 4  ? -20.490 -4.540  -1.699  1.00 35.09 ? 24  DG  C OP1   1 
ATOM   470 O OP2   . DG  C 1 4  ? -18.585 -3.659  -0.223  1.00 37.56 ? 24  DG  C OP2   1 
ATOM   471 O "O5'" . DG  C 1 4  ? -19.276 -2.441  -2.289  1.00 37.95 ? 24  DG  C "O5'" 1 
ATOM   472 C "C5'" . DG  C 1 4  ? -20.080 -2.270  -3.458  1.00 36.10 ? 24  DG  C "C5'" 1 
ATOM   473 C "C4'" . DG  C 1 4  ? -19.237 -1.747  -4.598  1.00 31.92 ? 24  DG  C "C4'" 1 
ATOM   474 O "O4'" . DG  C 1 4  ? -18.791 -0.424  -4.244  1.00 31.56 ? 24  DG  C "O4'" 1 
ATOM   475 C "C3'" . DG  C 1 4  ? -17.966 -2.537  -4.881  1.00 35.90 ? 24  DG  C "C3'" 1 
ATOM   476 O "O3'" . DG  C 1 4  ? -18.138 -3.415  -5.987  1.00 36.14 ? 24  DG  C "O3'" 1 
ATOM   477 C "C2'" . DG  C 1 4  ? -17.010 -1.473  -5.385  1.00 32.78 ? 24  DG  C "C2'" 1 
ATOM   478 C "C1'" . DG  C 1 4  ? -17.456 -0.215  -4.675  1.00 29.03 ? 24  DG  C "C1'" 1 
ATOM   479 N N9    . DG  C 1 4  ? -16.644 -0.005  -3.481  1.00 30.20 ? 24  DG  C N9    1 
ATOM   480 C C8    . DG  C 1 4  ? -16.890 -0.457  -2.204  1.00 26.81 ? 24  DG  C C8    1 
ATOM   481 N N7    . DG  C 1 4  ? -15.958 -0.119  -1.355  1.00 26.37 ? 24  DG  C N7    1 
ATOM   482 C C5    . DG  C 1 4  ? -15.048 0.601   -2.118  1.00 24.26 ? 24  DG  C C5    1 
ATOM   483 C C6    . DG  C 1 4  ? -13.829 1.224   -1.754  1.00 21.44 ? 24  DG  C C6    1 
ATOM   484 O O6    . DG  C 1 4  ? -13.289 1.257   -0.647  1.00 19.17 ? 24  DG  C O6    1 
ATOM   485 N N1    . DG  C 1 4  ? -13.228 1.852   -2.847  1.00 25.66 ? 24  DG  C N1    1 
ATOM   486 C C2    . DG  C 1 4  ? -13.735 1.867   -4.131  1.00 27.80 ? 24  DG  C C2    1 
ATOM   487 N N2    . DG  C 1 4  ? -13.025 2.513   -5.073  1.00 26.68 ? 24  DG  C N2    1 
ATOM   488 N N3    . DG  C 1 4  ? -14.864 1.285   -4.474  1.00 31.18 ? 24  DG  C N3    1 
ATOM   489 C C4    . DG  C 1 4  ? -15.463 0.679   -3.430  1.00 27.17 ? 24  DG  C C4    1 
ATOM   490 P P     . DC  C 1 5  ? -17.383 -4.830  -5.977  1.00 38.92 ? 25  DC  C P     1 
ATOM   491 O OP1   . DC  C 1 5  ? -17.873 -5.627  -7.134  1.00 41.13 ? 25  DC  C OP1   1 
ATOM   492 O OP2   . DC  C 1 5  ? -17.513 -5.369  -4.600  1.00 33.08 ? 25  DC  C OP2   1 
ATOM   493 O "O5'" . DC  C 1 5  ? -15.851 -4.453  -6.208  1.00 34.69 ? 25  DC  C "O5'" 1 
ATOM   494 C "C5'" . DC  C 1 5  ? -15.482 -3.561  -7.250  1.00 29.13 ? 25  DC  C "C5'" 1 
ATOM   495 C "C4'" . DC  C 1 5  ? -13.980 -3.401  -7.329  1.00 25.92 ? 25  DC  C "C4'" 1 
ATOM   496 O "O4'" . DC  C 1 5  ? -13.635 -2.213  -6.573  1.00 26.33 ? 25  DC  C "O4'" 1 
ATOM   497 C "C3'" . DC  C 1 5  ? -13.156 -4.522  -6.692  1.00 27.24 ? 25  DC  C "C3'" 1 
ATOM   498 O "O3'" . DC  C 1 5  ? -12.633 -5.431  -7.663  1.00 33.29 ? 25  DC  C "O3'" 1 
ATOM   499 C "C2'" . DC  C 1 5  ? -11.906 -3.797  -6.234  1.00 25.57 ? 25  DC  C "C2'" 1 
ATOM   500 C "C1'" . DC  C 1 5  ? -12.353 -2.371  -5.984  1.00 25.29 ? 25  DC  C "C1'" 1 
ATOM   501 N N1    . DC  C 1 5  ? -12.434 -2.112  -4.545  1.00 21.32 ? 25  DC  C N1    1 
ATOM   502 C C2    . DC  C 1 5  ? -11.527 -1.232  -3.996  1.00 21.18 ? 25  DC  C C2    1 
ATOM   503 O O2    . DC  C 1 5  ? -10.729 -0.663  -4.752  1.00 25.82 ? 25  DC  C O2    1 
ATOM   504 N N3    . DC  C 1 5  ? -11.529 -1.021  -2.665  1.00 19.92 ? 25  DC  C N3    1 
ATOM   505 C C4    . DC  C 1 5  ? -12.403 -1.662  -1.891  1.00 21.87 ? 25  DC  C C4    1 
ATOM   506 N N4    . DC  C 1 5  ? -12.357 -1.431  -0.568  1.00 23.08 ? 25  DC  C N4    1 
ATOM   507 C C5    . DC  C 1 5  ? -13.362 -2.563  -2.431  1.00 22.50 ? 25  DC  C C5    1 
ATOM   508 C C6    . DC  C 1 5  ? -13.348 -2.750  -3.755  1.00 19.79 ? 25  DC  C C6    1 
ATOM   509 P P     . DG  C 1 6  ? -11.751 -6.690  -7.177  1.00 35.00 ? 26  DG  C P     1 
ATOM   510 O OP1   . DG  C 1 6  ? -11.650 -7.642  -8.306  1.00 40.96 ? 26  DG  C OP1   1 
ATOM   511 O OP2   . DG  C 1 6  ? -12.256 -7.169  -5.866  1.00 35.10 ? 26  DG  C OP2   1 
ATOM   512 O "O5'" . DG  C 1 6  ? -10.311 -6.066  -6.919  1.00 33.34 ? 26  DG  C "O5'" 1 
ATOM   513 C "C5'" . DG  C 1 6  ? -9.496  -5.659  -8.009  1.00 28.05 ? 26  DG  C "C5'" 1 
ATOM   514 C "C4'" . DG  C 1 6  ? -8.103  -5.314  -7.537  1.00 33.44 ? 26  DG  C "C4'" 1 
ATOM   515 O "O4'" . DG  C 1 6  ? -8.159  -4.104  -6.741  1.00 32.14 ? 26  DG  C "O4'" 1 
ATOM   516 C "C3'" . DG  C 1 6  ? -7.468  -6.360  -6.622  1.00 34.86 ? 26  DG  C "C3'" 1 
ATOM   517 O "O3'" . DG  C 1 6  ? -6.563  -7.196  -7.352  1.00 40.72 ? 26  DG  C "O3'" 1 
ATOM   518 C "C2'" . DG  C 1 6  ? -6.550  -5.525  -5.747  1.00 33.71 ? 26  DG  C "C2'" 1 
ATOM   519 C "C1'" . DG  C 1 6  ? -7.186  -4.147  -5.706  1.00 31.66 ? 26  DG  C "C1'" 1 
ATOM   520 N N9    . DG  C 1 6  ? -7.840  -3.931  -4.419  1.00 29.38 ? 26  DG  C N9    1 
ATOM   521 C C8    . DG  C 1 6  ? -9.110  -4.298  -4.040  1.00 25.66 ? 26  DG  C C8    1 
ATOM   522 N N7    . DG  C 1 6  ? -9.369  -4.014  -2.792  1.00 21.60 ? 26  DG  C N7    1 
ATOM   523 C C5    . DG  C 1 6  ? -8.205  -3.415  -2.325  1.00 20.90 ? 26  DG  C C5    1 
ATOM   524 C C6    . DG  C 1 6  ? -7.886  -2.902  -1.051  1.00 19.09 ? 26  DG  C C6    1 
ATOM   525 O O6    . DG  C 1 6  ? -8.591  -2.863  -0.045  1.00 26.90 ? 26  DG  C O6    1 
ATOM   526 N N1    . DG  C 1 6  ? -6.596  -2.390  -1.011  1.00 13.80 ? 26  DG  C N1    1 
ATOM   527 C C2    . DG  C 1 6  ? -5.726  -2.369  -2.066  1.00 14.39 ? 26  DG  C C2    1 
ATOM   528 N N2    . DG  C 1 6  ? -4.533  -1.829  -1.836  1.00 14.13 ? 26  DG  C N2    1 
ATOM   529 N N3    . DG  C 1 6  ? -6.006  -2.841  -3.258  1.00 20.37 ? 26  DG  C N3    1 
ATOM   530 C C4    . DG  C 1 6  ? -7.257  -3.348  -3.317  1.00 24.93 ? 26  DG  C C4    1 
ATOM   531 P P     . DC  C 1 7  ? -6.190  -8.652  -6.778  1.00 33.80 ? 27  DC  C P     1 
ATOM   532 O OP1   . DC  C 1 7  ? -5.472  -9.384  -7.850  1.00 39.66 ? 27  DC  C OP1   1 
ATOM   533 O OP2   . DC  C 1 7  ? -7.419  -9.236  -6.186  1.00 37.72 ? 27  DC  C OP2   1 
ATOM   534 O "O5'" . DC  C 1 7  ? -5.179  -8.357  -5.581  1.00 30.35 ? 27  DC  C "O5'" 1 
ATOM   535 C "C5'" . DC  C 1 7  ? -4.083  -7.478  -5.768  1.00 23.79 ? 27  DC  C "C5'" 1 
ATOM   536 C "C4'" . DC  C 1 7  ? -3.336  -7.259  -4.473  1.00 30.44 ? 27  DC  C "C4'" 1 
ATOM   537 O "O4'" . DC  C 1 7  ? -4.001  -6.178  -3.779  1.00 30.34 ? 27  DC  C "O4'" 1 
ATOM   538 C "C3'" . DC  C 1 7  ? -3.373  -8.427  -3.484  1.00 28.94 ? 27  DC  C "C3'" 1 
ATOM   539 O "O3'" . DC  C 1 7  ? -2.170  -9.186  -3.454  1.00 27.39 ? 27  DC  C "O3'" 1 
ATOM   540 C "C2'" . DC  C 1 7  ? -3.282  -7.731  -2.144  1.00 27.80 ? 27  DC  C "C2'" 1 
ATOM   541 C "C1'" . DC  C 1 7  ? -3.898  -6.373  -2.375  1.00 27.47 ? 27  DC  C "C1'" 1 
ATOM   542 N N1    . DC  C 1 7  ? -5.228  -6.316  -1.763  1.00 26.79 ? 27  DC  C N1    1 
ATOM   543 C C2    . DC  C 1 7  ? -5.386  -5.505  -0.651  1.00 24.64 ? 27  DC  C C2    1 
ATOM   544 O O2    . DC  C 1 7  ? -4.417  -4.839  -0.265  1.00 29.03 ? 27  DC  C O2    1 
ATOM   545 N N3    . DC  C 1 7  ? -6.575  -5.467  -0.020  1.00 26.69 ? 27  DC  C N3    1 
ATOM   546 C C4    . DC  C 1 7  ? -7.589  -6.209  -0.465  1.00 20.59 ? 27  DC  C C4    1 
ATOM   547 N N4    . DC  C 1 7  ? -8.742  -6.142  0.204   1.00 25.62 ? 27  DC  C N4    1 
ATOM   548 C C5    . DC  C 1 7  ? -7.463  -7.046  -1.614  1.00 19.78 ? 27  DC  C C5    1 
ATOM   549 C C6    . DC  C 1 7  ? -6.274  -7.062  -2.234  1.00 20.00 ? 27  DC  C C6    1 
ATOM   550 P P     . DC  C 1 8  ? -2.102  -10.500 -2.526  1.00 29.04 ? 28  DC  C P     1 
ATOM   551 O OP1   . DC  C 1 8  ? -0.919  -11.284 -2.928  1.00 42.47 ? 28  DC  C OP1   1 
ATOM   552 O OP2   . DC  C 1 8  ? -3.443  -11.134 -2.542  1.00 36.32 ? 28  DC  C OP2   1 
ATOM   553 O "O5'" . DC  C 1 8  ? -1.854  -9.938  -1.061  1.00 28.60 ? 28  DC  C "O5'" 1 
ATOM   554 C "C5'" . DC  C 1 8  ? -0.693  -9.180  -0.783  1.00 22.58 ? 28  DC  C "C5'" 1 
ATOM   555 C "C4'" . DC  C 1 8  ? -0.608  -8.861  0.688   1.00 19.88 ? 28  DC  C "C4'" 1 
ATOM   556 O "O4'" . DC  C 1 8  ? -1.629  -7.897  0.990   1.00 21.29 ? 28  DC  C "O4'" 1 
ATOM   557 C "C3'" . DC  C 1 8  ? -0.864  -10.035 1.628   1.00 19.65 ? 28  DC  C "C3'" 1 
ATOM   558 O "O3'" . DC  C 1 8  ? 0.374   -10.501 2.152   1.00 23.75 ? 28  DC  C "O3'" 1 
ATOM   559 C "C2'" . DC  C 1 8  ? -1.480  -9.362  2.837   1.00 22.13 ? 28  DC  C "C2'" 1 
ATOM   560 C "C1'" . DC  C 1 8  ? -2.144  -8.116  2.289   1.00 25.59 ? 28  DC  C "C1'" 1 
ATOM   561 N N1    . DC  C 1 8  ? -3.594  -8.310  2.191   1.00 28.29 ? 28  DC  C N1    1 
ATOM   562 C C2    . DC  C 1 8  ? -4.381  -7.860  3.236   1.00 22.15 ? 28  DC  C C2    1 
ATOM   563 O O2    . DC  C 1 8  ? -3.830  -7.273  4.184   1.00 21.00 ? 28  DC  C O2    1 
ATOM   564 N N3    . DC  C 1 8  ? -5.718  -8.070  3.191   1.00 20.09 ? 28  DC  C N3    1 
ATOM   565 C C4    . DC  C 1 8  ? -6.263  -8.690  2.142   1.00 15.30 ? 28  DC  C C4    1 
ATOM   566 N N4    . DC  C 1 8  ? -7.583  -8.866  2.141   1.00 12.66 ? 28  DC  C N4    1 
ATOM   567 C C5    . DC  C 1 8  ? -5.477  -9.154  1.051   1.00 17.58 ? 28  DC  C C5    1 
ATOM   568 C C6    . DC  C 1 8  ? -4.159  -8.942  1.113   1.00 24.87 ? 28  DC  C C6    1 
ATOM   569 P P     . DC  C 1 9  ? 0.408   -11.829 3.044   1.00 24.10 ? 29  DC  C P     1 
ATOM   570 O OP1   . DC  C 1 9  ? 1.822   -12.195 3.272   1.00 36.40 ? 29  DC  C OP1   1 
ATOM   571 O OP2   . DC  C 1 9  ? -0.504  -12.813 2.422   1.00 26.74 ? 29  DC  C OP2   1 
ATOM   572 O "O5'" . DC  C 1 9  ? -0.220  -11.372 4.437   1.00 34.82 ? 29  DC  C "O5'" 1 
ATOM   573 C "C5'" . DC  C 1 9  ? 0.448   -10.426 5.273   1.00 30.26 ? 29  DC  C "C5'" 1 
ATOM   574 C "C4'" . DC  C 1 9  ? -0.114  -10.465 6.678   1.00 30.69 ? 29  DC  C "C4'" 1 
ATOM   575 O "O4'" . DC  C 1 9  ? -1.340  -9.693  6.685   1.00 34.29 ? 29  DC  C "O4'" 1 
ATOM   576 C "C3'" . DC  C 1 9  ? -0.516  -11.849 7.190   1.00 30.04 ? 29  DC  C "C3'" 1 
ATOM   577 O "O3'" . DC  C 1 9  ? 0.445   -12.400 8.090   1.00 27.91 ? 29  DC  C "O3'" 1 
ATOM   578 C "C2'" . DC  C 1 9  ? -1.667  -11.538 8.126   1.00 31.46 ? 29  DC  C "C2'" 1 
ATOM   579 C "C1'" . DC  C 1 9  ? -2.288  -10.275 7.573   1.00 32.16 ? 29  DC  C "C1'" 1 
ATOM   580 N N1    . DC  C 1 9  ? -3.513  -10.600 6.822   1.00 25.82 ? 29  DC  C N1    1 
ATOM   581 C C2    . DC  C 1 9  ? -4.733  -10.606 7.511   1.00 22.62 ? 29  DC  C C2    1 
ATOM   582 O O2    . DC  C 1 9  ? -4.739  -10.328 8.720   1.00 21.17 ? 29  DC  C O2    1 
ATOM   583 N N3    . DC  C 1 9  ? -5.866  -10.919 6.846   1.00 19.45 ? 29  DC  C N3    1 
ATOM   584 C C4    . DC  C 1 9  ? -5.814  -11.227 5.552   1.00 13.66 ? 29  DC  C C4    1 
ATOM   585 N N4    . DC  C 1 9  ? -6.955  -11.524 4.940   1.00 11.97 ? 29  DC  C N4    1 
ATOM   586 C C5    . DC  C 1 9  ? -4.589  -11.239 4.829   1.00 18.00 ? 29  DC  C C5    1 
ATOM   587 C C6    . DC  C 1 9  ? -3.473  -10.913 5.495   1.00 20.18 ? 29  DC  C C6    1 
ATOM   588 P P     . DC  C 1 10 ? 0.311   -13.941 8.546   1.00 32.22 ? 30  DC  C P     1 
ATOM   589 O OP1   . DC  C 1 10 ? 1.503   -14.271 9.366   1.00 43.06 ? 30  DC  C OP1   1 
ATOM   590 O OP2   . DC  C 1 10 ? -0.005  -14.769 7.355   1.00 28.33 ? 30  DC  C OP2   1 
ATOM   591 O "O5'" . DC  C 1 10 ? -0.981  -13.984 9.487   1.00 33.45 ? 30  DC  C "O5'" 1 
ATOM   592 C "C5'" . DC  C 1 10 ? -0.922  -13.537 10.846  1.00 34.07 ? 30  DC  C "C5'" 1 
ATOM   593 C "C4'" . DC  C 1 10 ? -2.139  -13.995 11.626  1.00 33.67 ? 30  DC  C "C4'" 1 
ATOM   594 O "O4'" . DC  C 1 10 ? -3.324  -13.340 11.121  1.00 35.80 ? 30  DC  C "O4'" 1 
ATOM   595 C "C3'" . DC  C 1 10 ? -2.438  -15.485 11.495  1.00 32.40 ? 30  DC  C "C3'" 1 
ATOM   596 O "O3'" . DC  C 1 10 ? -1.751  -16.220 12.502  1.00 40.36 ? 30  DC  C "O3'" 1 
ATOM   597 C "C2'" . DC  C 1 10 ? -3.937  -15.570 11.698  1.00 29.39 ? 30  DC  C "C2'" 1 
ATOM   598 C "C1'" . DC  C 1 10 ? -4.447  -14.201 11.262  1.00 29.23 ? 30  DC  C "C1'" 1 
ATOM   599 N N1    . DC  C 1 10 ? -5.209  -14.187 10.008  1.00 24.23 ? 30  DC  C N1    1 
ATOM   600 C C2    . DC  C 1 10 ? -6.584  -14.048 10.086  1.00 19.97 ? 30  DC  C C2    1 
ATOM   601 O O2    . DC  C 1 10 ? -7.105  -13.930 11.203  1.00 21.04 ? 30  DC  C O2    1 
ATOM   602 N N3    . DC  C 1 10 ? -7.316  -14.045 8.949   1.00 22.28 ? 30  DC  C N3    1 
ATOM   603 C C4    . DC  C 1 10 ? -6.713  -14.173 7.765   1.00 22.08 ? 30  DC  C C4    1 
ATOM   604 N N4    . DC  C 1 10 ? -7.479  -14.166 6.676   1.00 16.35 ? 30  DC  C N4    1 
ATOM   605 C C5    . DC  C 1 10 ? -5.300  -14.313 7.652   1.00 20.23 ? 30  DC  C C5    1 
ATOM   606 C C6    . DC  C 1 10 ? -4.592  -14.315 8.790   1.00 25.27 ? 30  DC  C C6    1 
ATOM   607 O "O5'" . DG  D 1 1  ? -18.779 -16.248 9.309   1.00 58.25 ? 31  DG  D "O5'" 1 
ATOM   608 C "C5'" . DG  D 1 1  ? -18.234 -14.951 9.051   1.00 49.75 ? 31  DG  D "C5'" 1 
ATOM   609 C "C4'" . DG  D 1 1  ? -17.375 -14.455 10.191  1.00 44.60 ? 31  DG  D "C4'" 1 
ATOM   610 O "O4'" . DG  D 1 1  ? -16.283 -15.384 10.382  1.00 46.10 ? 31  DG  D "O4'" 1 
ATOM   611 C "C3'" . DG  D 1 1  ? -16.723 -13.095 9.971   1.00 41.29 ? 31  DG  D "C3'" 1 
ATOM   612 O "O3'" . DG  D 1 1  ? -17.450 -12.082 10.666  1.00 40.29 ? 31  DG  D "O3'" 1 
ATOM   613 C "C2'" . DG  D 1 1  ? -15.427 -13.219 10.752  1.00 41.47 ? 31  DG  D "C2'" 1 
ATOM   614 C "C1'" . DG  D 1 1  ? -15.086 -14.699 10.713  1.00 43.31 ? 31  DG  D "C1'" 1 
ATOM   615 N N9    . DG  D 1 1  ? -14.126 -14.960 9.647   1.00 41.60 ? 31  DG  D N9    1 
ATOM   616 C C8    . DG  D 1 1  ? -14.398 -15.461 8.400   1.00 40.96 ? 31  DG  D C8    1 
ATOM   617 N N7    . DG  D 1 1  ? -13.343 -15.546 7.641   1.00 44.45 ? 31  DG  D N7    1 
ATOM   618 C C5    . DG  D 1 1  ? -12.308 -15.080 8.438   1.00 44.24 ? 31  DG  D C5    1 
ATOM   619 C C6    . DG  D 1 1  ? -10.920 -14.932 8.158   1.00 42.37 ? 31  DG  D C6    1 
ATOM   620 O O6    . DG  D 1 1  ? -10.309 -15.193 7.107   1.00 46.23 ? 31  DG  D O6    1 
ATOM   621 N N1    . DG  D 1 1  ? -10.229 -14.423 9.252   1.00 38.63 ? 31  DG  D N1    1 
ATOM   622 C C2    . DG  D 1 1  ? -10.794 -14.096 10.457  1.00 36.45 ? 31  DG  D C2    1 
ATOM   623 N N2    . DG  D 1 1  ? -9.958  -13.621 11.387  1.00 31.94 ? 31  DG  D N2    1 
ATOM   624 N N3    . DG  D 1 1  ? -12.082 -14.224 10.731  1.00 43.12 ? 31  DG  D N3    1 
ATOM   625 C C4    . DG  D 1 1  ? -12.775 -14.720 9.683   1.00 42.29 ? 31  DG  D C4    1 
ATOM   626 P P     . DG  D 1 2  ? -17.160 -10.532 10.342  1.00 44.03 ? 32  DG  D P     1 
ATOM   627 O OP1   . DG  D 1 2  ? -18.133 -9.690  11.084  1.00 53.43 ? 32  DG  D OP1   1 
ATOM   628 O OP2   . DG  D 1 2  ? -17.024 -10.380 8.869   1.00 47.47 ? 32  DG  D OP2   1 
ATOM   629 O "O5'" . DG  D 1 2  ? -15.735 -10.277 10.994  1.00 48.07 ? 32  DG  D "O5'" 1 
ATOM   630 C "C5'" . DG  D 1 2  ? -15.515 -10.557 12.367  1.00 35.73 ? 32  DG  D "C5'" 1 
ATOM   631 C "C4'" . DG  D 1 2  ? -14.136 -10.099 12.769  1.00 34.34 ? 32  DG  D "C4'" 1 
ATOM   632 O "O4'" . DG  D 1 2  ? -13.150 -11.031 12.260  1.00 28.63 ? 32  DG  D "O4'" 1 
ATOM   633 C "C3'" . DG  D 1 2  ? -13.769 -8.759  12.155  1.00 34.74 ? 32  DG  D "C3'" 1 
ATOM   634 O "O3'" . DG  D 1 2  ? -13.996 -7.703  13.077  1.00 36.93 ? 32  DG  D "O3'" 1 
ATOM   635 C "C2'" . DG  D 1 2  ? -12.259 -8.856  12.025  1.00 35.72 ? 32  DG  D "C2'" 1 
ATOM   636 C "C1'" . DG  D 1 2  ? -11.974 -10.339 11.874  1.00 32.54 ? 32  DG  D "C1'" 1 
ATOM   637 N N9    . DG  D 1 2  ? -11.679 -10.667 10.484  1.00 39.88 ? 32  DG  D N9    1 
ATOM   638 C C8    . DG  D 1 2  ? -12.571 -10.966 9.481   1.00 40.32 ? 32  DG  D C8    1 
ATOM   639 N N7    . DG  D 1 2  ? -11.993 -11.179 8.328   1.00 40.68 ? 32  DG  D N7    1 
ATOM   640 C C5    . DG  D 1 2  ? -10.639 -11.015 8.588   1.00 39.27 ? 32  DG  D C5    1 
ATOM   641 C C6    . DG  D 1 2  ? -9.513  -11.113 7.725   1.00 36.08 ? 32  DG  D C6    1 
ATOM   642 O O6    . DG  D 1 2  ? -9.487  -11.371 6.511   1.00 33.24 ? 32  DG  D O6    1 
ATOM   643 N N1    . DG  D 1 2  ? -8.325  -10.869 8.412   1.00 36.13 ? 32  DG  D N1    1 
ATOM   644 C C2    . DG  D 1 2  ? -8.233  -10.567 9.749   1.00 33.70 ? 32  DG  D C2    1 
ATOM   645 N N2    . DG  D 1 2  ? -7.011  -10.361 10.244  1.00 33.02 ? 32  DG  D N2    1 
ATOM   646 N N3    . DG  D 1 2  ? -9.269  -10.470 10.553  1.00 39.02 ? 32  DG  D N3    1 
ATOM   647 C C4    . DG  D 1 2  ? -10.430 -10.705 9.914   1.00 37.93 ? 32  DG  D C4    1 
ATOM   648 P P     . DG  D 1 3  ? -13.811 -6.188  12.585  1.00 33.76 ? 33  DG  D P     1 
ATOM   649 O OP1   . DG  D 1 3  ? -14.484 -5.272  13.542  1.00 45.79 ? 33  DG  D OP1   1 
ATOM   650 O OP2   . DG  D 1 3  ? -14.172 -6.143  11.143  1.00 33.30 ? 33  DG  D OP2   1 
ATOM   651 O "O5'" . DG  D 1 3  ? -12.244 -5.954  12.692  1.00 42.77 ? 33  DG  D "O5'" 1 
ATOM   652 C "C5'" . DG  D 1 3  ? -11.574 -5.132  11.751  1.00 37.68 ? 33  DG  D "C5'" 1 
ATOM   653 C "C4'" . DG  D 1 3  ? -10.093 -5.421  11.763  1.00 31.46 ? 33  DG  D "C4'" 1 
ATOM   654 O "O4'" . DG  D 1 3  ? -9.874  -6.774  11.310  1.00 32.22 ? 33  DG  D "O4'" 1 
ATOM   655 C "C3'" . DG  D 1 3  ? -9.296  -4.548  10.809  1.00 32.94 ? 33  DG  D "C3'" 1 
ATOM   656 O "O3'" . DG  D 1 3  ? -8.726  -3.459  11.516  1.00 35.54 ? 33  DG  D "O3'" 1 
ATOM   657 C "C2'" . DG  D 1 3  ? -8.138  -5.446  10.414  1.00 32.51 ? 33  DG  D "C2'" 1 
ATOM   658 C "C1'" . DG  D 1 3  ? -8.703  -6.848  10.504  1.00 30.85 ? 33  DG  D "C1'" 1 
ATOM   659 N N9    . DG  D 1 3  ? -9.111  -7.305  9.180   1.00 31.75 ? 33  DG  D N9    1 
ATOM   660 C C8    . DG  D 1 3  ? -10.371 -7.667  8.771   1.00 29.17 ? 33  DG  D C8    1 
ATOM   661 N N7    . DG  D 1 3  ? -10.421 -8.013  7.513   1.00 32.82 ? 33  DG  D N7    1 
ATOM   662 C C5    . DG  D 1 3  ? -9.115  -7.872  7.065   1.00 32.35 ? 33  DG  D C5    1 
ATOM   663 C C6    . DG  D 1 3  ? -8.542  -8.102  5.771   1.00 30.94 ? 33  DG  D C6    1 
ATOM   664 O O6    . DG  D 1 3  ? -9.097  -8.493  4.728   1.00 29.91 ? 33  DG  D O6    1 
ATOM   665 N N1    . DG  D 1 3  ? -7.178  -7.828  5.767   1.00 31.46 ? 33  DG  D N1    1 
ATOM   666 C C2    . DG  D 1 3  ? -6.457  -7.390  6.856   1.00 31.21 ? 33  DG  D C2    1 
ATOM   667 N N2    . DG  D 1 3  ? -5.153  -7.171  6.657   1.00 34.62 ? 33  DG  D N2    1 
ATOM   668 N N3    . DG  D 1 3  ? -6.974  -7.177  8.054   1.00 31.79 ? 33  DG  D N3    1 
ATOM   669 C C4    . DG  D 1 3  ? -8.296  -7.436  8.085   1.00 31.66 ? 33  DG  D C4    1 
ATOM   670 P P     . DG  D 1 4  ? -8.690  -2.019  10.824  1.00 35.95 ? 34  DG  D P     1 
ATOM   671 O OP1   . DG  D 1 4  ? -8.551  -0.994  11.890  1.00 38.98 ? 34  DG  D OP1   1 
ATOM   672 O OP2   . DG  D 1 4  ? -9.844  -1.961  9.888   1.00 36.84 ? 34  DG  D OP2   1 
ATOM   673 O "O5'" . DG  D 1 4  ? -7.347  -2.059  9.970   1.00 35.90 ? 34  DG  D "O5'" 1 
ATOM   674 C "C5'" . DG  D 1 4  ? -6.097  -2.324  10.608  1.00 35.51 ? 34  DG  D "C5'" 1 
ATOM   675 C "C4'" . DG  D 1 4  ? -5.008  -2.521  9.582   1.00 28.96 ? 34  DG  D "C4'" 1 
ATOM   676 O "O4'" . DG  D 1 4  ? -5.254  -3.740  8.855   1.00 30.46 ? 34  DG  D "O4'" 1 
ATOM   677 C "C3'" . DG  D 1 4  ? -4.968  -1.432  8.523   1.00 31.96 ? 34  DG  D "C3'" 1 
ATOM   678 O "O3'" . DG  D 1 4  ? -3.920  -0.525  8.825   1.00 38.46 ? 34  DG  D "O3'" 1 
ATOM   679 C "C2'" . DG  D 1 4  ? -4.450  -2.156  7.297   1.00 33.18 ? 34  DG  D "C2'" 1 
ATOM   680 C "C1'" . DG  D 1 4  ? -4.859  -3.598  7.499   1.00 31.28 ? 34  DG  D "C1'" 1 
ATOM   681 N N9    . DG  D 1 4  ? -5.980  -3.982  6.652   1.00 28.68 ? 34  DG  D N9    1 
ATOM   682 C C8    . DG  D 1 4  ? -7.300  -4.080  7.006   1.00 24.95 ? 34  DG  D C8    1 
ATOM   683 N N7    . DG  D 1 4  ? -8.067  -4.437  6.014   1.00 28.00 ? 34  DG  D N7    1 
ATOM   684 C C5    . DG  D 1 4  ? -7.198  -4.583  4.942   1.00 23.69 ? 34  DG  D C5    1 
ATOM   685 C C6    . DG  D 1 4  ? -7.448  -4.953  3.598   1.00 21.46 ? 34  DG  D C6    1 
ATOM   686 O O6    . DG  D 1 4  ? -8.530  -5.242  3.064   1.00 23.35 ? 34  DG  D O6    1 
ATOM   687 N N1    . DG  D 1 4  ? -6.278  -4.972  2.851   1.00 24.09 ? 34  DG  D N1    1 
ATOM   688 C C2    . DG  D 1 4  ? -5.026  -4.681  3.336   1.00 25.18 ? 34  DG  D C2    1 
ATOM   689 N N2    . DG  D 1 4  ? -4.010  -4.762  2.468   1.00 30.30 ? 34  DG  D N2    1 
ATOM   690 N N3    . DG  D 1 4  ? -4.784  -4.336  4.583   1.00 27.49 ? 34  DG  D N3    1 
ATOM   691 C C4    . DG  D 1 4  ? -5.906  -4.307  5.323   1.00 26.00 ? 34  DG  D C4    1 
ATOM   692 P P     . DC  D 1 5  ? -3.902  0.898   8.109   1.00 44.66 ? 35  DC  D P     1 
ATOM   693 O OP1   . DC  D 1 5  ? -3.002  1.802   8.869   1.00 51.19 ? 35  DC  D OP1   1 
ATOM   694 O OP2   . DC  D 1 5  ? -5.325  1.276   7.891   1.00 48.65 ? 35  DC  D OP2   1 
ATOM   695 O "O5'" . DC  D 1 5  ? -3.270  0.597   6.677   1.00 47.34 ? 35  DC  D "O5'" 1 
ATOM   696 C "C5'" . DC  D 1 5  ? -1.932  0.124   6.541   1.00 37.92 ? 35  DC  D "C5'" 1 
ATOM   697 C "C4'" . DC  D 1 5  ? -1.499  0.202   5.095   1.00 32.78 ? 35  DC  D "C4'" 1 
ATOM   698 O "O4'" . DC  D 1 5  ? -1.989  -0.983  4.428   1.00 31.52 ? 35  DC  D "O4'" 1 
ATOM   699 C "C3'" . DC  D 1 5  ? -2.088  1.370   4.309   1.00 32.39 ? 35  DC  D "C3'" 1 
ATOM   700 O "O3'" . DC  D 1 5  ? -1.178  2.460   4.190   1.00 38.25 ? 35  DC  D "O3'" 1 
ATOM   701 C "C2'" . DC  D 1 5  ? -2.185  0.813   2.902   1.00 30.74 ? 35  DC  D "C2'" 1 
ATOM   702 C "C1'" . DC  D 1 5  ? -2.406  -0.672  3.103   1.00 33.76 ? 35  DC  D "C1'" 1 
ATOM   703 N N1    . DC  D 1 5  ? -3.840  -0.983  2.990   1.00 32.49 ? 35  DC  D N1    1 
ATOM   704 C C2    . DC  D 1 5  ? -4.353  -1.301  1.737   1.00 32.05 ? 35  DC  D C2    1 
ATOM   705 O O2    . DC  D 1 5  ? -3.585  -1.326  0.772   1.00 33.56 ? 35  DC  D O2    1 
ATOM   706 N N3    . DC  D 1 5  ? -5.675  -1.568  1.607   1.00 35.54 ? 35  DC  D N3    1 
ATOM   707 C C4    . DC  D 1 5  ? -6.476  -1.517  2.677   1.00 32.73 ? 35  DC  D C4    1 
ATOM   708 N N4    . DC  D 1 5  ? -7.774  -1.781  2.498   1.00 28.73 ? 35  DC  D N4    1 
ATOM   709 C C5    . DC  D 1 5  ? -5.980  -1.193  3.974   1.00 30.78 ? 35  DC  D C5    1 
ATOM   710 C C6    . DC  D 1 5  ? -4.665  -0.941  4.084   1.00 35.42 ? 35  DC  D C6    1 
ATOM   711 P P     . DG  D 1 6  ? -1.754  3.927   3.854   1.00 37.19 ? 36  DG  D P     1 
ATOM   712 O OP1   . DG  D 1 6  ? -0.661  4.920   4.008   1.00 48.62 ? 36  DG  D OP1   1 
ATOM   713 O OP2   . DG  D 1 6  ? -3.004  4.095   4.630   1.00 43.84 ? 36  DG  D OP2   1 
ATOM   714 O "O5'" . DG  D 1 6  ? -2.153  3.826   2.312   1.00 38.03 ? 36  DG  D "O5'" 1 
ATOM   715 C "C5'" . DG  D 1 6  ? -3.203  4.620   1.775   1.00 30.37 ? 36  DG  D "C5'" 1 
ATOM   716 C "C4'" . DG  D 1 6  ? -3.428  4.289   0.317   1.00 28.42 ? 36  DG  D "C4'" 1 
ATOM   717 O "O4'" . DG  D 1 6  ? -3.807  2.894   0.214   1.00 25.22 ? 36  DG  D "O4'" 1 
ATOM   718 C "C3'" . DG  D 1 6  ? -4.581  5.059   -0.326  1.00 31.60 ? 36  DG  D "C3'" 1 
ATOM   719 O "O3'" . DG  D 1 6  ? -4.102  6.181   -1.069  1.00 33.45 ? 36  DG  D "O3'" 1 
ATOM   720 C "C2'" . DG  D 1 6  ? -5.099  4.084   -1.369  1.00 28.09 ? 36  DG  D "C2'" 1 
ATOM   721 C "C1'" . DG  D 1 6  ? -4.786  2.712   -0.803  1.00 19.88 ? 36  DG  D "C1'" 1 
ATOM   722 N N9    . DG  D 1 6  ? -5.971  2.126   -0.183  1.00 22.32 ? 36  DG  D N9    1 
ATOM   723 C C8    . DG  D 1 6  ? -6.316  2.148   1.148   1.00 22.63 ? 36  DG  D C8    1 
ATOM   724 N N7    . DG  D 1 6  ? -7.451  1.545   1.392   1.00 21.74 ? 36  DG  D N7    1 
ATOM   725 C C5    . DG  D 1 6  ? -7.880  1.098   0.148   1.00 20.04 ? 36  DG  D C5    1 
ATOM   726 C C6    . DG  D 1 6  ? -9.049  0.375   -0.226  1.00 20.06 ? 36  DG  D C6    1 
ATOM   727 O O6    . DG  D 1 6  ? -9.984  -0.027  0.495   1.00 18.04 ? 36  DG  D O6    1 
ATOM   728 N N1    . DG  D 1 6  ? -9.074  0.128   -1.595  1.00 16.36 ? 36  DG  D N1    1 
ATOM   729 C C2    . DG  D 1 6  ? -8.111  0.528   -2.484  1.00 14.63 ? 36  DG  D C2    1 
ATOM   730 N N2    . DG  D 1 6  ? -8.302  0.200   -3.762  1.00 18.69 ? 36  DG  D N2    1 
ATOM   731 N N3    . DG  D 1 6  ? -7.033  1.202   -2.152  1.00 17.91 ? 36  DG  D N3    1 
ATOM   732 C C4    . DG  D 1 6  ? -6.978  1.450   -0.832  1.00 18.56 ? 36  DG  D C4    1 
ATOM   733 P P     . DC  D 1 7  ? -5.009  7.508   -1.175  1.00 38.64 ? 37  DC  D P     1 
ATOM   734 O OP1   . DC  D 1 7  ? -4.197  8.689   -0.800  1.00 45.16 ? 37  DC  D OP1   1 
ATOM   735 O OP2   . DC  D 1 7  ? -6.293  7.256   -0.475  1.00 43.49 ? 37  DC  D OP2   1 
ATOM   736 O "O5'" . DC  D 1 7  ? -5.313  7.607   -2.732  1.00 39.37 ? 37  DC  D "O5'" 1 
ATOM   737 C "C5'" . DC  D 1 7  ? -5.306  6.439   -3.545  1.00 38.25 ? 37  DC  D "C5'" 1 
ATOM   738 C "C4'" . DC  D 1 7  ? -6.501  6.440   -4.467  1.00 38.44 ? 37  DC  D "C4'" 1 
ATOM   739 O "O4'" . DC  D 1 7  ? -7.097  5.126   -4.425  1.00 38.78 ? 37  DC  D "O4'" 1 
ATOM   740 C "C3'" . DC  D 1 7  ? -7.619  7.399   -4.066  1.00 36.51 ? 37  DC  D "C3'" 1 
ATOM   741 O "O3'" . DC  D 1 7  ? -7.571  8.589   -4.855  1.00 43.19 ? 37  DC  D "O3'" 1 
ATOM   742 C "C2'" . DC  D 1 7  ? -8.863  6.689   -4.560  1.00 35.72 ? 37  DC  D "C2'" 1 
ATOM   743 C "C1'" . DC  D 1 7  ? -8.509  5.219   -4.513  1.00 31.42 ? 37  DC  D "C1'" 1 
ATOM   744 N N1    . DC  D 1 7  ? -9.085  4.594   -3.320  1.00 26.16 ? 37  DC  D N1    1 
ATOM   745 C C2    . DC  D 1 7  ? -10.064 3.634   -3.492  1.00 21.84 ? 37  DC  D C2    1 
ATOM   746 O O2    . DC  D 1 7  ? -10.380 3.319   -4.647  1.00 24.54 ? 37  DC  D O2    1 
ATOM   747 N N3    . DC  D 1 7  ? -10.641 3.071   -2.405  1.00 16.03 ? 37  DC  D N3    1 
ATOM   748 C C4    . DC  D 1 7  ? -10.258 3.439   -1.183  1.00 18.33 ? 37  DC  D C4    1 
ATOM   749 N N4    . DC  D 1 7  ? -10.863 2.862   -0.140  1.00 21.66 ? 37  DC  D N4    1 
ATOM   750 C C5    . DC  D 1 7  ? -9.242  4.415   -0.975  1.00 18.75 ? 37  DC  D C5    1 
ATOM   751 C C6    . DC  D 1 7  ? -8.685  4.961   -2.062  1.00 23.57 ? 37  DC  D C6    1 
ATOM   752 P P     . DC  D 1 8  ? -8.671  9.737   -4.620  1.00 39.91 ? 38  DC  D P     1 
ATOM   753 O OP1   . DC  D 1 8  ? -8.303  10.925  -5.429  1.00 45.77 ? 38  DC  D OP1   1 
ATOM   754 O OP2   . DC  D 1 8  ? -8.873  9.884   -3.154  1.00 32.84 ? 38  DC  D OP2   1 
ATOM   755 O "O5'" . DC  D 1 8  ? -9.978  9.092   -5.259  1.00 43.88 ? 38  DC  D "O5'" 1 
ATOM   756 C "C5'" . DC  D 1 8  ? -11.263 9.601   -4.954  1.00 38.64 ? 38  DC  D "C5'" 1 
ATOM   757 C "C4'" . DC  D 1 8  ? -12.334 8.681   -5.489  1.00 33.43 ? 38  DC  D "C4'" 1 
ATOM   758 O "O4'" . DC  D 1 8  ? -11.999 7.319   -5.138  1.00 30.81 ? 38  DC  D "O4'" 1 
ATOM   759 C "C3'" . DC  D 1 8  ? -13.715 8.924   -4.899  1.00 29.90 ? 38  DC  D "C3'" 1 
ATOM   760 O "O3'" . DC  D 1 8  ? -14.488 9.770   -5.746  1.00 34.07 ? 38  DC  D "O3'" 1 
ATOM   761 C "C2'" . DC  D 1 8  ? -14.344 7.543   -4.940  1.00 27.60 ? 38  DC  D "C2'" 1 
ATOM   762 C "C1'" . DC  D 1 8  ? -13.164 6.595   -4.764  1.00 27.75 ? 38  DC  D "C1'" 1 
ATOM   763 N N1    . DC  D 1 8  ? -13.038 6.284   -3.334  1.00 25.93 ? 38  DC  D N1    1 
ATOM   764 C C2    . DC  D 1 8  ? -13.806 5.262   -2.798  1.00 27.51 ? 38  DC  D C2    1 
ATOM   765 O O2    . DC  D 1 8  ? -14.544 4.613   -3.546  1.00 33.14 ? 38  DC  D O2    1 
ATOM   766 N N3    . DC  D 1 8  ? -13.731 5.004   -1.472  1.00 31.27 ? 38  DC  D N3    1 
ATOM   767 C C4    . DC  D 1 8  ? -12.923 5.728   -0.692  1.00 28.96 ? 38  DC  D C4    1 
ATOM   768 N N4    . DC  D 1 8  ? -12.897 5.443   0.612   1.00 25.08 ? 38  DC  D N4    1 
ATOM   769 C C5    . DC  D 1 8  ? -12.113 6.772   -1.217  1.00 26.44 ? 38  DC  D C5    1 
ATOM   770 C C6    . DC  D 1 8  ? -12.199 7.011   -2.533  1.00 31.01 ? 38  DC  D C6    1 
ATOM   771 P P     . DC  D 1 9  ? -15.465 10.860  -5.079  1.00 32.12 ? 39  DC  D P     1 
ATOM   772 O OP1   . DC  D 1 9  ? -15.763 11.926  -6.065  1.00 40.30 ? 39  DC  D OP1   1 
ATOM   773 O OP2   . DC  D 1 9  ? -14.878 11.222  -3.767  1.00 36.96 ? 39  DC  D OP2   1 
ATOM   774 O "O5'" . DC  D 1 9  ? -16.792 10.027  -4.814  1.00 35.51 ? 39  DC  D "O5'" 1 
ATOM   775 C "C5'" . DC  D 1 9  ? -17.231 9.080   -5.778  1.00 29.60 ? 39  DC  D "C5'" 1 
ATOM   776 C "C4'" . DC  D 1 9  ? -18.369 8.252   -5.236  1.00 25.34 ? 39  DC  D "C4'" 1 
ATOM   777 O "O4'" . DC  D 1 9  ? -17.808 7.256   -4.355  1.00 25.38 ? 39  DC  D "O4'" 1 
ATOM   778 C "C3'" . DC  D 1 9  ? -19.364 9.029   -4.377  1.00 30.88 ? 39  DC  D "C3'" 1 
ATOM   779 O "O3'" . DC  D 1 9  ? -20.533 9.348   -5.137  1.00 39.10 ? 39  DC  D "O3'" 1 
ATOM   780 C "C2'" . DC  D 1 9  ? -19.851 7.980   -3.395  1.00 27.25 ? 39  DC  D "C2'" 1 
ATOM   781 C "C1'" . DC  D 1 9  ? -18.709 6.993   -3.284  1.00 26.54 ? 39  DC  D "C1'" 1 
ATOM   782 N N1    . DC  D 1 9  ? -17.985 7.124   -2.017  1.00 21.27 ? 39  DC  D N1    1 
ATOM   783 C C2    . DC  D 1 9  ? -18.456 6.421   -0.929  1.00 16.63 ? 39  DC  D C2    1 
ATOM   784 O O2    . DC  D 1 9  ? -19.460 5.712   -1.074  1.00 16.72 ? 39  DC  D O2    1 
ATOM   785 N N3    . DC  D 1 9  ? -17.820 6.525   0.251   1.00 18.35 ? 39  DC  D N3    1 
ATOM   786 C C4    . DC  D 1 9  ? -16.749 7.305   0.365   1.00 20.49 ? 39  DC  D C4    1 
ATOM   787 N N4    . DC  D 1 9  ? -16.155 7.378   1.562   1.00 27.48 ? 39  DC  D N4    1 
ATOM   788 C C5    . DC  D 1 9  ? -16.239 8.044   -0.737  1.00 18.64 ? 39  DC  D C5    1 
ATOM   789 C C6    . DC  D 1 9  ? -16.881 7.924   -1.902  1.00 23.60 ? 39  DC  D C6    1 
ATOM   790 P P     . DC  D 1 10 ? -21.608 10.396  -4.551  1.00 34.64 ? 40  DC  D P     1 
ATOM   791 O OP1   . DC  D 1 10 ? -22.502 10.788  -5.663  1.00 39.57 ? 40  DC  D OP1   1 
ATOM   792 O OP2   . DC  D 1 10 ? -20.899 11.449  -3.780  1.00 24.89 ? 40  DC  D OP2   1 
ATOM   793 O "O5'" . DC  D 1 10 ? -22.451 9.523   -3.521  1.00 35.30 ? 40  DC  D "O5'" 1 
ATOM   794 C "C5'" . DC  D 1 10 ? -22.841 8.183   -3.836  1.00 36.15 ? 40  DC  D "C5'" 1 
ATOM   795 C "C4'" . DC  D 1 10 ? -23.690 7.620   -2.721  1.00 40.77 ? 40  DC  D "C4'" 1 
ATOM   796 O "O4'" . DC  D 1 10 ? -22.832 7.031   -1.722  1.00 39.69 ? 40  DC  D "O4'" 1 
ATOM   797 C "C3'" . DC  D 1 10 ? -24.462 8.700   -1.974  1.00 44.10 ? 40  DC  D "C3'" 1 
ATOM   798 O "O3'" . DC  D 1 10 ? -25.692 9.015   -2.625  1.00 55.44 ? 40  DC  D "O3'" 1 
ATOM   799 C "C2'" . DC  D 1 10 ? -24.612 8.130   -0.579  1.00 42.89 ? 40  DC  D "C2'" 1 
ATOM   800 C "C1'" . DC  D 1 10 ? -23.391 7.225   -0.423  1.00 37.71 ? 40  DC  D "C1'" 1 
ATOM   801 N N1    . DC  D 1 10 ? -22.329 7.769   0.443   1.00 34.26 ? 40  DC  D N1    1 
ATOM   802 C C2    . DC  D 1 10 ? -22.295 7.404   1.802   1.00 32.59 ? 40  DC  D C2    1 
ATOM   803 O O2    . DC  D 1 10 ? -23.178 6.651   2.251   1.00 40.03 ? 40  DC  D O2    1 
ATOM   804 N N3    . DC  D 1 10 ? -21.306 7.882   2.586   1.00 31.38 ? 40  DC  D N3    1 
ATOM   805 C C4    . DC  D 1 10 ? -20.372 8.691   2.069   1.00 29.64 ? 40  DC  D C4    1 
ATOM   806 N N4    . DC  D 1 10 ? -19.397 9.126   2.876   1.00 21.77 ? 40  DC  D N4    1 
ATOM   807 C C5    . DC  D 1 10 ? -20.391 9.086   0.699   1.00 30.90 ? 40  DC  D C5    1 
ATOM   808 C C6    . DC  D 1 10 ? -21.379 8.608   -0.068  1.00 32.93 ? 40  DC  D C6    1 
HETATM 809 O O     . HOH E 2 .  ? 9.272   6.899   2.423   1.00 52.53 ? 41  HOH A O     1 
HETATM 810 O O     . HOH E 2 .  ? 2.671   0.471   5.296   1.00 24.43 ? 50  HOH A O     1 
HETATM 811 O O     . HOH E 2 .  ? 17.126  7.044   -14.469 1.00 24.93 ? 51  HOH A O     1 
HETATM 812 O O     . HOH E 2 .  ? 22.227  1.246   3.534   1.00 28.44 ? 65  HOH A O     1 
HETATM 813 O O     . HOH E 2 .  ? 13.863  6.874   10.990  1.00 27.10 ? 67  HOH A O     1 
HETATM 814 O O     . HOH E 2 .  ? 19.381  -0.178  2.028   1.00 24.24 ? 77  HOH A O     1 
HETATM 815 O O     . HOH E 2 .  ? 3.741   0.502   -4.094  1.00 49.82 ? 80  HOH A O     1 
HETATM 816 O O     . HOH E 2 .  ? 12.292  5.003   -0.102  1.00 40.66 ? 81  HOH A O     1 
HETATM 817 O O     . HOH E 2 .  ? 0.283   -8.235  -7.107  1.00 41.11 ? 97  HOH A O     1 
HETATM 818 O O     . HOH E 2 .  ? 5.586   2.332   -2.417  1.00 68.69 ? 98  HOH A O     1 
HETATM 819 O O     . HOH E 2 .  ? 21.851  10.126  -6.519  1.00 53.40 ? 101 HOH A O     1 
HETATM 820 O O     . HOH E 2 .  ? 7.415   5.815   -0.639  1.00 51.80 ? 109 HOH A O     1 
HETATM 821 O O     . HOH E 2 .  ? 5.800   -7.021  -4.858  1.00 75.81 ? 110 HOH A O     1 
HETATM 822 O O     . HOH E 2 .  ? 3.332   -5.052  -8.165  1.00 52.05 ? 115 HOH A O     1 
HETATM 823 O O     . HOH E 2 .  ? 19.259  12.940  -7.344  1.00 65.20 ? 116 HOH A O     1 
HETATM 824 O O     . HOH E 2 .  ? 10.018  2.524   -1.082  1.00 59.13 ? 121 HOH A O     1 
HETATM 825 O O     . HOH E 2 .  ? 14.915  7.443   0.276   1.00 29.46 ? 126 HOH A O     1 
HETATM 826 O O     . HOH E 2 .  ? 9.390   4.199   1.449   1.00 34.56 ? 127 HOH A O     1 
HETATM 827 O O     . HOH E 2 .  ? 6.830   8.829   4.541   1.00 45.88 ? 128 HOH A O     1 
HETATM 828 O O     . HOH E 2 .  ? 21.823  11.809  -9.389  1.00 35.39 ? 129 HOH A O     1 
HETATM 829 O O     . HOH E 2 .  ? 3.535   -4.079  -4.136  1.00 45.84 ? 131 HOH A O     1 
HETATM 830 O O     . HOH E 2 .  ? 25.122  9.958   -4.394  1.00 53.33 ? 132 HOH A O     1 
HETATM 831 O O     . HOH E 2 .  ? 23.292  9.031   2.447   1.00 36.61 ? 136 HOH A O     1 
HETATM 832 O O     . HOH E 2 .  ? 2.259   -1.033  -9.804  1.00 50.08 ? 144 HOH A O     1 
HETATM 833 O O     . HOH E 2 .  ? 3.126   -2.694  -6.846  1.00 52.02 ? 145 HOH A O     1 
HETATM 834 O O     . HOH E 2 .  ? 10.683  8.454   9.638   1.00 54.25 ? 155 HOH A O     1 
HETATM 835 O O     . HOH F 2 .  ? 6.401   -8.088  1.721   1.00 36.19 ? 46  HOH B O     1 
HETATM 836 O O     . HOH F 2 .  ? 1.101   -2.109  6.803   1.00 30.86 ? 48  HOH B O     1 
HETATM 837 O O     . HOH F 2 .  ? 3.083   -0.684  8.215   1.00 43.54 ? 49  HOH B O     1 
HETATM 838 O O     . HOH F 2 .  ? 3.884   -9.001  6.174   1.00 22.63 ? 52  HOH B O     1 
HETATM 839 O O     . HOH F 2 .  ? 14.232  -7.513  -9.853  1.00 50.35 ? 53  HOH B O     1 
HETATM 840 O O     . HOH F 2 .  ? 16.598  -4.966  -12.549 1.00 35.91 ? 54  HOH B O     1 
HETATM 841 O O     . HOH F 2 .  ? 0.078   16.191  -10.862 1.00 41.17 ? 66  HOH B O     1 
HETATM 842 O O     . HOH F 2 .  ? 6.651   -0.870  -10.425 1.00 53.76 ? 68  HOH B O     1 
HETATM 843 O O     . HOH F 2 .  ? 12.367  6.055   -4.768  1.00 35.65 ? 69  HOH B O     1 
HETATM 844 O O     . HOH F 2 .  ? 10.403  9.405   -6.329  1.00 42.91 ? 70  HOH B O     1 
HETATM 845 O O     . HOH F 2 .  ? 12.837  -6.790  -2.897  1.00 23.86 ? 71  HOH B O     1 
HETATM 846 O O     . HOH F 2 .  ? 17.697  -7.629  -8.708  1.00 38.81 ? 76  HOH B O     1 
HETATM 847 O O     . HOH F 2 .  ? 15.573  5.738   -12.726 1.00 26.69 ? 79  HOH B O     1 
HETATM 848 O O     . HOH F 2 .  ? 9.324   4.204   -8.679  1.00 43.56 ? 82  HOH B O     1 
HETATM 849 O O     . HOH F 2 .  ? 13.167  10.106  -5.038  1.00 28.38 ? 84  HOH B O     1 
HETATM 850 O O     . HOH F 2 .  ? 8.521   -9.434  4.992   1.00 53.76 ? 89  HOH B O     1 
HETATM 851 O O     . HOH F 2 .  ? 8.390   8.453   -8.675  1.00 30.06 ? 91  HOH B O     1 
HETATM 852 O O     . HOH F 2 .  ? 19.292  -2.966  1.581   1.00 41.46 ? 94  HOH B O     1 
HETATM 853 O O     . HOH F 2 .  ? 5.697   -10.001 11.881  1.00 38.87 ? 96  HOH B O     1 
HETATM 854 O O     . HOH F 2 .  ? 9.474   -6.795  -0.907  1.00 45.97 ? 99  HOH B O     1 
HETATM 855 O O     . HOH F 2 .  ? 4.522   3.886   -7.938  1.00 66.10 ? 108 HOH B O     1 
HETATM 856 O O     . HOH F 2 .  ? 17.197  -13.581 -9.264  1.00 57.80 ? 113 HOH B O     1 
HETATM 857 O O     . HOH F 2 .  ? 10.182  -12.159 6.639   1.00 52.07 ? 114 HOH B O     1 
HETATM 858 O O     . HOH F 2 .  ? 7.295   3.436   -14.603 1.00 41.19 ? 117 HOH B O     1 
HETATM 859 O O     . HOH F 2 .  ? 5.804   2.446   -10.254 1.00 34.02 ? 119 HOH B O     1 
HETATM 860 O O     . HOH F 2 .  ? 10.853  7.609   -2.513  1.00 96.04 ? 120 HOH B O     1 
HETATM 861 O O     . HOH F 2 .  ? 19.239  -10.085 -7.205  1.00 51.06 ? 124 HOH B O     1 
HETATM 862 O O     . HOH F 2 .  ? 14.989  -10.444 -7.371  1.00 76.77 ? 125 HOH B O     1 
HETATM 863 O O     . HOH F 2 .  ? 3.657   16.657  -9.789  1.00 36.05 ? 133 HOH B O     1 
HETATM 864 O O     . HOH F 2 .  ? 2.464   13.929  -10.440 1.00 42.26 ? 134 HOH B O     1 
HETATM 865 O O     . HOH F 2 .  ? 3.405   15.285  -7.126  1.00 42.74 ? 141 HOH B O     1 
HETATM 866 O O     . HOH F 2 .  ? 6.535   -0.648  -7.619  1.00 35.62 ? 143 HOH B O     1 
HETATM 867 O O     . HOH F 2 .  ? 9.971   -9.434  -4.297  1.00 39.00 ? 152 HOH B O     1 
HETATM 868 O O     . HOH G 2 .  ? -9.484  -8.423  -4.257  1.00 35.84 ? 43  HOH C O     1 
HETATM 869 O O     . HOH G 2 .  ? 0.618   -17.442 11.686  1.00 26.94 ? 47  HOH C O     1 
HETATM 870 O O     . HOH G 2 .  ? -3.490  -10.586 11.809  1.00 40.08 ? 56  HOH C O     1 
HETATM 871 O O     . HOH G 2 .  ? 0.533   -16.575 14.627  1.00 23.94 ? 57  HOH C O     1 
HETATM 872 O O     . HOH G 2 .  ? -13.353 -6.393  -11.010 1.00 45.66 ? 59  HOH C O     1 
HETATM 873 O O     . HOH G 2 .  ? -2.079  -14.703 5.161   1.00 30.27 ? 60  HOH C O     1 
HETATM 874 O O     . HOH G 2 .  ? -13.582 0.732   1.955   1.00 31.45 ? 64  HOH C O     1 
HETATM 875 O O     . HOH G 2 .  ? -17.043 4.673   8.346   1.00 72.10 ? 73  HOH C O     1 
HETATM 876 O O     . HOH G 2 .  ? -22.748 -0.101  13.962  1.00 34.85 ? 83  HOH C O     1 
HETATM 877 O O     . HOH G 2 .  ? -11.561 -5.550  -1.808  1.00 35.43 ? 85  HOH C O     1 
HETATM 878 O O     . HOH G 2 .  ? -4.153  -12.715 0.963   1.00 38.22 ? 92  HOH C O     1 
HETATM 879 O O     . HOH G 2 .  ? -16.129 -4.474  -2.415  1.00 32.18 ? 93  HOH C O     1 
HETATM 880 O O     . HOH G 2 .  ? -8.023  -13.098 2.594   1.00 89.11 ? 100 HOH C O     1 
HETATM 881 O O     . HOH G 2 .  ? -13.549 -6.720  -3.512  1.00 38.87 ? 102 HOH C O     1 
HETATM 882 O O     . HOH G 2 .  ? -16.166 -3.834  1.364   1.00 48.80 ? 112 HOH C O     1 
HETATM 883 O O     . HOH G 2 .  ? -16.469 -1.010  2.329   1.00 47.67 ? 118 HOH C O     1 
HETATM 884 O O     . HOH G 2 .  ? -15.148 6.862   10.793  1.00 39.35 ? 122 HOH C O     1 
HETATM 885 O O     . HOH G 2 .  ? -16.420 8.953   7.127   1.00 83.73 ? 123 HOH C O     1 
HETATM 886 O O     . HOH G 2 .  ? -15.917 9.787   10.185  1.00 41.86 ? 130 HOH C O     1 
HETATM 887 O O     . HOH G 2 .  ? -11.279 -11.314 -3.293  1.00 60.06 ? 137 HOH C O     1 
HETATM 888 O O     . HOH G 2 .  ? -8.518  -10.830 -0.713  1.00 90.72 ? 138 HOH C O     1 
HETATM 889 O O     . HOH G 2 .  ? -18.209 -7.237  -1.979  1.00 41.09 ? 150 HOH C O     1 
HETATM 890 O O     . HOH G 2 .  ? -16.351 -2.518  9.073   1.00 71.26 ? 151 HOH C O     1 
HETATM 891 O O     . HOH G 2 .  ? -16.103 -8.115  -6.338  1.00 70.66 ? 156 HOH C O     1 
HETATM 892 O O     . HOH H 2 .  ? -9.591  1.976   -7.123  1.00 32.11 ? 42  HOH D O     1 
HETATM 893 O O     . HOH H 2 .  ? -12.192 -6.773  4.449   1.00 62.99 ? 44  HOH D O     1 
HETATM 894 O O     . HOH H 2 .  ? -4.140  7.860   3.669   1.00 44.41 ? 45  HOH D O     1 
HETATM 895 O O     . HOH H 2 .  ? -5.245  -7.948  10.674  1.00 35.67 ? 55  HOH D O     1 
HETATM 896 O O     . HOH H 2 .  ? -8.807  2.239   3.899   1.00 27.41 ? 58  HOH D O     1 
HETATM 897 O O     . HOH H 2 .  ? -23.079 8.522   -8.161  1.00 33.80 ? 61  HOH D O     1 
HETATM 898 O O     . HOH H 2 .  ? -6.456  11.246  0.016   1.00 54.29 ? 62  HOH D O     1 
HETATM 899 O O     . HOH H 2 .  ? -9.423  10.286  2.511   1.00 32.07 ? 63  HOH D O     1 
HETATM 900 O O     . HOH H 2 .  ? -10.701 -3.976  1.714   1.00 35.49 ? 72  HOH D O     1 
HETATM 901 O O     . HOH H 2 .  ? -23.713 9.883   3.343   1.00 40.78 ? 74  HOH D O     1 
HETATM 902 O O     . HOH H 2 .  ? -10.556 6.402   2.330   1.00 44.93 ? 75  HOH D O     1 
HETATM 903 O O     . HOH H 2 .  ? -14.006 -17.684 5.005   1.00 47.08 ? 78  HOH D O     1 
HETATM 904 O O     . HOH H 2 .  ? -6.558  6.500   2.011   1.00 30.38 ? 86  HOH D O     1 
HETATM 905 O O     . HOH H 2 .  ? -0.348  7.212   5.847   1.00 37.15 ? 87  HOH D O     1 
HETATM 906 O O     . HOH H 2 .  ? -9.771  -1.223  -8.522  1.00 48.13 ? 88  HOH D O     1 
HETATM 907 O O     . HOH H 2 .  ? -5.044  0.297   -4.832  1.00 31.79 ? 90  HOH D O     1 
HETATM 908 O O     . HOH H 2 .  ? -13.341 -5.123  8.015   1.00 45.20 ? 95  HOH D O     1 
HETATM 909 O O     . HOH H 2 .  ? -5.845  1.531   11.812  1.00 31.29 ? 103 HOH D O     1 
HETATM 910 O O     . HOH H 2 .  ? 1.324   2.893   10.947  1.00 64.09 ? 104 HOH D O     1 
HETATM 911 O O     . HOH H 2 .  ? 1.140   3.928   6.238   1.00 38.12 ? 105 HOH D O     1 
HETATM 912 O O     . HOH H 2 .  ? -17.474 11.780  -0.110  1.00 43.13 ? 106 HOH D O     1 
HETATM 913 O O     . HOH H 2 .  ? -4.931  12.299  4.047   1.00 50.21 ? 107 HOH D O     1 
HETATM 914 O O     . HOH H 2 .  ? -9.728  -1.185  5.766   1.00 32.19 ? 111 HOH D O     1 
HETATM 915 O O     . HOH H 2 .  ? -1.320  1.773   11.611  1.00 43.75 ? 135 HOH D O     1 
HETATM 916 O O     . HOH H 2 .  ? -23.162 13.964  -4.288  1.00 26.90 ? 139 HOH D O     1 
HETATM 917 O O     . HOH H 2 .  ? -17.499 -5.267  11.915  1.00 45.68 ? 140 HOH D O     1 
HETATM 918 O O     . HOH H 2 .  ? -2.811  11.203  2.016   1.00 54.74 ? 142 HOH D O     1 
HETATM 919 O O     . HOH H 2 .  ? -7.273  8.679   3.604   1.00 55.11 ? 146 HOH D O     1 
HETATM 920 O O     . HOH H 2 .  ? -10.286 8.917   6.074   1.00 53.88 ? 147 HOH D O     1 
HETATM 921 O O     . HOH H 2 .  ? -10.306 -0.487  14.967  1.00 79.82 ? 148 HOH D O     1 
HETATM 922 O O     . HOH H 2 .  ? -13.412 -2.034  10.823  1.00 52.63 ? 149 HOH D O     1 
HETATM 923 O O     . HOH H 2 .  ? -20.123 11.760  -1.239  1.00 59.13 ? 153 HOH D O     1 
HETATM 924 O O     . HOH H 2 .  ? -2.304  10.095  5.837   1.00 50.12 ? 154 HOH D O     1 
# 
